data_3Q23
#
_entry.id   3Q23
#
_cell.length_a   82.834
_cell.length_b   111.861
_cell.length_c   276.093
_cell.angle_alpha   90.00
_cell.angle_beta   90.00
_cell.angle_gamma   90.00
#
_symmetry.space_group_name_H-M   'P 21 21 21'
#
loop_
_entity.id
_entity.type
_entity.pdbx_description
1 polymer 'Virion RNA polymerase'
2 polymer "DNA (5'-D(*TP*GP*CP*CP*TP*CP*CP*CP*AP*GP*GP*CP*AP*TP*CP*CP*AP*AP*AP*AP*GP*AP*AP*GP*CP*GP*GP*AP*GP*CP*TP*TP*CP*TP*TP*C)-3')"
3 non-polymer 'PHOSPHOMETHYLPHOSPHONIC ACID GUANYLATE ESTER'
4 non-polymer 'MANGANESE (II) ION'
5 non-polymer 'DIHYDROGENPHOSPHATE ION'
6 water water
#
loop_
_entity_poly.entity_id
_entity_poly.type
_entity_poly.pdbx_seq_one_letter_code
_entity_poly.pdbx_strand_id
1 'polypeptide(L)'
;MGGSHHHHHHRSESTVTEELKEGIDAVYPSLVGTADSKAEGIKNYFKLSFTLPEEQKSRTVGSEAPLKDVAQALSSRARY
ELFTEKETANPAFNGEVIKRYKELMEHGEGIADILRSRLAKFLNTKDVGKRFAQGTEANRWVGGKLLNIVEQDGDTFKYN
EQLLQTAVLAGLQWRLTATSNTAIKDAKDVAAITGIDQALLPEGLVEQFDTGMTLTEAVSSLAQKIESYWGLSRNPNAPL
GYTKGIPTAMAAEILAAFVESTDVVENIVDMSEIDPDNKKTIGLYTITELDSFDPINSFPTAIEEAVLVNPTEKMFFGDD
IPPVANTQLRNPAVRNTPEQKAALKAEQATEFYVHTPMVQFYETLGKDRILELMGAGTLNKELLNDNHAKSLEGKNRSVE
DSYNQLFSVIEQVRAQSEDISTVPIHYAYNMTRVGRMQMLGKYNPQSAKLVREAILPTKATLDLSNQNNEDFSAFQLGLA
QALDIKVHTMTREVMSDELTKLLEGNLKPAIDMMVEFNTTGSLPENAVDVLNTALGDRKSFVALMALMEYSRYLVAEDKS
AFVTPLYVEADGVTNGPINAMMLMTGGLFTPDWIRNIAKGGLFIGSPNKTMNEHRSTADNNDLYQASTNALMESLGKLRS
NYASNMPIQSQIDSLLSLMDLFLPDINLGENGALELKRGIAKNPLTITIYGSGARGIAGKLVSSVTDAIYERMSDVLKAR
AKDPNISAAMAMFGKQAASEAHAEELLARFLKDMETLTSTVPVKRKGVLELQSTGTGAKGKINPKTYTIKGEQLKALQEN
MLHFFVEPLRNGITQTVGESLVYSTEQLQKATQIQSVVLEDMFKQRVQEKLAEKAKDPTWKKGDFLTQKELNDIQASLNN
LAPMIETGSQTFYIAGSENAEVANQVLATNLDDRMRVPMSIYAPAQAGVAGIPFMTIGTGDGMMMQTLSTMKGAPKNTLK
IFDGMNIGLNDITDASRKANEAVYTSWQGNPIKNVYESYAKFMKNVDFSKLSPEALEAIGKSALEYDQRENATVDDIANA
ASLIERNLRNIALGVDIRHKVLDKVNLSIDQMAAVGAPYQNNGKIDLSNMTPEQQADELNKLFREELEARKQKVAKAR
;
A,B
2 'polydeoxyribonucleotide'
;(DT)(DG)(DC)(DC)(DT)(DC)(DC)(DC)(DA)(DG)(DG)(DC)(DA)(DT)(DC)(DC)(DA)(DA)(DA)(DA)
(DG)(DA)(DA)(DG)(DC)(DG)(DG)(DA)(DG)(DC)(DT)(DT)(DC)(DT)(DT)(DC)
;
C,D
#
# COMPACT_ATOMS: atom_id res chain seq x y z
N GLU A 18 -13.84 -34.56 39.75
CA GLU A 18 -13.74 -33.08 39.91
C GLU A 18 -12.39 -32.67 40.51
N GLU A 19 -11.32 -33.02 39.79
CA GLU A 19 -9.96 -32.62 40.13
C GLU A 19 -9.59 -31.42 39.26
N LEU A 20 -10.63 -30.77 38.73
CA LEU A 20 -10.50 -29.66 37.80
C LEU A 20 -10.03 -28.37 38.48
N LYS A 21 -10.29 -28.25 39.77
CA LYS A 21 -9.84 -27.12 40.57
C LYS A 21 -8.32 -27.14 40.74
N GLU A 22 -7.79 -28.29 41.14
CA GLU A 22 -6.35 -28.49 41.30
C GLU A 22 -5.61 -28.29 39.98
N GLY A 23 -6.19 -28.83 38.89
CA GLY A 23 -5.59 -28.75 37.57
C GLY A 23 -5.32 -27.33 37.10
N ILE A 24 -6.36 -26.52 37.04
CA ILE A 24 -6.24 -25.14 36.56
C ILE A 24 -5.43 -24.25 37.52
N ASP A 25 -5.43 -24.59 38.80
CA ASP A 25 -4.61 -23.88 39.79
C ASP A 25 -3.12 -24.17 39.59
N ALA A 26 -2.81 -25.41 39.21
CA ALA A 26 -1.42 -25.80 38.89
C ALA A 26 -0.86 -24.99 37.72
N VAL A 27 -1.73 -24.66 36.76
CA VAL A 27 -1.34 -23.91 35.57
C VAL A 27 -1.29 -22.39 35.86
N TYR A 28 -2.21 -21.89 36.66
CA TYR A 28 -2.26 -20.47 37.00
C TYR A 28 -2.22 -20.20 38.51
N PRO A 29 -1.09 -20.53 39.17
CA PRO A 29 -1.05 -20.50 40.64
C PRO A 29 -0.96 -19.10 41.24
N SER A 30 -0.53 -18.12 40.47
CA SER A 30 -0.26 -16.78 41.00
C SER A 30 -1.31 -15.72 40.68
N LEU A 31 -2.39 -16.13 40.02
CA LEU A 31 -3.51 -15.22 39.77
C LEU A 31 -4.08 -14.74 41.10
N VAL A 32 -4.48 -13.47 41.14
CA VAL A 32 -4.96 -12.83 42.37
C VAL A 32 -6.30 -13.42 42.83
N GLY A 33 -6.39 -13.74 44.11
CA GLY A 33 -7.64 -14.18 44.69
C GLY A 33 -7.74 -15.68 44.92
N THR A 34 -8.89 -16.09 45.45
CA THR A 34 -9.15 -17.49 45.78
C THR A 34 -10.19 -18.07 44.83
N ALA A 35 -9.87 -19.24 44.27
CA ALA A 35 -10.81 -19.96 43.40
C ALA A 35 -11.88 -20.67 44.23
N ASP A 36 -12.67 -19.87 44.96
CA ASP A 36 -13.73 -20.36 45.83
C ASP A 36 -14.83 -19.31 45.82
N SER A 37 -15.96 -19.64 45.21
CA SER A 37 -17.07 -18.69 45.05
C SER A 37 -17.61 -18.22 46.40
N LYS A 38 -17.34 -19.00 47.44
CA LYS A 38 -17.84 -18.75 48.78
C LYS A 38 -16.86 -17.97 49.67
N ALA A 39 -15.62 -17.81 49.21
CA ALA A 39 -14.58 -17.08 49.95
C ALA A 39 -14.98 -15.64 50.25
N GLU A 40 -14.39 -15.07 51.31
CA GLU A 40 -14.78 -13.73 51.77
C GLU A 40 -14.06 -12.57 51.06
N GLY A 41 -12.77 -12.76 50.77
CA GLY A 41 -11.99 -11.73 50.10
C GLY A 41 -12.12 -11.75 48.59
N ILE A 42 -11.05 -11.36 47.90
CA ILE A 42 -11.02 -11.39 46.44
C ILE A 42 -11.11 -12.82 45.93
N LYS A 43 -12.04 -13.06 45.02
CA LYS A 43 -12.26 -14.37 44.43
C LYS A 43 -11.80 -14.37 42.97
N ASN A 44 -11.06 -15.39 42.56
CA ASN A 44 -10.60 -15.44 41.17
C ASN A 44 -11.59 -16.13 40.23
N TYR A 45 -12.25 -15.31 39.42
CA TYR A 45 -13.31 -15.79 38.53
C TYR A 45 -12.81 -16.40 37.23
N PHE A 46 -11.52 -16.25 36.93
CA PHE A 46 -10.94 -16.97 35.80
C PHE A 46 -10.85 -18.46 36.14
N LYS A 47 -10.26 -18.76 37.29
CA LYS A 47 -10.11 -20.14 37.71
C LYS A 47 -11.45 -20.79 38.09
N LEU A 48 -12.41 -19.97 38.52
CA LEU A 48 -13.76 -20.44 38.81
C LEU A 48 -14.58 -20.69 37.55
N SER A 49 -14.19 -20.03 36.46
CA SER A 49 -14.95 -20.07 35.20
C SER A 49 -14.47 -21.08 34.17
N PHE A 50 -13.19 -21.44 34.22
CA PHE A 50 -12.60 -22.31 33.19
C PHE A 50 -11.94 -23.56 33.77
N THR A 51 -11.82 -24.59 32.93
CA THR A 51 -11.14 -25.84 33.30
C THR A 51 -10.23 -26.28 32.15
N LEU A 52 -9.20 -27.06 32.47
CA LEU A 52 -8.35 -27.68 31.45
C LEU A 52 -9.16 -28.72 30.69
N PRO A 53 -9.01 -28.76 29.35
CA PRO A 53 -9.73 -29.76 28.56
C PRO A 53 -9.11 -31.13 28.70
N GLU A 54 -9.89 -32.18 28.46
CA GLU A 54 -9.37 -33.54 28.50
C GLU A 54 -8.32 -33.78 27.42
N GLU A 55 -8.53 -33.17 26.26
CA GLU A 55 -7.59 -33.25 25.15
C GLU A 55 -7.15 -31.84 24.75
N GLN A 56 -5.83 -31.65 24.61
CA GLN A 56 -5.24 -30.36 24.27
C GLN A 56 -5.92 -29.69 23.08
N LYS A 57 -6.32 -28.43 23.26
CA LYS A 57 -6.93 -27.63 22.20
C LYS A 57 -5.96 -26.59 21.66
N SER A 58 -5.16 -26.03 22.56
CA SER A 58 -4.17 -25.00 22.22
C SER A 58 -2.78 -25.37 22.70
N ARG A 59 -1.80 -25.18 21.82
CA ARG A 59 -0.40 -25.49 22.11
C ARG A 59 0.30 -24.42 22.96
N THR A 60 -0.42 -23.36 23.34
CA THR A 60 0.14 -22.30 24.19
C THR A 60 -0.19 -22.50 25.68
N VAL A 61 -1.05 -23.45 25.99
CA VAL A 61 -1.39 -23.77 27.37
C VAL A 61 -0.15 -24.35 28.05
N GLY A 62 0.27 -23.72 29.14
CA GLY A 62 1.46 -24.15 29.88
C GLY A 62 2.72 -23.37 29.51
N SER A 63 2.64 -22.59 28.43
CA SER A 63 3.78 -21.81 27.95
C SER A 63 4.01 -20.55 28.79
N GLU A 64 5.24 -20.40 29.26
CA GLU A 64 5.65 -19.23 30.05
C GLU A 64 5.65 -17.94 29.22
N ALA A 65 5.96 -18.05 27.93
CA ALA A 65 6.01 -16.90 27.04
C ALA A 65 5.50 -17.28 25.64
N PRO A 66 4.16 -17.32 25.46
CA PRO A 66 3.55 -17.71 24.19
C PRO A 66 4.07 -16.95 22.97
N LEU A 67 4.25 -15.64 23.08
CA LEU A 67 4.76 -14.84 21.97
C LEU A 67 6.17 -15.27 21.55
N LYS A 68 7.03 -15.50 22.53
CA LYS A 68 8.38 -15.99 22.27
C LYS A 68 8.34 -17.40 21.65
N ASP A 69 7.54 -18.29 22.26
CA ASP A 69 7.44 -19.68 21.80
C ASP A 69 6.90 -19.80 20.37
N VAL A 70 5.83 -19.06 20.08
CA VAL A 70 5.23 -19.09 18.75
C VAL A 70 6.13 -18.39 17.70
N ALA A 71 6.76 -17.28 18.09
CA ALA A 71 7.74 -16.62 17.21
C ALA A 71 8.86 -17.57 16.80
N GLN A 72 9.37 -18.36 17.75
CA GLN A 72 10.40 -19.36 17.46
C GLN A 72 9.86 -20.42 16.50
N ALA A 73 8.64 -20.88 16.75
CA ALA A 73 7.99 -21.88 15.91
C ALA A 73 7.85 -21.38 14.47
N LEU A 74 7.52 -20.10 14.32
CA LEU A 74 7.37 -19.47 13.02
C LEU A 74 8.71 -19.11 12.37
N SER A 75 9.81 -19.22 13.11
CA SER A 75 11.11 -18.72 12.61
C SER A 75 11.73 -19.59 11.51
N SER A 76 11.32 -20.85 11.42
CA SER A 76 11.75 -21.73 10.32
C SER A 76 10.77 -22.86 10.08
N ARG A 77 10.83 -23.44 8.89
CA ARG A 77 9.99 -24.59 8.54
C ARG A 77 10.21 -25.75 9.52
N ALA A 78 11.48 -26.05 9.81
CA ALA A 78 11.83 -27.13 10.73
C ALA A 78 11.23 -26.92 12.12
N ARG A 79 11.36 -25.71 12.64
CA ARG A 79 10.81 -25.37 13.95
C ARG A 79 9.28 -25.38 13.97
N TYR A 80 8.68 -24.99 12.85
CA TYR A 80 7.22 -25.01 12.69
C TYR A 80 6.69 -26.45 12.73
N GLU A 81 7.37 -27.34 12.00
CA GLU A 81 7.00 -28.75 11.93
C GLU A 81 7.12 -29.45 13.28
N LEU A 82 8.15 -29.08 14.04
CA LEU A 82 8.39 -29.64 15.36
C LEU A 82 7.37 -29.15 16.40
N PHE A 83 7.08 -27.85 16.37
CA PHE A 83 6.09 -27.25 17.26
C PHE A 83 4.69 -27.81 17.02
N THR A 84 4.34 -28.00 15.75
CA THR A 84 3.02 -28.54 15.38
C THR A 84 2.96 -30.06 15.38
N GLU A 85 4.10 -30.69 15.68
CA GLU A 85 4.24 -32.16 15.72
C GLU A 85 3.76 -32.83 14.43
N LYS A 86 4.04 -32.17 13.30
CA LYS A 86 3.67 -32.69 11.98
C LYS A 86 4.92 -32.82 11.12
N GLU A 87 4.85 -33.71 10.14
CA GLU A 87 6.01 -34.03 9.30
C GLU A 87 6.37 -32.93 8.28
N THR A 88 5.36 -32.29 7.69
CA THR A 88 5.62 -31.24 6.69
C THR A 88 4.64 -30.05 6.69
N ALA A 89 5.18 -28.84 6.74
CA ALA A 89 4.38 -27.62 6.79
C ALA A 89 3.85 -27.22 5.43
N ASN A 90 2.78 -26.42 5.42
CA ASN A 90 2.25 -25.81 4.21
C ASN A 90 3.41 -25.21 3.39
N PRO A 91 3.60 -25.66 2.15
CA PRO A 91 4.67 -25.12 1.31
C PRO A 91 4.64 -23.60 1.05
N ALA A 92 3.50 -22.96 1.32
CA ALA A 92 3.40 -21.50 1.22
C ALA A 92 4.22 -20.81 2.32
N PHE A 93 4.46 -21.54 3.40
CA PHE A 93 5.31 -21.07 4.51
C PHE A 93 6.78 -21.12 4.11
N ASN A 94 7.19 -20.16 3.28
CA ASN A 94 8.56 -20.09 2.77
C ASN A 94 9.34 -18.93 3.38
N GLY A 95 10.52 -18.66 2.83
CA GLY A 95 11.39 -17.57 3.30
C GLY A 95 10.72 -16.21 3.44
N GLU A 96 10.12 -15.73 2.35
CA GLU A 96 9.47 -14.41 2.34
C GLU A 96 8.34 -14.30 3.37
N VAL A 97 7.57 -15.38 3.51
CA VAL A 97 6.46 -15.45 4.45
C VAL A 97 6.99 -15.48 5.90
N ILE A 98 8.03 -16.28 6.12
CA ILE A 98 8.71 -16.37 7.42
C ILE A 98 9.22 -14.99 7.88
N LYS A 99 9.82 -14.24 6.96
CA LYS A 99 10.30 -12.89 7.26
C LYS A 99 9.15 -11.96 7.68
N ARG A 100 8.02 -12.05 6.98
CA ARG A 100 6.86 -11.24 7.33
C ARG A 100 6.30 -11.59 8.72
N TYR A 101 6.23 -12.88 9.02
CA TYR A 101 5.77 -13.30 10.35
C TYR A 101 6.72 -12.91 11.48
N LYS A 102 8.02 -12.85 11.18
CA LYS A 102 9.02 -12.36 12.14
C LYS A 102 8.68 -10.91 12.51
N GLU A 103 8.38 -10.11 11.50
CA GLU A 103 8.01 -8.71 11.69
C GLU A 103 6.66 -8.57 12.41
N LEU A 104 5.72 -9.44 12.07
CA LEU A 104 4.41 -9.44 12.74
C LEU A 104 4.52 -9.81 14.22
N MET A 105 5.39 -10.78 14.54
CA MET A 105 5.64 -11.16 15.92
C MET A 105 6.23 -10.01 16.73
N GLU A 106 7.14 -9.26 16.12
CA GLU A 106 7.68 -8.04 16.73
C GLU A 106 6.56 -7.03 17.00
N HIS A 107 5.58 -6.97 16.09
CA HIS A 107 4.41 -6.12 16.29
C HIS A 107 3.53 -6.61 17.44
N GLY A 108 3.43 -7.93 17.58
CA GLY A 108 2.77 -8.55 18.74
C GLY A 108 3.35 -8.05 20.05
N GLU A 109 4.67 -7.88 20.09
CA GLU A 109 5.33 -7.33 21.27
C GLU A 109 4.88 -5.89 21.54
N GLY A 110 4.66 -5.14 20.46
CA GLY A 110 4.12 -3.79 20.55
C GLY A 110 2.73 -3.75 21.15
N ILE A 111 1.85 -4.62 20.66
CA ILE A 111 0.48 -4.70 21.19
C ILE A 111 0.49 -5.13 22.66
N ALA A 112 1.36 -6.08 23.00
CA ALA A 112 1.51 -6.54 24.38
C ALA A 112 1.94 -5.37 25.30
N ASP A 113 2.92 -4.59 24.82
CA ASP A 113 3.42 -3.43 25.55
C ASP A 113 2.35 -2.36 25.77
N ILE A 114 1.55 -2.08 24.74
CA ILE A 114 0.44 -1.13 24.86
C ILE A 114 -0.54 -1.59 25.94
N LEU A 115 -0.92 -2.87 25.88
CA LEU A 115 -1.83 -3.48 26.85
C LEU A 115 -1.35 -3.36 28.30
N ARG A 116 -0.07 -3.67 28.52
CA ARG A 116 0.54 -3.55 29.84
C ARG A 116 0.44 -2.12 30.38
N SER A 117 0.76 -1.13 29.54
CA SER A 117 0.67 0.28 29.94
C SER A 117 -0.77 0.71 30.22
N ARG A 118 -1.71 0.18 29.43
CA ARG A 118 -3.13 0.47 29.64
C ARG A 118 -3.60 -0.06 30.99
N LEU A 119 -3.12 -1.24 31.36
CA LEU A 119 -3.42 -1.81 32.68
C LEU A 119 -2.87 -0.94 33.82
N ALA A 120 -1.61 -0.52 33.69
CA ALA A 120 -0.97 0.36 34.66
C ALA A 120 -1.79 1.63 34.89
N LYS A 121 -2.27 2.24 33.81
CA LYS A 121 -3.06 3.46 33.89
C LYS A 121 -4.37 3.23 34.61
N PHE A 122 -5.04 2.12 34.29
CA PHE A 122 -6.28 1.73 34.96
C PHE A 122 -6.10 1.50 36.46
N LEU A 123 -5.02 0.83 36.83
CA LEU A 123 -4.70 0.55 38.22
C LEU A 123 -4.43 1.83 39.01
N ASN A 124 -3.79 2.80 38.37
CA ASN A 124 -3.46 4.08 39.02
C ASN A 124 -4.67 5.01 39.17
N THR A 125 -5.50 5.10 38.14
CA THR A 125 -6.62 6.03 38.10
C THR A 125 -7.68 5.69 39.15
N LYS A 126 -8.08 6.71 39.91
CA LYS A 126 -9.07 6.59 40.99
C LYS A 126 -8.66 5.57 42.05
N ASP A 127 -7.35 5.37 42.17
CA ASP A 127 -6.76 4.45 43.14
C ASP A 127 -7.28 3.01 43.04
N VAL A 128 -7.72 2.60 41.85
CA VAL A 128 -8.35 1.27 41.68
C VAL A 128 -7.45 0.13 42.16
N GLY A 129 -6.17 0.17 41.81
CA GLY A 129 -5.21 -0.84 42.22
C GLY A 129 -5.07 -0.96 43.73
N LYS A 130 -4.94 0.19 44.39
CA LYS A 130 -4.80 0.21 45.85
C LYS A 130 -6.05 -0.32 46.54
N ARG A 131 -7.22 0.10 46.04
CA ARG A 131 -8.51 -0.36 46.56
C ARG A 131 -8.70 -1.87 46.35
N PHE A 132 -8.34 -2.35 45.17
CA PHE A 132 -8.38 -3.79 44.85
C PHE A 132 -7.49 -4.59 45.81
N ALA A 133 -6.30 -4.07 46.08
CA ALA A 133 -5.36 -4.69 47.01
C ALA A 133 -5.91 -4.71 48.44
N GLN A 134 -6.80 -3.75 48.73
CA GLN A 134 -7.43 -3.61 50.05
C GLN A 134 -8.76 -4.36 50.15
N GLY A 135 -9.16 -5.04 49.09
CA GLY A 135 -10.32 -5.92 49.13
C GLY A 135 -11.56 -5.46 48.37
N THR A 136 -11.50 -4.27 47.79
CA THR A 136 -12.57 -3.80 46.91
C THR A 136 -12.63 -4.75 45.72
N GLU A 137 -13.80 -5.33 45.50
CA GLU A 137 -13.96 -6.37 44.49
C GLU A 137 -14.08 -5.80 43.08
N ALA A 138 -13.06 -5.03 42.68
CA ALA A 138 -13.04 -4.38 41.38
C ALA A 138 -13.02 -5.38 40.22
N ASN A 139 -12.56 -6.59 40.51
CA ASN A 139 -12.52 -7.68 39.52
C ASN A 139 -13.90 -8.18 39.07
N ARG A 140 -14.97 -7.66 39.70
CA ARG A 140 -16.34 -8.01 39.34
C ARG A 140 -17.09 -6.86 38.67
N TRP A 141 -16.43 -5.71 38.53
CA TRP A 141 -16.99 -4.55 37.82
C TRP A 141 -17.00 -4.82 36.32
N VAL A 142 -17.87 -4.11 35.59
CA VAL A 142 -17.95 -4.29 34.12
C VAL A 142 -16.64 -3.94 33.40
N GLY A 143 -15.86 -3.03 34.00
CA GLY A 143 -14.55 -2.66 33.46
C GLY A 143 -13.35 -3.30 34.14
N GLY A 144 -13.59 -4.15 35.14
CA GLY A 144 -12.50 -4.71 35.93
C GLY A 144 -12.31 -6.21 35.86
N LYS A 145 -13.02 -6.88 34.95
CA LYS A 145 -12.95 -8.34 34.86
C LYS A 145 -11.57 -8.87 34.46
N LEU A 146 -10.76 -8.02 33.83
CA LEU A 146 -9.37 -8.37 33.53
C LEU A 146 -8.48 -8.49 34.77
N LEU A 147 -8.95 -8.00 35.91
CA LEU A 147 -8.23 -8.17 37.18
C LEU A 147 -8.23 -9.63 37.63
N ASN A 148 -9.07 -10.44 37.00
CA ASN A 148 -9.06 -11.88 37.22
C ASN A 148 -7.87 -12.57 36.57
N ILE A 149 -7.19 -11.89 35.64
CA ILE A 149 -6.00 -12.48 35.01
C ILE A 149 -4.70 -11.70 35.32
N VAL A 150 -4.71 -11.01 36.45
CA VAL A 150 -3.51 -10.32 36.93
C VAL A 150 -2.88 -11.06 38.13
N GLU A 151 -1.65 -10.70 38.43
CA GLU A 151 -0.88 -11.28 39.53
C GLU A 151 -0.30 -10.15 40.35
N GLN A 152 -0.13 -10.35 41.66
CA GLN A 152 0.48 -9.32 42.49
C GLN A 152 1.92 -9.04 42.05
N ASP A 153 2.29 -7.77 42.06
CA ASP A 153 3.64 -7.34 41.68
C ASP A 153 4.07 -6.22 42.61
N GLY A 154 4.68 -6.59 43.74
CA GLY A 154 5.04 -5.63 44.77
C GLY A 154 3.83 -4.82 45.20
N ASP A 155 3.91 -3.50 45.03
CA ASP A 155 2.82 -2.60 45.43
C ASP A 155 1.75 -2.43 44.34
N THR A 156 1.83 -3.23 43.28
CA THR A 156 0.87 -3.13 42.18
C THR A 156 0.52 -4.52 41.62
N PHE A 157 -0.04 -4.56 40.40
CA PHE A 157 -0.44 -5.81 39.77
C PHE A 157 0.03 -5.82 38.32
N LYS A 158 0.17 -7.02 37.75
CA LYS A 158 0.64 -7.20 36.38
C LYS A 158 -0.11 -8.35 35.71
N TYR A 159 -0.24 -8.29 34.38
CA TYR A 159 -0.84 -9.39 33.63
C TYR A 159 -0.08 -10.70 33.85
N ASN A 160 -0.84 -11.79 33.95
CA ASN A 160 -0.29 -13.12 33.73
C ASN A 160 0.18 -13.15 32.28
N GLU A 161 1.48 -13.39 32.07
CA GLU A 161 2.07 -13.29 30.73
C GLU A 161 1.56 -14.35 29.75
N GLN A 162 1.28 -15.55 30.25
CA GLN A 162 0.76 -16.63 29.41
C GLN A 162 -0.58 -16.25 28.80
N LEU A 163 -1.49 -15.74 29.62
CA LEU A 163 -2.83 -15.37 29.16
C LEU A 163 -2.81 -14.13 28.26
N LEU A 164 -2.02 -13.14 28.66
CA LEU A 164 -1.86 -11.90 27.87
C LEU A 164 -1.29 -12.18 26.48
N GLN A 165 -0.18 -12.89 26.44
CA GLN A 165 0.53 -13.16 25.18
C GLN A 165 -0.30 -14.04 24.24
N THR A 166 -1.00 -15.01 24.80
CA THR A 166 -1.89 -15.87 24.02
C THR A 166 -3.03 -15.04 23.42
N ALA A 167 -3.58 -14.13 24.21
CA ALA A 167 -4.63 -13.22 23.74
C ALA A 167 -4.13 -12.33 22.60
N VAL A 168 -2.89 -11.85 22.72
CA VAL A 168 -2.27 -11.04 21.66
C VAL A 168 -2.10 -11.84 20.36
N LEU A 169 -1.75 -13.13 20.49
CA LEU A 169 -1.65 -14.00 19.30
C LEU A 169 -2.99 -14.10 18.56
N ALA A 170 -4.06 -14.30 19.33
CA ALA A 170 -5.43 -14.30 18.80
C ALA A 170 -5.73 -12.96 18.12
N GLY A 171 -5.32 -11.88 18.78
CA GLY A 171 -5.48 -10.53 18.24
C GLY A 171 -4.82 -10.36 16.89
N LEU A 172 -3.60 -10.89 16.74
CA LEU A 172 -2.89 -10.85 15.48
C LEU A 172 -3.59 -11.66 14.37
N GLN A 173 -4.07 -12.85 14.70
CA GLN A 173 -4.80 -13.67 13.71
C GLN A 173 -6.07 -12.95 13.25
N TRP A 174 -6.81 -12.39 14.20
CA TRP A 174 -8.01 -11.61 13.93
C TRP A 174 -7.70 -10.42 13.01
N ARG A 175 -6.63 -9.70 13.33
CA ARG A 175 -6.15 -8.58 12.53
C ARG A 175 -5.90 -8.98 11.06
N LEU A 176 -5.38 -10.18 10.85
CA LEU A 176 -5.02 -10.66 9.51
C LEU A 176 -6.22 -11.10 8.68
N THR A 177 -7.20 -11.76 9.31
CA THR A 177 -8.25 -12.44 8.54
C THR A 177 -9.70 -12.11 8.92
N ALA A 178 -9.91 -11.29 9.95
CA ALA A 178 -11.27 -10.93 10.38
C ALA A 178 -12.12 -10.32 9.26
N THR A 179 -11.57 -9.33 8.55
CA THR A 179 -12.30 -8.60 7.50
C THR A 179 -12.86 -9.56 6.44
N SER A 180 -12.07 -10.56 6.08
CA SER A 180 -12.45 -11.55 5.07
C SER A 180 -13.56 -12.51 5.52
N ASN A 181 -13.90 -12.46 6.81
CA ASN A 181 -14.90 -13.35 7.37
C ASN A 181 -16.17 -12.66 7.90
N THR A 182 -16.21 -11.33 7.78
CA THR A 182 -17.37 -10.55 8.23
C THR A 182 -18.60 -10.83 7.38
N ALA A 183 -19.78 -10.58 7.95
CA ALA A 183 -21.03 -10.66 7.21
C ALA A 183 -21.18 -9.45 6.28
N ILE A 184 -22.03 -9.60 5.26
CA ILE A 184 -22.36 -8.51 4.37
C ILE A 184 -23.53 -7.71 4.95
N LYS A 185 -23.34 -6.41 5.06
CA LYS A 185 -24.42 -5.50 5.48
C LYS A 185 -25.13 -4.94 4.25
N ASP A 186 -26.43 -5.16 4.18
CA ASP A 186 -27.25 -4.49 3.17
C ASP A 186 -28.10 -3.39 3.82
N ALA A 187 -29.10 -2.90 3.09
CA ALA A 187 -29.95 -1.80 3.55
C ALA A 187 -30.71 -2.13 4.83
N LYS A 188 -31.24 -3.36 4.91
CA LYS A 188 -31.96 -3.81 6.10
C LYS A 188 -31.07 -3.83 7.34
N ASP A 189 -29.83 -4.31 7.18
CA ASP A 189 -28.84 -4.36 8.26
C ASP A 189 -28.52 -2.97 8.79
N VAL A 190 -28.23 -2.05 7.88
CA VAL A 190 -27.87 -0.67 8.23
C VAL A 190 -29.05 0.06 8.89
N ALA A 191 -30.27 -0.25 8.44
CA ALA A 191 -31.48 0.30 9.06
C ALA A 191 -31.64 -0.17 10.52
N ALA A 192 -31.36 -1.44 10.78
CA ALA A 192 -31.43 -1.99 12.13
C ALA A 192 -30.35 -1.39 13.03
N ILE A 193 -29.15 -1.22 12.47
CA ILE A 193 -28.02 -0.66 13.19
C ILE A 193 -28.25 0.80 13.57
N THR A 194 -28.64 1.60 12.58
CA THR A 194 -28.75 3.06 12.73
C THR A 194 -30.07 3.51 13.33
N GLY A 195 -31.12 2.70 13.14
CA GLY A 195 -32.47 3.09 13.55
C GLY A 195 -33.11 4.08 12.58
N ILE A 196 -32.51 4.23 11.41
CA ILE A 196 -33.07 5.06 10.33
C ILE A 196 -33.91 4.18 9.41
N ASP A 197 -35.13 4.62 9.13
CA ASP A 197 -36.03 3.93 8.21
C ASP A 197 -35.30 3.56 6.92
N GLN A 198 -35.42 2.30 6.51
CA GLN A 198 -34.67 1.78 5.37
C GLN A 198 -34.84 2.61 4.10
N ALA A 199 -36.07 3.04 3.84
CA ALA A 199 -36.38 3.84 2.65
C ALA A 199 -35.70 5.21 2.65
N LEU A 200 -35.30 5.68 3.83
CA LEU A 200 -34.73 7.02 3.98
C LEU A 200 -33.22 7.07 4.24
N LEU A 201 -32.54 5.94 4.05
CA LEU A 201 -31.08 5.88 4.23
C LEU A 201 -30.35 6.72 3.18
N PRO A 202 -29.48 7.65 3.63
CA PRO A 202 -28.68 8.44 2.70
C PRO A 202 -27.77 7.56 1.85
N GLU A 203 -27.55 7.99 0.61
CA GLU A 203 -26.71 7.26 -0.33
C GLU A 203 -25.32 7.02 0.25
N GLY A 204 -24.86 5.78 0.20
CA GLY A 204 -23.53 5.44 0.65
C GLY A 204 -23.43 5.18 2.15
N LEU A 205 -24.51 5.39 2.89
CA LEU A 205 -24.52 5.05 4.32
C LEU A 205 -24.40 3.53 4.50
N VAL A 206 -25.12 2.79 3.65
CA VAL A 206 -25.01 1.33 3.61
C VAL A 206 -23.57 0.92 3.32
N GLU A 207 -22.96 1.58 2.33
CA GLU A 207 -21.57 1.32 1.95
C GLU A 207 -20.60 1.67 3.08
N GLN A 208 -20.81 2.82 3.74
CA GLN A 208 -20.00 3.21 4.90
C GLN A 208 -20.07 2.14 6.00
N PHE A 209 -21.28 1.72 6.33
CA PHE A 209 -21.48 0.73 7.39
C PHE A 209 -21.08 -0.69 7.01
N ASP A 210 -21.16 -1.04 5.72
CA ASP A 210 -20.73 -2.37 5.28
C ASP A 210 -19.21 -2.55 5.31
N THR A 211 -18.47 -1.45 5.12
CA THR A 211 -17.00 -1.51 5.12
C THR A 211 -16.41 -1.60 6.54
N GLY A 212 -17.18 -1.21 7.54
CA GLY A 212 -16.73 -1.25 8.93
C GLY A 212 -17.44 -2.29 9.78
N MET A 213 -16.87 -2.59 10.95
CA MET A 213 -17.50 -3.46 11.92
C MET A 213 -18.13 -2.63 13.03
N THR A 214 -19.32 -3.01 13.48
CA THR A 214 -19.87 -2.41 14.69
C THR A 214 -19.05 -2.91 15.87
N LEU A 215 -19.20 -2.26 17.02
CA LEU A 215 -18.48 -2.66 18.22
C LEU A 215 -18.72 -4.13 18.55
N THR A 216 -19.99 -4.54 18.58
CA THR A 216 -20.38 -5.91 18.88
C THR A 216 -19.78 -6.90 17.87
N GLU A 217 -19.78 -6.50 16.59
CA GLU A 217 -19.23 -7.33 15.52
C GLU A 217 -17.72 -7.58 15.71
N ALA A 218 -16.99 -6.49 16.00
CA ALA A 218 -15.55 -6.55 16.20
C ALA A 218 -15.17 -7.31 17.46
N VAL A 219 -15.82 -6.97 18.57
CA VAL A 219 -15.48 -7.56 19.87
C VAL A 219 -15.85 -9.04 19.94
N SER A 220 -17.02 -9.41 19.43
CA SER A 220 -17.47 -10.80 19.53
C SER A 220 -16.56 -11.76 18.75
N SER A 221 -16.14 -11.35 17.56
CA SER A 221 -15.24 -12.18 16.73
C SER A 221 -13.85 -12.28 17.37
N LEU A 222 -13.37 -11.16 17.90
CA LEU A 222 -12.09 -11.10 18.60
C LEU A 222 -12.13 -11.96 19.87
N ALA A 223 -13.22 -11.81 20.63
CA ALA A 223 -13.40 -12.59 21.87
C ALA A 223 -13.45 -14.09 21.61
N GLN A 224 -14.11 -14.50 20.53
CA GLN A 224 -14.17 -15.92 20.14
C GLN A 224 -12.77 -16.47 19.90
N LYS A 225 -11.96 -15.71 19.17
CA LYS A 225 -10.57 -16.08 18.90
C LYS A 225 -9.75 -16.22 20.18
N ILE A 226 -9.86 -15.23 21.06
CA ILE A 226 -9.10 -15.22 22.31
C ILE A 226 -9.41 -16.45 23.17
N GLU A 227 -10.70 -16.70 23.40
CA GLU A 227 -11.14 -17.87 24.17
C GLU A 227 -10.65 -19.18 23.54
N SER A 228 -10.75 -19.26 22.21
CA SER A 228 -10.27 -20.41 21.47
C SER A 228 -8.78 -20.68 21.73
N TYR A 229 -7.96 -19.64 21.61
CA TYR A 229 -6.50 -19.77 21.80
C TYR A 229 -6.11 -20.04 23.26
N TRP A 230 -6.89 -19.52 24.20
CA TRP A 230 -6.67 -19.84 25.61
C TRP A 230 -6.84 -21.34 25.88
N GLY A 231 -7.65 -21.99 25.03
CA GLY A 231 -7.66 -23.46 24.94
C GLY A 231 -8.29 -24.19 26.11
N LEU A 232 -9.10 -23.49 26.88
CA LEU A 232 -9.76 -24.07 28.05
C LEU A 232 -11.24 -24.36 27.76
N SER A 233 -11.92 -24.96 28.74
CA SER A 233 -13.35 -25.23 28.62
C SER A 233 -14.10 -24.42 29.67
N ARG A 234 -15.30 -23.97 29.31
CA ARG A 234 -16.14 -23.25 30.25
C ARG A 234 -16.72 -24.20 31.29
N ASN A 235 -16.68 -23.75 32.55
CA ASN A 235 -17.35 -24.44 33.64
C ASN A 235 -18.85 -24.16 33.53
N PRO A 236 -19.67 -25.21 33.32
CA PRO A 236 -21.12 -25.03 33.13
C PRO A 236 -21.82 -24.45 34.36
N ASN A 237 -21.17 -24.53 35.52
CA ASN A 237 -21.74 -23.97 36.75
C ASN A 237 -21.15 -22.61 37.14
N ALA A 238 -20.47 -21.96 36.19
CA ALA A 238 -19.93 -20.62 36.38
C ALA A 238 -20.82 -19.56 35.69
N PRO A 239 -20.94 -18.36 36.28
CA PRO A 239 -21.80 -17.34 35.69
C PRO A 239 -21.25 -16.82 34.37
N LEU A 240 -22.15 -16.63 33.40
CA LEU A 240 -21.77 -16.13 32.07
C LEU A 240 -21.10 -14.76 32.13
N GLY A 241 -21.38 -14.00 33.18
CA GLY A 241 -20.73 -12.72 33.43
C GLY A 241 -19.22 -12.81 33.42
N TYR A 242 -18.69 -13.99 33.74
CA TYR A 242 -17.25 -14.23 33.73
C TYR A 242 -16.77 -15.13 32.59
N THR A 243 -17.51 -16.20 32.31
CA THR A 243 -17.12 -17.13 31.23
C THR A 243 -17.10 -16.42 29.88
N LYS A 244 -18.12 -15.60 29.65
CA LYS A 244 -18.21 -14.77 28.45
C LYS A 244 -17.51 -13.44 28.71
N GLY A 245 -17.61 -12.96 29.96
CA GLY A 245 -17.12 -11.64 30.33
C GLY A 245 -15.63 -11.42 30.27
N ILE A 246 -14.85 -12.39 30.75
CA ILE A 246 -13.40 -12.25 30.78
C ILE A 246 -12.78 -12.17 29.37
N PRO A 247 -13.07 -13.15 28.49
CA PRO A 247 -12.53 -13.01 27.12
C PRO A 247 -13.04 -11.79 26.36
N THR A 248 -14.28 -11.36 26.62
CA THR A 248 -14.83 -10.15 25.99
C THR A 248 -14.08 -8.90 26.49
N ALA A 249 -13.77 -8.89 27.78
CA ALA A 249 -12.99 -7.81 28.39
C ALA A 249 -11.60 -7.73 27.77
N MET A 250 -10.99 -8.90 27.56
CA MET A 250 -9.69 -8.99 26.88
C MET A 250 -9.80 -8.46 25.46
N ALA A 251 -10.86 -8.87 24.75
CA ALA A 251 -11.11 -8.40 23.38
C ALA A 251 -11.28 -6.89 23.29
N ALA A 252 -12.04 -6.32 24.24
CA ALA A 252 -12.24 -4.87 24.27
C ALA A 252 -10.89 -4.15 24.43
N GLU A 253 -10.05 -4.65 25.32
CA GLU A 253 -8.72 -4.07 25.52
C GLU A 253 -7.84 -4.18 24.28
N ILE A 254 -7.90 -5.33 23.61
CA ILE A 254 -7.12 -5.53 22.40
C ILE A 254 -7.61 -4.62 21.27
N LEU A 255 -8.93 -4.45 21.16
CA LEU A 255 -9.48 -3.52 20.16
C LEU A 255 -8.97 -2.10 20.42
N ALA A 256 -9.01 -1.69 21.68
CA ALA A 256 -8.48 -0.39 22.09
C ALA A 256 -6.99 -0.25 21.76
N ALA A 257 -6.23 -1.30 22.02
CA ALA A 257 -4.80 -1.34 21.70
C ALA A 257 -4.55 -1.19 20.19
N PHE A 258 -5.40 -1.85 19.39
CA PHE A 258 -5.31 -1.76 17.93
C PHE A 258 -5.67 -0.36 17.39
N VAL A 259 -6.55 0.34 18.10
CA VAL A 259 -6.85 1.74 17.77
C VAL A 259 -5.62 2.62 18.03
N GLU A 260 -4.95 2.39 19.17
CA GLU A 260 -3.71 3.09 19.49
C GLU A 260 -2.60 2.82 18.47
N SER A 261 -2.56 1.59 17.97
CA SER A 261 -1.51 1.16 17.04
C SER A 261 -1.82 1.53 15.59
N THR A 262 -3.05 1.97 15.35
CA THR A 262 -3.57 2.27 13.99
C THR A 262 -3.71 1.01 13.10
N ASP A 263 -3.79 -0.16 13.73
CA ASP A 263 -4.18 -1.39 13.03
C ASP A 263 -5.68 -1.38 12.77
N VAL A 264 -6.40 -0.64 13.60
CA VAL A 264 -7.83 -0.45 13.48
C VAL A 264 -8.14 1.05 13.59
N VAL A 265 -9.02 1.53 12.73
CA VAL A 265 -9.51 2.91 12.80
C VAL A 265 -10.92 2.91 13.38
N GLU A 266 -11.13 3.72 14.42
CA GLU A 266 -12.45 3.91 15.02
C GLU A 266 -13.08 5.19 14.50
N ASN A 267 -14.31 5.06 14.01
CA ASN A 267 -15.10 6.19 13.54
C ASN A 267 -16.45 6.20 14.26
N ILE A 268 -16.67 7.19 15.11
CA ILE A 268 -17.95 7.33 15.80
C ILE A 268 -18.89 8.14 14.92
N VAL A 269 -19.90 7.47 14.36
CA VAL A 269 -20.79 8.09 13.39
C VAL A 269 -22.02 8.69 14.07
N ASP A 270 -22.22 9.98 13.87
CA ASP A 270 -23.26 10.76 14.53
C ASP A 270 -24.53 10.77 13.67
N MET A 271 -25.55 10.05 14.13
CA MET A 271 -26.81 9.91 13.38
C MET A 271 -27.60 11.22 13.28
N SER A 272 -27.40 12.11 14.25
CA SER A 272 -28.10 13.40 14.32
C SER A 272 -27.78 14.31 13.14
N GLU A 273 -26.63 14.09 12.50
CA GLU A 273 -26.25 14.81 11.29
C GLU A 273 -27.12 14.37 10.10
N ILE A 274 -27.65 13.16 10.19
CA ILE A 274 -28.55 12.62 9.17
C ILE A 274 -30.01 12.90 9.56
N ASP A 275 -30.42 12.39 10.72
CA ASP A 275 -31.75 12.62 11.25
C ASP A 275 -31.62 13.30 12.62
N PRO A 276 -31.92 14.61 12.68
CA PRO A 276 -31.73 15.41 13.91
C PRO A 276 -32.40 14.84 15.16
N ASP A 277 -33.45 14.03 14.99
CA ASP A 277 -34.11 13.39 16.13
C ASP A 277 -33.58 11.98 16.45
N ASN A 278 -32.52 11.58 15.76
CA ASN A 278 -31.79 10.34 16.06
C ASN A 278 -30.56 10.68 16.91
N LYS A 279 -30.57 10.21 18.16
CA LYS A 279 -29.55 10.58 19.15
C LYS A 279 -28.34 9.66 19.09
N LYS A 280 -28.50 8.53 18.41
CA LYS A 280 -27.46 7.49 18.36
C LYS A 280 -26.13 7.98 17.84
N THR A 281 -25.06 7.62 18.54
CA THR A 281 -23.70 7.75 18.01
C THR A 281 -23.14 6.34 17.95
N ILE A 282 -22.70 5.93 16.76
CA ILE A 282 -22.38 4.52 16.47
C ILE A 282 -20.95 4.31 16.00
N GLY A 283 -20.20 3.50 16.74
CA GLY A 283 -18.82 3.20 16.42
C GLY A 283 -18.67 2.24 15.26
N LEU A 284 -17.80 2.60 14.32
CA LEU A 284 -17.40 1.74 13.22
C LEU A 284 -15.90 1.47 13.31
N TYR A 285 -15.53 0.19 13.16
CA TYR A 285 -14.14 -0.23 13.28
C TYR A 285 -13.67 -0.85 11.97
N THR A 286 -12.62 -0.27 11.41
CA THR A 286 -12.08 -0.76 10.14
C THR A 286 -10.63 -1.17 10.32
N ILE A 287 -10.34 -2.42 9.97
CA ILE A 287 -8.97 -2.92 10.02
C ILE A 287 -8.16 -2.33 8.87
N THR A 288 -6.98 -1.82 9.20
CA THR A 288 -6.06 -1.30 8.19
C THR A 288 -5.60 -2.46 7.30
N GLU A 289 -5.90 -2.35 6.00
CA GLU A 289 -5.58 -3.39 5.04
C GLU A 289 -4.09 -3.50 4.80
N LEU A 290 -3.58 -4.72 4.74
CA LEU A 290 -2.20 -4.95 4.32
C LEU A 290 -2.12 -4.74 2.81
N ASP A 291 -0.92 -4.45 2.32
CA ASP A 291 -0.68 -4.35 0.88
C ASP A 291 -1.15 -5.60 0.16
N SER A 292 -1.70 -5.43 -1.04
CA SER A 292 -2.14 -6.58 -1.83
C SER A 292 -0.95 -7.51 -2.17
N PHE A 293 0.26 -6.94 -2.19
CA PHE A 293 1.47 -7.69 -2.49
C PHE A 293 2.21 -8.24 -1.25
N ASP A 294 1.62 -8.04 -0.06
CA ASP A 294 2.19 -8.55 1.19
C ASP A 294 2.27 -10.08 1.14
N PRO A 295 3.49 -10.65 1.30
CA PRO A 295 3.69 -12.10 1.30
C PRO A 295 2.81 -12.83 2.33
N ILE A 296 2.49 -12.18 3.44
CA ILE A 296 1.66 -12.76 4.47
C ILE A 296 0.26 -13.14 3.92
N ASN A 297 -0.19 -12.45 2.87
CA ASN A 297 -1.44 -12.76 2.18
C ASN A 297 -1.50 -14.17 1.61
N SER A 298 -0.33 -14.70 1.22
CA SER A 298 -0.22 -16.03 0.63
C SER A 298 -0.37 -17.17 1.64
N PHE A 299 -0.25 -16.85 2.92
CA PHE A 299 -0.46 -17.82 4.00
C PHE A 299 -0.79 -17.04 5.29
N PRO A 300 -2.03 -16.54 5.39
CA PRO A 300 -2.42 -15.65 6.49
C PRO A 300 -2.84 -16.36 7.79
N THR A 301 -2.70 -17.68 7.85
CA THR A 301 -3.19 -18.46 9.00
C THR A 301 -2.11 -19.29 9.70
N ALA A 302 -0.84 -18.90 9.55
CA ALA A 302 0.26 -19.63 10.20
C ALA A 302 0.10 -19.65 11.71
N ILE A 303 -0.31 -18.53 12.30
CA ILE A 303 -0.57 -18.45 13.74
C ILE A 303 -1.68 -19.42 14.12
N GLU A 304 -2.82 -19.31 13.45
CA GLU A 304 -3.96 -20.19 13.71
C GLU A 304 -3.57 -21.65 13.71
N GLU A 305 -2.85 -22.05 12.65
CA GLU A 305 -2.53 -23.46 12.42
C GLU A 305 -1.41 -23.97 13.33
N ALA A 306 -0.68 -23.04 13.95
CA ALA A 306 0.34 -23.40 14.95
C ALA A 306 -0.26 -23.50 16.36
N VAL A 307 -1.09 -22.53 16.73
CA VAL A 307 -1.66 -22.45 18.07
C VAL A 307 -2.69 -23.56 18.31
N LEU A 308 -3.64 -23.71 17.39
CA LEU A 308 -4.74 -24.64 17.58
C LEU A 308 -4.43 -26.03 17.04
N VAL A 309 -4.70 -27.05 17.86
CA VAL A 309 -4.59 -28.45 17.47
C VAL A 309 -5.56 -28.74 16.31
N ASN A 310 -6.74 -28.13 16.36
CA ASN A 310 -7.74 -28.25 15.30
C ASN A 310 -8.19 -26.88 14.78
N PRO A 311 -7.42 -26.31 13.83
CA PRO A 311 -7.67 -24.96 13.32
C PRO A 311 -8.98 -24.82 12.56
N THR A 312 -9.62 -23.66 12.71
CA THR A 312 -10.81 -23.30 11.95
C THR A 312 -10.39 -22.68 10.62
N GLU A 313 -9.48 -21.70 10.72
CA GLU A 313 -9.07 -20.91 9.58
C GLU A 313 -7.90 -21.55 8.84
N LYS A 314 -8.19 -22.01 7.63
CA LYS A 314 -7.22 -22.69 6.79
C LYS A 314 -7.85 -22.98 5.45
N MET A 315 -7.03 -23.22 4.43
CA MET A 315 -7.49 -23.78 3.18
C MET A 315 -7.39 -25.30 3.24
N PHE A 316 -8.27 -25.97 2.49
CA PHE A 316 -8.30 -27.42 2.46
C PHE A 316 -7.80 -27.91 1.10
N PHE A 317 -6.55 -28.35 1.07
CA PHE A 317 -5.90 -28.79 -0.16
C PHE A 317 -5.84 -30.31 -0.26
N GLY A 318 -5.93 -30.81 -1.49
CA GLY A 318 -5.77 -32.23 -1.77
C GLY A 318 -6.77 -33.09 -1.02
N ASP A 319 -6.27 -33.96 -0.16
CA ASP A 319 -7.14 -34.88 0.57
C ASP A 319 -7.42 -34.43 2.02
N ASP A 320 -7.04 -33.19 2.32
CA ASP A 320 -7.37 -32.57 3.59
C ASP A 320 -8.80 -32.04 3.45
N ILE A 321 -9.76 -32.76 4.02
CA ILE A 321 -11.16 -32.40 3.84
C ILE A 321 -11.79 -31.82 5.13
N PRO A 322 -12.71 -30.85 4.97
CA PRO A 322 -13.31 -30.22 6.14
C PRO A 322 -14.16 -31.20 6.93
N PRO A 323 -14.19 -31.05 8.27
CA PRO A 323 -15.12 -31.85 9.07
C PRO A 323 -16.56 -31.41 8.79
N VAL A 324 -17.52 -32.25 9.18
CA VAL A 324 -18.93 -31.94 8.99
C VAL A 324 -19.48 -31.31 10.26
N ALA A 325 -20.02 -30.10 10.12
CA ALA A 325 -20.60 -29.37 11.25
C ALA A 325 -21.76 -30.14 11.90
N ASN A 326 -21.74 -30.18 13.23
CA ASN A 326 -22.77 -30.87 14.00
C ASN A 326 -24.06 -30.06 14.16
N THR A 327 -23.91 -28.74 14.21
CA THR A 327 -25.08 -27.88 14.46
C THR A 327 -25.30 -26.83 13.38
N GLN A 328 -26.55 -26.42 13.25
CA GLN A 328 -26.99 -25.37 12.35
C GLN A 328 -26.24 -24.07 12.62
N LEU A 329 -25.89 -23.37 11.54
CA LEU A 329 -25.11 -22.13 11.64
C LEU A 329 -25.77 -21.13 12.58
N ARG A 330 -25.02 -20.73 13.62
CA ARG A 330 -25.47 -19.78 14.65
C ARG A 330 -26.75 -20.20 15.41
N ASN A 331 -27.12 -21.47 15.31
CA ASN A 331 -28.24 -22.04 16.07
C ASN A 331 -27.79 -23.29 16.83
N PRO A 332 -27.04 -23.13 17.94
CA PRO A 332 -26.50 -24.29 18.67
C PRO A 332 -27.55 -25.26 19.24
N ALA A 333 -28.80 -24.81 19.38
CA ALA A 333 -29.88 -25.68 19.86
C ALA A 333 -30.38 -26.66 18.79
N VAL A 334 -29.96 -26.45 17.54
CA VAL A 334 -30.42 -27.25 16.42
C VAL A 334 -29.28 -28.06 15.81
N ARG A 335 -29.36 -29.39 15.97
CA ARG A 335 -28.40 -30.27 15.35
C ARG A 335 -28.76 -30.43 13.87
N ASN A 336 -27.76 -30.45 13.01
CA ASN A 336 -27.97 -30.82 11.61
C ASN A 336 -28.47 -32.26 11.60
N THR A 337 -29.54 -32.53 10.85
CA THR A 337 -30.09 -33.88 10.76
C THR A 337 -29.09 -34.80 10.04
N PRO A 338 -29.23 -36.13 10.21
CA PRO A 338 -28.40 -37.08 9.45
C PRO A 338 -28.40 -36.81 7.94
N GLU A 339 -29.56 -36.48 7.37
CA GLU A 339 -29.64 -36.19 5.93
C GLU A 339 -28.90 -34.91 5.58
N GLN A 340 -29.00 -33.90 6.44
CA GLN A 340 -28.30 -32.63 6.24
C GLN A 340 -26.78 -32.83 6.30
N LYS A 341 -26.33 -33.65 7.26
CA LYS A 341 -24.91 -33.95 7.40
C LYS A 341 -24.38 -34.71 6.19
N ALA A 342 -25.20 -35.60 5.64
CA ALA A 342 -24.85 -36.34 4.43
C ALA A 342 -24.68 -35.40 3.23
N ALA A 343 -25.57 -34.41 3.14
CA ALA A 343 -25.49 -33.42 2.08
C ALA A 343 -24.23 -32.56 2.22
N LEU A 344 -23.96 -32.12 3.43
CA LEU A 344 -22.77 -31.34 3.75
C LEU A 344 -21.50 -32.11 3.38
N LYS A 345 -21.44 -33.38 3.77
CA LYS A 345 -20.31 -34.25 3.44
C LYS A 345 -20.10 -34.31 1.91
N ALA A 346 -21.19 -34.51 1.18
CA ALA A 346 -21.14 -34.61 -0.29
C ALA A 346 -20.57 -33.35 -0.94
N GLU A 347 -21.00 -32.19 -0.45
CA GLU A 347 -20.55 -30.91 -1.01
C GLU A 347 -19.10 -30.62 -0.64
N GLN A 348 -18.70 -31.03 0.56
CA GLN A 348 -17.33 -30.83 1.01
C GLN A 348 -16.35 -31.77 0.32
N ALA A 349 -16.87 -32.89 -0.18
CA ALA A 349 -16.06 -33.87 -0.93
C ALA A 349 -15.64 -33.38 -2.32
N THR A 350 -16.47 -32.53 -2.92
CA THR A 350 -16.22 -32.01 -4.26
C THR A 350 -14.88 -31.27 -4.38
N GLU A 351 -14.11 -31.61 -5.41
CA GLU A 351 -12.82 -30.95 -5.66
C GLU A 351 -12.99 -29.77 -6.60
N PHE A 352 -12.46 -28.62 -6.17
CA PHE A 352 -12.39 -27.44 -7.01
C PHE A 352 -10.96 -27.26 -7.51
N TYR A 353 -10.82 -26.70 -8.71
CA TYR A 353 -9.52 -26.50 -9.36
C TYR A 353 -9.43 -25.14 -10.04
N VAL A 354 -8.25 -24.54 -9.94
CA VAL A 354 -7.95 -23.28 -10.61
C VAL A 354 -7.98 -23.48 -12.13
N HIS A 355 -8.70 -22.59 -12.82
CA HIS A 355 -8.64 -22.51 -14.26
C HIS A 355 -7.61 -21.45 -14.64
N THR A 356 -6.40 -21.91 -14.93
CA THR A 356 -5.25 -21.05 -15.21
C THR A 356 -5.50 -19.95 -16.27
N PRO A 357 -6.15 -20.29 -17.40
CA PRO A 357 -6.41 -19.24 -18.39
C PRO A 357 -7.14 -18.01 -17.84
N MET A 358 -8.15 -18.22 -17.00
CA MET A 358 -8.88 -17.10 -16.42
C MET A 358 -8.05 -16.32 -15.39
N VAL A 359 -7.26 -17.03 -14.59
CA VAL A 359 -6.33 -16.38 -13.67
C VAL A 359 -5.34 -15.50 -14.43
N GLN A 360 -4.78 -16.03 -15.52
CA GLN A 360 -3.83 -15.29 -16.34
C GLN A 360 -4.47 -14.10 -17.05
N PHE A 361 -5.71 -14.28 -17.49
CA PHE A 361 -6.48 -13.20 -18.10
C PHE A 361 -6.73 -12.06 -17.11
N TYR A 362 -7.23 -12.39 -15.92
CA TYR A 362 -7.42 -11.42 -14.86
C TYR A 362 -6.12 -10.67 -14.55
N GLU A 363 -5.04 -11.44 -14.43
CA GLU A 363 -3.71 -10.95 -14.07
C GLU A 363 -3.18 -9.98 -15.12
N THR A 364 -3.39 -10.32 -16.39
CA THR A 364 -2.89 -9.54 -17.52
C THR A 364 -3.66 -8.23 -17.71
N LEU A 365 -4.99 -8.30 -17.56
CA LEU A 365 -5.80 -7.08 -17.50
C LEU A 365 -5.34 -6.23 -16.32
N GLY A 366 -5.16 -6.88 -15.17
CA GLY A 366 -4.73 -6.22 -13.95
C GLY A 366 -5.91 -5.62 -13.21
N LYS A 367 -5.70 -5.32 -11.93
CA LYS A 367 -6.75 -4.81 -11.06
C LYS A 367 -7.41 -3.54 -11.59
N ASP A 368 -6.60 -2.57 -12.01
CA ASP A 368 -7.12 -1.30 -12.51
C ASP A 368 -8.09 -1.48 -13.68
N ARG A 369 -7.71 -2.30 -14.66
CA ARG A 369 -8.55 -2.53 -15.84
C ARG A 369 -9.78 -3.39 -15.55
N ILE A 370 -9.66 -4.30 -14.59
CA ILE A 370 -10.84 -5.05 -14.12
C ILE A 370 -11.84 -4.12 -13.45
N LEU A 371 -11.34 -3.17 -12.65
CA LEU A 371 -12.21 -2.14 -12.06
C LEU A 371 -12.85 -1.26 -13.14
N GLU A 372 -12.09 -0.94 -14.18
CA GLU A 372 -12.62 -0.14 -15.29
C GLU A 372 -13.70 -0.91 -16.03
N LEU A 373 -13.43 -2.19 -16.29
CA LEU A 373 -14.36 -3.03 -17.02
C LEU A 373 -15.58 -3.43 -16.18
N MET A 374 -15.32 -3.94 -14.97
CA MET A 374 -16.37 -4.57 -14.16
C MET A 374 -16.87 -3.72 -12.98
N GLY A 375 -16.16 -2.65 -12.67
CA GLY A 375 -16.59 -1.68 -11.65
C GLY A 375 -16.91 -0.34 -12.27
N ALA A 376 -16.37 0.72 -11.69
CA ALA A 376 -16.62 2.09 -12.16
C ALA A 376 -15.35 2.80 -12.60
N GLY A 377 -14.22 2.10 -12.54
CA GLY A 377 -12.92 2.64 -12.96
C GLY A 377 -12.42 3.72 -12.03
N THR A 378 -11.58 4.61 -12.56
CA THR A 378 -11.11 5.77 -11.80
C THR A 378 -12.21 6.81 -11.70
N LEU A 379 -12.56 7.18 -10.48
CA LEU A 379 -13.60 8.17 -10.24
C LEU A 379 -12.98 9.56 -10.12
N ASN A 380 -13.49 10.50 -10.90
CA ASN A 380 -13.15 11.89 -10.65
C ASN A 380 -14.34 12.67 -10.10
N LYS A 381 -14.20 13.07 -8.84
CA LYS A 381 -15.29 13.55 -8.01
C LYS A 381 -15.89 14.90 -8.42
N GLU A 382 -15.50 15.42 -9.58
CA GLU A 382 -16.11 16.65 -10.09
C GLU A 382 -16.98 16.45 -11.35
N LEU A 383 -16.97 15.26 -11.91
CA LEU A 383 -17.91 14.91 -12.99
C LEU A 383 -18.98 13.94 -12.48
N LEU A 384 -19.05 13.81 -11.16
CA LEU A 384 -19.96 12.87 -10.50
C LEU A 384 -20.88 13.58 -9.51
N ASN A 385 -22.16 13.26 -9.59
CA ASN A 385 -23.10 13.63 -8.53
C ASN A 385 -22.66 12.95 -7.25
N ASP A 386 -22.70 13.68 -6.15
CA ASP A 386 -22.22 13.21 -4.84
C ASP A 386 -22.77 11.84 -4.43
N ASN A 387 -24.09 11.67 -4.57
CA ASN A 387 -24.76 10.41 -4.24
C ASN A 387 -24.35 9.27 -5.17
N HIS A 388 -24.27 9.56 -6.47
CA HIS A 388 -23.86 8.59 -7.47
C HIS A 388 -22.41 8.16 -7.23
N ALA A 389 -21.56 9.13 -6.93
CA ALA A 389 -20.15 8.88 -6.60
C ALA A 389 -19.98 7.87 -5.47
N LYS A 390 -20.88 7.90 -4.49
CA LYS A 390 -20.82 6.98 -3.35
C LYS A 390 -21.21 5.55 -3.72
N SER A 391 -22.18 5.41 -4.63
CA SER A 391 -22.56 4.09 -5.15
C SER A 391 -21.42 3.50 -5.98
N LEU A 392 -20.81 4.33 -6.82
CA LEU A 392 -19.68 3.92 -7.65
C LEU A 392 -18.47 3.46 -6.81
N GLU A 393 -18.24 4.15 -5.69
CA GLU A 393 -17.21 3.77 -4.72
C GLU A 393 -17.44 2.36 -4.18
N GLY A 394 -18.69 2.06 -3.85
CA GLY A 394 -19.10 0.75 -3.34
C GLY A 394 -18.95 -0.36 -4.37
N LYS A 395 -19.27 -0.03 -5.61
CA LYS A 395 -19.13 -0.96 -6.73
C LYS A 395 -17.67 -1.34 -6.95
N ASN A 396 -16.78 -0.34 -6.88
CA ASN A 396 -15.33 -0.58 -6.97
C ASN A 396 -14.82 -1.45 -5.83
N ARG A 397 -15.25 -1.14 -4.60
CA ARG A 397 -14.82 -1.87 -3.41
C ARG A 397 -15.06 -3.38 -3.51
N SER A 398 -16.28 -3.75 -3.92
CA SER A 398 -16.67 -5.16 -4.04
C SER A 398 -15.79 -5.91 -5.04
N VAL A 399 -15.58 -5.30 -6.20
CA VAL A 399 -14.75 -5.89 -7.26
C VAL A 399 -13.30 -6.00 -6.80
N GLU A 400 -12.78 -4.92 -6.23
CA GLU A 400 -11.40 -4.88 -5.75
C GLU A 400 -11.12 -5.93 -4.68
N ASP A 401 -12.02 -6.04 -3.71
CA ASP A 401 -11.87 -7.01 -2.63
C ASP A 401 -11.92 -8.45 -3.14
N SER A 402 -12.79 -8.71 -4.11
CA SER A 402 -12.86 -10.02 -4.77
C SER A 402 -11.57 -10.35 -5.51
N TYR A 403 -11.06 -9.36 -6.25
CA TYR A 403 -9.81 -9.53 -6.99
C TYR A 403 -8.65 -9.85 -6.05
N ASN A 404 -8.48 -9.02 -5.02
CA ASN A 404 -7.40 -9.21 -4.05
C ASN A 404 -7.48 -10.54 -3.32
N GLN A 405 -8.70 -10.94 -2.95
CA GLN A 405 -8.91 -12.20 -2.25
C GLN A 405 -8.64 -13.40 -3.16
N LEU A 406 -9.06 -13.31 -4.42
CA LEU A 406 -8.74 -14.36 -5.38
C LEU A 406 -7.23 -14.54 -5.45
N PHE A 407 -6.50 -13.45 -5.61
CA PHE A 407 -5.07 -13.57 -5.86
C PHE A 407 -4.25 -13.96 -4.64
N SER A 408 -4.77 -13.69 -3.45
CA SER A 408 -4.20 -14.24 -2.21
C SER A 408 -4.36 -15.76 -2.15
N VAL A 409 -5.53 -16.26 -2.56
CA VAL A 409 -5.79 -17.69 -2.66
C VAL A 409 -4.88 -18.33 -3.71
N ILE A 410 -4.77 -17.69 -4.88
CA ILE A 410 -3.93 -18.19 -5.97
C ILE A 410 -2.46 -18.32 -5.54
N GLU A 411 -1.97 -17.33 -4.80
CA GLU A 411 -0.59 -17.39 -4.29
C GLU A 411 -0.38 -18.59 -3.37
N GLN A 412 -1.37 -18.90 -2.54
CA GLN A 412 -1.28 -20.08 -1.68
C GLN A 412 -1.37 -21.38 -2.49
N VAL A 413 -2.30 -21.43 -3.44
CA VAL A 413 -2.44 -22.59 -4.31
C VAL A 413 -1.15 -22.83 -5.11
N ARG A 414 -0.55 -21.75 -5.62
CA ARG A 414 0.67 -21.83 -6.41
C ARG A 414 1.84 -22.52 -5.70
N ALA A 415 1.89 -22.37 -4.37
CA ALA A 415 2.95 -22.99 -3.55
C ALA A 415 2.80 -24.50 -3.37
N GLN A 416 1.59 -25.01 -3.56
CA GLN A 416 1.28 -26.42 -3.29
C GLN A 416 1.85 -27.40 -4.32
N SER A 417 2.04 -26.91 -5.56
CA SER A 417 2.48 -27.73 -6.69
C SER A 417 3.07 -26.87 -7.79
N GLU A 418 3.78 -27.48 -8.73
CA GLU A 418 4.31 -26.74 -9.88
C GLU A 418 3.20 -26.38 -10.87
N ASP A 419 2.18 -27.22 -10.97
CA ASP A 419 1.03 -26.97 -11.85
C ASP A 419 -0.22 -26.66 -11.00
N ILE A 420 -0.59 -25.39 -10.95
CA ILE A 420 -1.70 -24.92 -10.10
C ILE A 420 -3.06 -25.51 -10.47
N SER A 421 -3.22 -25.89 -11.74
CA SER A 421 -4.48 -26.43 -12.23
C SER A 421 -4.78 -27.84 -11.72
N THR A 422 -3.80 -28.48 -11.07
CA THR A 422 -3.98 -29.83 -10.56
C THR A 422 -4.05 -29.94 -9.03
N VAL A 423 -4.06 -28.79 -8.35
CA VAL A 423 -4.21 -28.75 -6.89
C VAL A 423 -5.70 -28.79 -6.53
N PRO A 424 -6.17 -29.90 -5.90
CA PRO A 424 -7.57 -29.95 -5.48
C PRO A 424 -7.82 -29.03 -4.30
N ILE A 425 -8.98 -28.38 -4.32
CA ILE A 425 -9.37 -27.46 -3.26
C ILE A 425 -10.74 -27.90 -2.77
N HIS A 426 -10.87 -28.05 -1.45
CA HIS A 426 -12.18 -28.29 -0.83
C HIS A 426 -12.64 -27.07 -0.06
N TYR A 427 -13.96 -26.91 0.03
CA TYR A 427 -14.57 -25.84 0.80
C TYR A 427 -15.48 -26.36 1.90
N ALA A 428 -15.41 -25.72 3.06
CA ALA A 428 -16.34 -25.99 4.15
C ALA A 428 -17.72 -25.38 3.88
N TYR A 429 -18.76 -26.10 4.26
CA TYR A 429 -20.13 -25.61 4.19
C TYR A 429 -20.80 -25.79 5.54
N ASN A 430 -21.88 -25.04 5.79
CA ASN A 430 -22.80 -25.38 6.87
C ASN A 430 -24.25 -25.13 6.45
N MET A 431 -25.19 -25.74 7.16
CA MET A 431 -26.61 -25.49 6.98
C MET A 431 -26.97 -24.23 7.72
N THR A 432 -27.66 -23.31 7.04
CA THR A 432 -28.20 -22.11 7.69
C THR A 432 -29.58 -22.43 8.27
N ARG A 433 -30.14 -21.45 8.97
CA ARG A 433 -31.45 -21.56 9.61
C ARG A 433 -32.60 -21.77 8.63
N VAL A 434 -32.37 -21.45 7.36
CA VAL A 434 -33.36 -21.69 6.31
C VAL A 434 -33.02 -22.91 5.44
N GLY A 435 -32.15 -23.77 5.96
CA GLY A 435 -31.85 -25.07 5.34
C GLY A 435 -31.02 -25.03 4.06
N ARG A 436 -30.29 -23.93 3.87
CA ARG A 436 -29.41 -23.80 2.70
C ARG A 436 -27.98 -24.18 3.05
N MET A 437 -27.29 -24.80 2.10
CA MET A 437 -25.88 -25.15 2.27
C MET A 437 -24.99 -23.99 1.83
N GLN A 438 -24.53 -23.25 2.82
CA GLN A 438 -23.76 -22.04 2.59
C GLN A 438 -22.27 -22.38 2.62
N MET A 439 -21.58 -22.03 1.54
CA MET A 439 -20.13 -22.14 1.52
C MET A 439 -19.58 -21.06 2.44
N LEU A 440 -18.74 -21.45 3.39
CA LEU A 440 -18.22 -20.49 4.37
C LEU A 440 -17.22 -19.53 3.73
N GLY A 441 -17.21 -18.29 4.21
CA GLY A 441 -16.34 -17.25 3.66
C GLY A 441 -17.08 -16.32 2.72
N LYS A 442 -16.54 -15.11 2.56
CA LYS A 442 -17.16 -14.06 1.77
C LYS A 442 -16.80 -14.13 0.29
N TYR A 443 -15.59 -14.62 -0.01
CA TYR A 443 -15.02 -14.53 -1.35
C TYR A 443 -14.69 -15.89 -1.95
N ASN A 444 -15.69 -16.76 -2.04
CA ASN A 444 -15.50 -18.10 -2.56
C ASN A 444 -16.33 -18.28 -3.85
N PRO A 445 -16.19 -19.43 -4.54
CA PRO A 445 -16.98 -19.66 -5.77
C PRO A 445 -18.50 -19.52 -5.63
N GLN A 446 -19.07 -19.87 -4.50
CA GLN A 446 -20.54 -19.74 -4.33
C GLN A 446 -21.00 -18.29 -4.20
N SER A 447 -20.16 -17.43 -3.62
CA SER A 447 -20.57 -16.08 -3.26
C SER A 447 -20.04 -14.97 -4.16
N ALA A 448 -18.91 -15.24 -4.82
CA ALA A 448 -18.21 -14.20 -5.58
C ALA A 448 -18.06 -14.59 -7.04
N LYS A 449 -18.69 -13.82 -7.92
CA LYS A 449 -18.71 -14.12 -9.35
C LYS A 449 -17.32 -14.09 -10.00
N LEU A 450 -16.47 -13.15 -9.57
CA LEU A 450 -15.09 -13.10 -10.05
C LEU A 450 -14.38 -14.43 -9.77
N VAL A 451 -14.48 -14.89 -8.52
CA VAL A 451 -13.84 -16.13 -8.06
C VAL A 451 -14.45 -17.36 -8.74
N ARG A 452 -15.77 -17.33 -8.94
CA ARG A 452 -16.50 -18.42 -9.56
C ARG A 452 -15.98 -18.81 -10.94
N GLU A 453 -15.40 -17.85 -11.66
CA GLU A 453 -14.86 -18.12 -13.00
C GLU A 453 -13.38 -18.47 -12.99
N ALA A 454 -12.78 -18.52 -11.80
CA ALA A 454 -11.36 -18.89 -11.68
C ALA A 454 -11.14 -20.21 -10.92
N ILE A 455 -12.06 -20.54 -10.02
CA ILE A 455 -11.98 -21.78 -9.22
C ILE A 455 -13.29 -22.55 -9.38
N LEU A 456 -13.22 -23.72 -10.02
CA LEU A 456 -14.41 -24.46 -10.47
C LEU A 456 -14.32 -25.98 -10.23
N PRO A 457 -15.48 -26.62 -9.93
CA PRO A 457 -15.54 -28.08 -9.79
C PRO A 457 -15.98 -28.77 -11.08
N THR A 458 -16.33 -27.95 -12.07
CA THR A 458 -16.91 -28.42 -13.30
C THR A 458 -15.76 -28.69 -14.25
N LYS A 459 -15.83 -29.82 -14.93
CA LYS A 459 -14.76 -30.29 -15.80
C LYS A 459 -15.35 -31.26 -16.78
N ALA A 460 -14.89 -31.17 -18.01
CA ALA A 460 -15.30 -32.09 -19.03
C ALA A 460 -14.24 -32.12 -20.11
N THR A 461 -14.08 -33.29 -20.71
CA THR A 461 -13.28 -33.44 -21.92
C THR A 461 -14.29 -33.67 -23.03
N LEU A 462 -14.34 -32.72 -23.96
CA LEU A 462 -15.37 -32.73 -25.00
C LEU A 462 -14.81 -33.00 -26.38
N ASP A 463 -15.60 -33.71 -27.19
CA ASP A 463 -15.31 -33.89 -28.60
C ASP A 463 -15.97 -32.76 -29.40
N LEU A 464 -15.19 -31.73 -29.68
CA LEU A 464 -15.68 -30.54 -30.38
C LEU A 464 -15.20 -30.49 -31.83
N SER A 465 -14.79 -31.65 -32.35
CA SER A 465 -14.27 -31.75 -33.72
C SER A 465 -15.36 -31.61 -34.78
N ASN A 466 -16.60 -31.89 -34.38
CA ASN A 466 -17.76 -31.78 -35.25
C ASN A 466 -18.83 -30.92 -34.57
N GLN A 467 -19.19 -29.81 -35.22
CA GLN A 467 -20.17 -28.88 -34.65
C GLN A 467 -21.58 -29.48 -34.56
N ASN A 468 -21.74 -30.69 -35.11
CA ASN A 468 -22.98 -31.46 -35.01
C ASN A 468 -23.03 -32.44 -33.83
N ASN A 469 -21.90 -32.58 -33.12
CA ASN A 469 -21.82 -33.42 -31.92
C ASN A 469 -22.77 -32.94 -30.81
N GLU A 470 -23.19 -33.87 -29.94
CA GLU A 470 -23.92 -33.48 -28.73
C GLU A 470 -23.00 -32.72 -27.78
N ASP A 471 -21.71 -33.05 -27.80
CA ASP A 471 -20.70 -32.33 -27.01
C ASP A 471 -20.62 -30.87 -27.44
N PHE A 472 -20.71 -30.62 -28.75
CA PHE A 472 -20.67 -29.26 -29.25
C PHE A 472 -21.93 -28.48 -28.87
N SER A 473 -23.07 -29.17 -28.89
CA SER A 473 -24.34 -28.58 -28.47
C SER A 473 -24.31 -28.16 -27.00
N ALA A 474 -23.74 -29.00 -26.14
CA ALA A 474 -23.53 -28.69 -24.73
C ALA A 474 -22.64 -27.46 -24.56
N PHE A 475 -21.55 -27.42 -25.33
CA PHE A 475 -20.60 -26.31 -25.35
C PHE A 475 -21.34 -25.02 -25.72
N GLN A 476 -22.14 -25.10 -26.78
CA GLN A 476 -22.94 -23.95 -27.22
C GLN A 476 -23.89 -23.45 -26.13
N LEU A 477 -24.54 -24.38 -25.43
CA LEU A 477 -25.50 -24.02 -24.40
C LEU A 477 -24.82 -23.22 -23.28
N GLY A 478 -23.65 -23.71 -22.85
CA GLY A 478 -22.82 -23.04 -21.87
C GLY A 478 -22.39 -21.64 -22.28
N LEU A 479 -21.92 -21.52 -23.52
CA LEU A 479 -21.48 -20.23 -24.05
C LEU A 479 -22.64 -19.24 -24.11
N ALA A 480 -23.76 -19.69 -24.67
CA ALA A 480 -24.96 -18.86 -24.83
C ALA A 480 -25.46 -18.34 -23.48
N GLN A 481 -25.59 -19.23 -22.51
CA GLN A 481 -26.07 -18.85 -21.17
C GLN A 481 -25.14 -17.81 -20.55
N ALA A 482 -23.83 -18.04 -20.66
CA ALA A 482 -22.81 -17.12 -20.15
C ALA A 482 -22.89 -15.76 -20.82
N LEU A 483 -23.30 -15.76 -22.08
CA LEU A 483 -23.42 -14.54 -22.88
C LEU A 483 -24.78 -13.86 -22.77
N ASP A 484 -25.59 -14.25 -21.78
CA ASP A 484 -26.89 -13.63 -21.50
C ASP A 484 -28.02 -13.95 -22.49
N ILE A 485 -27.84 -14.99 -23.31
CA ILE A 485 -28.96 -15.56 -24.04
C ILE A 485 -29.78 -16.35 -23.03
N LYS A 486 -31.08 -16.09 -22.97
CA LYS A 486 -31.93 -16.75 -22.00
C LYS A 486 -32.30 -18.14 -22.51
N VAL A 487 -31.40 -19.08 -22.23
CA VAL A 487 -31.42 -20.41 -22.86
C VAL A 487 -32.63 -21.27 -22.49
N HIS A 488 -33.29 -20.96 -21.38
CA HIS A 488 -34.45 -21.72 -20.93
C HIS A 488 -35.71 -21.34 -21.71
N THR A 489 -35.66 -20.24 -22.45
CA THR A 489 -36.83 -19.70 -23.15
C THR A 489 -36.94 -20.15 -24.61
N MET A 490 -35.94 -20.89 -25.08
CA MET A 490 -35.87 -21.31 -26.47
C MET A 490 -35.29 -22.72 -26.55
N THR A 491 -35.65 -23.47 -27.60
CA THR A 491 -35.10 -24.80 -27.81
C THR A 491 -33.60 -24.74 -28.07
N ARG A 492 -32.93 -25.87 -27.91
CA ARG A 492 -31.49 -25.97 -28.14
C ARG A 492 -31.11 -25.53 -29.57
N GLU A 493 -31.92 -25.97 -30.54
CA GLU A 493 -31.71 -25.64 -31.95
C GLU A 493 -31.74 -24.14 -32.21
N VAL A 494 -32.78 -23.48 -31.68
CA VAL A 494 -32.93 -22.02 -31.80
C VAL A 494 -31.79 -21.29 -31.07
N MET A 495 -31.42 -21.80 -29.89
CA MET A 495 -30.30 -21.25 -29.12
C MET A 495 -29.01 -21.26 -29.94
N SER A 496 -28.73 -22.40 -30.58
CA SER A 496 -27.52 -22.57 -31.40
C SER A 496 -27.37 -21.46 -32.44
N ASP A 497 -28.46 -21.12 -33.11
CA ASP A 497 -28.43 -20.09 -34.14
C ASP A 497 -28.24 -18.69 -33.56
N GLU A 498 -28.84 -18.42 -32.40
CA GLU A 498 -28.66 -17.13 -31.73
C GLU A 498 -27.21 -16.93 -31.29
N LEU A 499 -26.59 -17.99 -30.79
CA LEU A 499 -25.18 -17.95 -30.40
C LEU A 499 -24.26 -17.69 -31.59
N THR A 500 -24.44 -18.45 -32.67
CA THR A 500 -23.61 -18.32 -33.88
C THR A 500 -23.60 -16.89 -34.43
N LYS A 501 -24.78 -16.28 -34.50
CA LYS A 501 -24.93 -14.89 -34.95
C LYS A 501 -24.14 -13.92 -34.07
N LEU A 502 -24.18 -14.15 -32.75
CA LEU A 502 -23.50 -13.31 -31.79
C LEU A 502 -21.98 -13.46 -31.90
N LEU A 503 -21.51 -14.70 -31.99
CA LEU A 503 -20.08 -15.01 -32.08
C LEU A 503 -19.45 -14.45 -33.36
N GLU A 504 -20.21 -14.49 -34.45
CA GLU A 504 -19.72 -14.03 -35.75
C GLU A 504 -20.00 -12.54 -35.95
N GLY A 505 -20.84 -11.97 -35.09
CA GLY A 505 -21.23 -10.57 -35.18
C GLY A 505 -20.52 -9.69 -34.16
N ASN A 506 -21.29 -9.16 -33.22
CA ASN A 506 -20.76 -8.22 -32.21
C ASN A 506 -19.57 -8.70 -31.38
N LEU A 507 -19.53 -9.99 -31.08
CA LEU A 507 -18.47 -10.53 -30.23
C LEU A 507 -17.17 -10.83 -30.97
N LYS A 508 -17.22 -10.86 -32.30
CA LYS A 508 -16.08 -11.30 -33.10
C LYS A 508 -14.76 -10.55 -32.81
N PRO A 509 -14.79 -9.20 -32.74
CA PRO A 509 -13.57 -8.48 -32.36
C PRO A 509 -13.02 -8.85 -30.98
N ALA A 510 -13.90 -9.16 -30.04
CA ALA A 510 -13.46 -9.62 -28.71
C ALA A 510 -12.87 -11.03 -28.80
N ILE A 511 -13.52 -11.90 -29.57
CA ILE A 511 -13.02 -13.26 -29.79
C ILE A 511 -11.62 -13.25 -30.44
N ASP A 512 -11.44 -12.40 -31.46
CA ASP A 512 -10.14 -12.21 -32.10
C ASP A 512 -9.05 -11.82 -31.11
N MET A 513 -9.37 -10.88 -30.22
CA MET A 513 -8.46 -10.44 -29.17
C MET A 513 -8.06 -11.59 -28.24
N MET A 514 -9.06 -12.38 -27.84
CA MET A 514 -8.84 -13.50 -26.92
C MET A 514 -8.07 -14.65 -27.59
N VAL A 515 -8.26 -14.79 -28.90
CA VAL A 515 -7.46 -15.74 -29.69
C VAL A 515 -5.98 -15.36 -29.62
N GLU A 516 -5.69 -14.07 -29.80
CA GLU A 516 -4.33 -13.56 -29.68
C GLU A 516 -3.77 -13.73 -28.26
N PHE A 517 -4.59 -13.43 -27.26
CA PHE A 517 -4.19 -13.67 -25.87
C PHE A 517 -3.80 -15.13 -25.63
N ASN A 518 -4.62 -16.05 -26.16
CA ASN A 518 -4.37 -17.48 -26.01
C ASN A 518 -3.29 -18.00 -26.96
N THR A 519 -2.59 -17.08 -27.61
CA THR A 519 -1.47 -17.40 -28.49
C THR A 519 -0.18 -16.80 -27.95
N THR A 520 -0.21 -15.51 -27.61
CA THR A 520 0.98 -14.77 -27.20
C THR A 520 1.00 -14.42 -25.71
N GLY A 521 -0.19 -14.45 -25.09
CA GLY A 521 -0.33 -14.07 -23.69
C GLY A 521 -0.49 -12.58 -23.49
N SER A 522 -0.59 -11.83 -24.59
CA SER A 522 -0.68 -10.38 -24.52
C SER A 522 -2.09 -9.86 -24.82
N LEU A 523 -2.40 -8.73 -24.21
CA LEU A 523 -3.63 -7.97 -24.48
C LEU A 523 -3.24 -6.60 -25.02
N PRO A 524 -4.06 -6.04 -25.93
CA PRO A 524 -3.82 -4.69 -26.42
C PRO A 524 -4.12 -3.63 -25.37
N GLU A 525 -3.61 -2.41 -25.58
CA GLU A 525 -3.88 -1.29 -24.69
C GLU A 525 -5.37 -0.97 -24.55
N ASN A 526 -6.14 -1.20 -25.60
CA ASN A 526 -7.58 -0.90 -25.62
C ASN A 526 -8.48 -2.10 -25.28
N ALA A 527 -7.92 -3.07 -24.56
CA ALA A 527 -8.62 -4.32 -24.22
C ALA A 527 -9.97 -4.10 -23.55
N VAL A 528 -10.03 -3.17 -22.60
CA VAL A 528 -11.27 -2.85 -21.89
C VAL A 528 -12.35 -2.36 -22.87
N ASP A 529 -11.96 -1.43 -23.75
CA ASP A 529 -12.85 -0.90 -24.78
C ASP A 529 -13.36 -2.01 -25.73
N VAL A 530 -12.47 -2.90 -26.13
CA VAL A 530 -12.80 -4.03 -26.99
C VAL A 530 -13.91 -4.90 -26.36
N LEU A 531 -13.70 -5.25 -25.09
CA LEU A 531 -14.65 -6.09 -24.34
C LEU A 531 -15.97 -5.38 -24.09
N ASN A 532 -15.89 -4.12 -23.66
CA ASN A 532 -17.07 -3.29 -23.43
C ASN A 532 -17.99 -3.16 -24.64
N THR A 533 -17.38 -2.81 -25.78
CA THR A 533 -18.14 -2.58 -27.00
C THR A 533 -18.77 -3.88 -27.52
N ALA A 534 -18.00 -4.97 -27.50
CA ALA A 534 -18.48 -6.27 -27.94
C ALA A 534 -19.62 -6.80 -27.06
N LEU A 535 -19.44 -6.74 -25.76
CA LEU A 535 -20.37 -7.34 -24.81
C LEU A 535 -21.63 -6.50 -24.54
N GLY A 536 -21.47 -5.18 -24.46
CA GLY A 536 -22.58 -4.29 -24.11
C GLY A 536 -23.18 -4.72 -22.78
N ASP A 537 -24.50 -4.87 -22.74
CA ASP A 537 -25.16 -5.27 -21.50
C ASP A 537 -25.04 -6.76 -21.16
N ARG A 538 -24.34 -7.51 -22.01
CA ARG A 538 -24.05 -8.93 -21.75
C ARG A 538 -22.85 -9.10 -20.81
N LYS A 539 -22.17 -7.99 -20.54
CA LYS A 539 -20.95 -7.99 -19.72
C LYS A 539 -21.18 -8.59 -18.32
N SER A 540 -20.34 -9.57 -17.99
CA SER A 540 -20.35 -10.24 -16.69
C SER A 540 -19.06 -11.05 -16.59
N PHE A 541 -18.74 -11.53 -15.39
CA PHE A 541 -17.59 -12.41 -15.25
C PHE A 541 -17.74 -13.70 -16.02
N VAL A 542 -18.94 -14.29 -16.01
CA VAL A 542 -19.17 -15.53 -16.74
C VAL A 542 -19.10 -15.32 -18.28
N ALA A 543 -19.48 -14.14 -18.74
CA ALA A 543 -19.30 -13.76 -20.15
C ALA A 543 -17.82 -13.77 -20.56
N LEU A 544 -16.96 -13.31 -19.65
CA LEU A 544 -15.52 -13.34 -19.87
C LEU A 544 -15.00 -14.78 -20.00
N MET A 545 -15.49 -15.66 -19.14
CA MET A 545 -15.21 -17.10 -19.25
C MET A 545 -15.62 -17.66 -20.62
N ALA A 546 -16.79 -17.24 -21.11
CA ALA A 546 -17.29 -17.70 -22.42
C ALA A 546 -16.37 -17.27 -23.57
N LEU A 547 -15.98 -15.99 -23.58
CA LEU A 547 -15.06 -15.47 -24.59
C LEU A 547 -13.72 -16.21 -24.53
N MET A 548 -13.24 -16.43 -23.31
CA MET A 548 -12.03 -17.20 -23.07
C MET A 548 -12.13 -18.62 -23.63
N GLU A 549 -13.18 -19.34 -23.26
CA GLU A 549 -13.30 -20.76 -23.61
C GLU A 549 -13.55 -20.98 -25.10
N TYR A 550 -14.34 -20.11 -25.71
CA TYR A 550 -14.58 -20.22 -27.15
C TYR A 550 -13.28 -19.96 -27.91
N SER A 551 -12.57 -18.90 -27.54
CA SER A 551 -11.27 -18.59 -28.13
C SER A 551 -10.23 -19.71 -27.92
N ARG A 552 -10.27 -20.35 -26.75
CA ARG A 552 -9.40 -21.49 -26.46
C ARG A 552 -9.71 -22.67 -27.38
N TYR A 553 -11.00 -22.93 -27.60
CA TYR A 553 -11.46 -23.95 -28.53
C TYR A 553 -10.93 -23.68 -29.94
N LEU A 554 -10.97 -22.42 -30.36
CA LEU A 554 -10.51 -22.04 -31.70
C LEU A 554 -9.04 -22.35 -31.94
N VAL A 555 -8.21 -22.13 -30.93
CA VAL A 555 -6.76 -22.36 -31.04
C VAL A 555 -6.31 -23.77 -30.62
N ALA A 556 -7.25 -24.56 -30.10
CA ALA A 556 -6.95 -25.90 -29.59
C ALA A 556 -6.37 -26.82 -30.65
N GLU A 557 -5.27 -27.50 -30.31
CA GLU A 557 -4.60 -28.43 -31.21
C GLU A 557 -5.48 -29.64 -31.49
N ASP A 558 -6.03 -30.19 -30.41
CA ASP A 558 -6.89 -31.36 -30.48
C ASP A 558 -8.31 -31.02 -30.03
N LYS A 559 -9.14 -30.61 -30.98
CA LYS A 559 -10.54 -30.26 -30.72
C LYS A 559 -11.37 -31.49 -30.31
N SER A 560 -10.81 -32.68 -30.54
CA SER A 560 -11.47 -33.94 -30.22
C SER A 560 -11.43 -34.27 -28.72
N ALA A 561 -10.53 -33.59 -28.00
CA ALA A 561 -10.40 -33.77 -26.55
C ALA A 561 -10.14 -32.42 -25.87
N PHE A 562 -11.13 -31.53 -25.96
CA PHE A 562 -11.02 -30.19 -25.41
C PHE A 562 -11.47 -30.18 -23.95
N VAL A 563 -10.56 -29.79 -23.07
CA VAL A 563 -10.81 -29.80 -21.63
C VAL A 563 -11.23 -28.39 -21.20
N THR A 564 -12.43 -28.29 -20.63
CA THR A 564 -13.02 -27.01 -20.22
C THR A 564 -13.81 -27.11 -18.92
N PRO A 565 -13.74 -26.08 -18.06
CA PRO A 565 -14.62 -25.96 -16.89
C PRO A 565 -15.91 -25.16 -17.16
N LEU A 566 -16.11 -24.74 -18.40
CA LEU A 566 -17.34 -24.05 -18.77
C LEU A 566 -18.53 -24.89 -18.33
N TYR A 567 -19.56 -24.25 -17.78
CA TYR A 567 -20.69 -24.96 -17.21
C TYR A 567 -22.03 -24.49 -17.78
N VAL A 568 -23.08 -25.24 -17.48
CA VAL A 568 -24.46 -24.78 -17.65
C VAL A 568 -25.11 -24.79 -16.28
N GLU A 569 -25.75 -23.68 -15.93
CA GLU A 569 -26.50 -23.57 -14.69
C GLU A 569 -27.96 -23.94 -14.90
N ALA A 570 -28.40 -25.02 -14.28
CA ALA A 570 -29.82 -25.31 -14.18
C ALA A 570 -30.35 -24.44 -13.05
N ASP A 571 -31.29 -23.56 -13.34
CA ASP A 571 -31.80 -22.65 -12.31
C ASP A 571 -33.32 -22.68 -12.22
N GLY A 572 -33.81 -22.60 -10.99
CA GLY A 572 -35.24 -22.63 -10.71
C GLY A 572 -35.98 -21.44 -11.29
N VAL A 573 -36.98 -21.72 -12.13
CA VAL A 573 -37.77 -20.68 -12.76
C VAL A 573 -38.74 -20.10 -11.74
N THR A 574 -38.59 -18.81 -11.44
CA THR A 574 -39.41 -18.13 -10.42
C THR A 574 -39.60 -19.04 -9.20
N ASN A 575 -38.47 -19.47 -8.66
CA ASN A 575 -38.38 -20.65 -7.78
C ASN A 575 -39.20 -20.59 -6.47
N GLY A 576 -38.92 -19.59 -5.63
CA GLY A 576 -39.61 -19.43 -4.36
C GLY A 576 -41.12 -19.35 -4.52
N PRO A 577 -41.61 -18.40 -5.34
CA PRO A 577 -43.05 -18.31 -5.60
C PRO A 577 -43.70 -19.62 -6.07
N ILE A 578 -43.07 -20.31 -7.02
CA ILE A 578 -43.59 -21.59 -7.53
C ILE A 578 -43.59 -22.67 -6.44
N ASN A 579 -42.49 -22.76 -5.70
CA ASN A 579 -42.43 -23.68 -4.57
C ASN A 579 -43.55 -23.42 -3.55
N ALA A 580 -43.79 -22.15 -3.22
CA ALA A 580 -44.89 -21.79 -2.30
C ALA A 580 -46.23 -22.26 -2.86
N MET A 581 -46.47 -21.95 -4.13
CA MET A 581 -47.71 -22.34 -4.80
C MET A 581 -47.93 -23.86 -4.79
N MET A 582 -46.87 -24.62 -5.03
CA MET A 582 -46.95 -26.09 -4.99
C MET A 582 -47.03 -26.66 -3.58
N LEU A 583 -46.30 -26.07 -2.64
CA LEU A 583 -46.18 -26.64 -1.29
C LEU A 583 -47.31 -26.24 -0.35
N MET A 584 -47.95 -25.10 -0.62
CA MET A 584 -48.84 -24.48 0.35
C MET A 584 -50.24 -24.07 -0.13
N THR A 585 -50.53 -24.26 -1.41
CA THR A 585 -51.91 -24.09 -1.90
C THR A 585 -52.75 -25.22 -1.31
N GLY A 586 -53.87 -24.88 -0.69
CA GLY A 586 -54.60 -25.85 0.14
C GLY A 586 -56.02 -26.25 -0.22
N GLY A 587 -56.59 -25.65 -1.26
CA GLY A 587 -57.97 -25.96 -1.64
C GLY A 587 -58.10 -26.92 -2.81
N LEU A 588 -59.22 -26.84 -3.52
CA LEU A 588 -59.42 -27.60 -4.74
C LEU A 588 -58.61 -26.99 -5.88
N PHE A 589 -58.37 -27.78 -6.92
CA PHE A 589 -57.63 -27.32 -8.10
C PHE A 589 -58.47 -26.34 -8.92
N THR A 590 -57.80 -25.33 -9.46
CA THR A 590 -58.42 -24.32 -10.33
C THR A 590 -57.62 -24.21 -11.62
N PRO A 591 -58.29 -23.91 -12.75
CA PRO A 591 -57.57 -23.79 -14.02
C PRO A 591 -56.51 -22.69 -14.06
N ASP A 592 -56.74 -21.58 -13.35
CA ASP A 592 -55.76 -20.48 -13.26
C ASP A 592 -54.48 -20.96 -12.59
N TRP A 593 -54.63 -21.75 -11.53
CA TRP A 593 -53.47 -22.34 -10.85
C TRP A 593 -52.71 -23.28 -11.78
N ILE A 594 -53.44 -24.06 -12.58
CA ILE A 594 -52.82 -25.00 -13.52
C ILE A 594 -51.99 -24.24 -14.58
N ARG A 595 -52.56 -23.17 -15.13
CA ARG A 595 -51.86 -22.33 -16.10
C ARG A 595 -50.64 -21.65 -15.48
N ASN A 596 -50.82 -21.11 -14.27
CA ASN A 596 -49.74 -20.37 -13.61
C ASN A 596 -48.60 -21.25 -13.11
N ILE A 597 -48.91 -22.45 -12.63
CA ILE A 597 -47.90 -23.39 -12.17
C ILE A 597 -47.07 -23.96 -13.33
N ALA A 598 -47.70 -24.04 -14.51
CA ALA A 598 -47.00 -24.43 -15.74
C ALA A 598 -45.90 -23.44 -16.08
N LYS A 599 -46.11 -22.17 -15.73
CA LYS A 599 -45.08 -21.14 -15.94
C LYS A 599 -43.82 -21.47 -15.14
N GLY A 600 -43.97 -22.29 -14.11
CA GLY A 600 -42.86 -22.73 -13.28
C GLY A 600 -42.38 -24.13 -13.60
N GLY A 601 -42.91 -24.72 -14.66
CA GLY A 601 -42.42 -26.00 -15.15
C GLY A 601 -43.09 -27.25 -14.60
N LEU A 602 -44.24 -27.08 -13.97
CA LEU A 602 -45.08 -28.22 -13.65
C LEU A 602 -46.08 -28.40 -14.78
N PHE A 603 -45.79 -29.36 -15.66
CA PHE A 603 -46.63 -29.62 -16.83
C PHE A 603 -47.50 -30.86 -16.61
N ILE A 604 -48.81 -30.66 -16.77
CA ILE A 604 -49.78 -31.73 -16.58
C ILE A 604 -50.27 -32.22 -17.95
N GLY A 605 -50.19 -33.53 -18.17
CA GLY A 605 -50.69 -34.15 -19.39
C GLY A 605 -49.91 -33.80 -20.65
N SER A 606 -48.60 -33.63 -20.51
CA SER A 606 -47.73 -33.36 -21.65
C SER A 606 -46.42 -34.12 -21.48
N PRO A 607 -46.43 -35.45 -21.77
CA PRO A 607 -45.24 -36.27 -21.57
C PRO A 607 -44.01 -35.66 -22.23
N ASN A 608 -42.92 -35.56 -21.46
CA ASN A 608 -41.61 -35.11 -21.94
C ASN A 608 -41.50 -33.63 -22.34
N LYS A 609 -42.52 -32.85 -21.99
CA LYS A 609 -42.51 -31.41 -22.28
C LYS A 609 -41.43 -30.70 -21.48
N THR A 610 -40.73 -29.77 -22.15
CA THR A 610 -39.66 -28.98 -21.55
C THR A 610 -40.08 -27.53 -21.34
N MET A 611 -39.38 -26.84 -20.45
CA MET A 611 -39.58 -25.42 -20.27
C MET A 611 -39.29 -24.65 -21.57
N ASN A 612 -38.29 -25.10 -22.32
CA ASN A 612 -37.92 -24.49 -23.59
C ASN A 612 -39.08 -24.51 -24.57
N GLU A 613 -39.76 -25.65 -24.65
CA GLU A 613 -40.95 -25.80 -25.49
C GLU A 613 -42.13 -24.97 -24.97
N HIS A 614 -42.34 -24.98 -23.66
CA HIS A 614 -43.42 -24.20 -23.05
C HIS A 614 -43.34 -22.74 -23.43
N ARG A 615 -42.15 -22.16 -23.24
CA ARG A 615 -41.89 -20.75 -23.52
C ARG A 615 -41.99 -20.39 -25.00
N SER A 616 -41.61 -21.32 -25.87
CA SER A 616 -41.59 -21.04 -27.30
C SER A 616 -42.92 -21.28 -28.02
N THR A 617 -43.73 -22.23 -27.50
CA THR A 617 -44.96 -22.65 -28.21
C THR A 617 -46.28 -22.48 -27.45
N ALA A 618 -46.22 -22.34 -26.13
CA ALA A 618 -47.43 -22.32 -25.31
C ALA A 618 -47.71 -21.01 -24.57
N ASP A 619 -46.69 -20.48 -23.90
CA ASP A 619 -46.87 -19.33 -23.02
C ASP A 619 -45.51 -18.69 -22.78
N ASN A 620 -45.31 -17.52 -23.39
CA ASN A 620 -44.05 -16.79 -23.28
C ASN A 620 -43.95 -15.89 -22.05
N ASN A 621 -44.96 -15.96 -21.19
CA ASN A 621 -45.02 -15.11 -20.00
C ASN A 621 -44.79 -15.91 -18.74
N ASP A 622 -43.68 -15.63 -18.03
CA ASP A 622 -43.43 -16.30 -16.76
C ASP A 622 -44.30 -15.70 -15.66
N LEU A 623 -44.17 -16.21 -14.43
CA LEU A 623 -45.02 -15.80 -13.33
C LEU A 623 -44.93 -14.31 -13.02
N TYR A 624 -43.72 -13.75 -13.14
CA TYR A 624 -43.49 -12.33 -12.88
C TYR A 624 -44.09 -11.45 -13.97
N GLN A 625 -43.96 -11.86 -15.24
CA GLN A 625 -44.63 -11.16 -16.35
C GLN A 625 -46.15 -11.20 -16.19
N ALA A 626 -46.66 -12.35 -15.76
CA ALA A 626 -48.08 -12.53 -15.51
C ALA A 626 -48.62 -11.54 -14.47
N SER A 627 -47.87 -11.37 -13.37
CA SER A 627 -48.27 -10.43 -12.32
C SER A 627 -48.19 -8.97 -12.80
N THR A 628 -47.23 -8.69 -13.69
CA THR A 628 -47.10 -7.39 -14.32
C THR A 628 -48.33 -7.09 -15.17
N ASN A 629 -48.80 -8.09 -15.91
CA ASN A 629 -50.05 -7.98 -16.69
C ASN A 629 -51.26 -7.73 -15.78
N ALA A 630 -51.29 -8.38 -14.61
CA ALA A 630 -52.35 -8.21 -13.63
C ALA A 630 -52.29 -6.85 -12.93
N LEU A 631 -51.06 -6.36 -12.73
CA LEU A 631 -50.84 -4.99 -12.26
C LEU A 631 -51.47 -3.99 -13.22
N MET A 632 -51.24 -4.20 -14.52
CA MET A 632 -51.79 -3.33 -15.58
C MET A 632 -53.32 -3.28 -15.54
N GLU A 633 -53.96 -4.38 -15.16
CA GLU A 633 -55.41 -4.45 -15.03
C GLU A 633 -55.91 -3.72 -13.78
N SER A 634 -55.22 -3.93 -12.66
CA SER A 634 -55.55 -3.29 -11.39
C SER A 634 -55.39 -1.78 -11.49
N LEU A 635 -54.35 -1.35 -12.20
CA LEU A 635 -54.07 0.06 -12.46
C LEU A 635 -55.24 0.71 -13.20
N GLY A 636 -55.70 0.03 -14.25
CA GLY A 636 -56.86 0.47 -15.03
C GLY A 636 -58.10 0.64 -14.18
N LYS A 637 -58.35 -0.33 -13.30
CA LYS A 637 -59.46 -0.28 -12.36
C LYS A 637 -59.37 0.91 -11.40
N LEU A 638 -58.16 1.20 -10.92
CA LEU A 638 -57.92 2.32 -10.01
C LEU A 638 -58.21 3.66 -10.69
N ARG A 639 -57.77 3.79 -11.95
CA ARG A 639 -58.03 4.98 -12.75
C ARG A 639 -59.52 5.22 -12.99
N SER A 640 -60.26 4.15 -13.24
CA SER A 640 -61.71 4.22 -13.47
C SER A 640 -62.45 4.69 -12.23
N ASN A 641 -61.97 4.26 -11.07
CA ASN A 641 -62.53 4.66 -9.78
C ASN A 641 -62.42 6.16 -9.52
N TYR A 642 -61.51 6.81 -10.23
CA TYR A 642 -61.25 8.25 -10.07
C TYR A 642 -61.24 8.97 -11.42
N ALA A 643 -61.99 8.44 -12.38
CA ALA A 643 -62.02 8.94 -13.76
C ALA A 643 -62.27 10.45 -13.87
N SER A 644 -63.20 10.95 -13.07
CA SER A 644 -63.59 12.38 -13.10
C SER A 644 -62.64 13.28 -12.32
N ASN A 645 -61.72 12.66 -11.56
CA ASN A 645 -60.79 13.39 -10.70
C ASN A 645 -59.50 13.72 -11.45
N MET A 646 -59.44 14.90 -12.06
CA MET A 646 -58.27 15.31 -12.85
C MET A 646 -56.96 15.42 -12.06
N PRO A 647 -56.99 16.01 -10.84
CA PRO A 647 -55.78 15.98 -10.00
C PRO A 647 -55.22 14.57 -9.75
N ILE A 648 -56.08 13.61 -9.45
CA ILE A 648 -55.66 12.20 -9.25
C ILE A 648 -55.10 11.58 -10.53
N GLN A 649 -55.78 11.78 -11.66
CA GLN A 649 -55.31 11.28 -12.96
C GLN A 649 -53.95 11.84 -13.30
N SER A 650 -53.77 13.15 -13.08
CA SER A 650 -52.51 13.84 -13.34
C SER A 650 -51.39 13.33 -12.44
N GLN A 651 -51.73 13.01 -11.19
CA GLN A 651 -50.76 12.50 -10.22
C GLN A 651 -50.27 11.11 -10.63
N ILE A 652 -51.20 10.23 -11.01
CA ILE A 652 -50.85 8.91 -11.54
C ILE A 652 -49.98 9.04 -12.80
N ASP A 653 -50.38 9.93 -13.72
CA ASP A 653 -49.62 10.20 -14.95
C ASP A 653 -48.18 10.59 -14.68
N SER A 654 -47.97 11.46 -13.69
CA SER A 654 -46.65 11.96 -13.32
C SER A 654 -45.76 10.86 -12.74
N LEU A 655 -46.33 10.02 -11.89
CA LEU A 655 -45.58 8.89 -11.33
C LEU A 655 -45.11 7.96 -12.44
N LEU A 656 -46.02 7.60 -13.34
CA LEU A 656 -45.70 6.70 -14.45
C LEU A 656 -44.71 7.35 -15.42
N SER A 657 -44.85 8.67 -15.62
CA SER A 657 -43.91 9.44 -16.42
C SER A 657 -42.50 9.39 -15.84
N LEU A 658 -42.38 9.67 -14.53
CA LEU A 658 -41.08 9.68 -13.86
C LEU A 658 -40.39 8.31 -13.90
N MET A 659 -41.18 7.25 -13.72
CA MET A 659 -40.68 5.89 -13.81
C MET A 659 -40.22 5.55 -15.24
N ASP A 660 -41.01 5.95 -16.22
CA ASP A 660 -40.68 5.77 -17.64
C ASP A 660 -39.35 6.44 -18.02
N LEU A 661 -39.14 7.65 -17.48
CA LEU A 661 -37.92 8.42 -17.75
C LEU A 661 -36.63 7.70 -17.35
N PHE A 662 -36.69 6.91 -16.28
CA PHE A 662 -35.48 6.39 -15.65
C PHE A 662 -35.38 4.86 -15.52
N LEU A 663 -36.51 4.16 -15.57
CA LEU A 663 -36.50 2.71 -15.37
C LEU A 663 -36.71 1.91 -16.66
N PRO A 664 -35.85 0.89 -16.89
CA PRO A 664 -35.92 0.07 -18.11
C PRO A 664 -37.19 -0.78 -18.24
N ASP A 665 -37.77 -1.19 -17.11
CA ASP A 665 -38.92 -2.12 -17.11
C ASP A 665 -40.30 -1.44 -17.19
N ILE A 666 -40.31 -0.12 -17.37
CA ILE A 666 -41.53 0.66 -17.59
C ILE A 666 -41.36 1.42 -18.91
N ASN A 667 -42.35 1.33 -19.79
CA ASN A 667 -42.35 2.11 -21.02
C ASN A 667 -43.73 2.65 -21.39
N LEU A 668 -43.76 3.95 -21.74
CA LEU A 668 -44.98 4.61 -22.20
C LEU A 668 -44.85 4.95 -23.68
N GLY A 669 -45.82 4.52 -24.47
CA GLY A 669 -45.83 4.80 -25.90
C GLY A 669 -46.29 6.22 -26.22
N GLU A 670 -46.12 6.63 -27.48
CA GLU A 670 -46.50 7.97 -27.95
C GLU A 670 -47.97 8.30 -27.65
N ASN A 671 -48.87 7.37 -27.93
CA ASN A 671 -50.29 7.57 -27.63
C ASN A 671 -50.69 7.17 -26.19
N GLY A 672 -49.70 6.88 -25.37
CA GLY A 672 -49.91 6.65 -23.94
C GLY A 672 -49.96 5.19 -23.49
N ALA A 673 -49.73 4.27 -24.43
CA ALA A 673 -49.80 2.83 -24.15
C ALA A 673 -48.71 2.39 -23.16
N LEU A 674 -49.14 1.76 -22.07
CA LEU A 674 -48.23 1.31 -21.01
C LEU A 674 -47.72 -0.11 -21.25
N GLU A 675 -46.40 -0.26 -21.14
CA GLU A 675 -45.73 -1.55 -21.30
C GLU A 675 -44.86 -1.82 -20.07
N LEU A 676 -45.02 -2.99 -19.46
CA LEU A 676 -44.23 -3.36 -18.29
C LEU A 676 -43.53 -4.71 -18.47
N LYS A 677 -42.28 -4.78 -18.01
CA LYS A 677 -41.49 -6.01 -18.11
C LYS A 677 -41.44 -6.72 -16.76
N ARG A 678 -41.18 -8.03 -16.80
CA ARG A 678 -41.22 -8.89 -15.61
C ARG A 678 -40.37 -8.36 -14.44
N GLY A 679 -39.32 -7.60 -14.78
CA GLY A 679 -38.37 -7.10 -13.81
C GLY A 679 -38.96 -6.24 -12.70
N ILE A 680 -40.02 -5.49 -13.00
CA ILE A 680 -40.64 -4.65 -11.96
C ILE A 680 -41.39 -5.45 -10.89
N ALA A 681 -41.82 -6.67 -11.23
CA ALA A 681 -42.60 -7.49 -10.31
C ALA A 681 -41.80 -8.59 -9.62
N LYS A 682 -40.62 -8.90 -10.16
CA LYS A 682 -39.77 -10.00 -9.70
C LYS A 682 -39.55 -10.02 -8.18
N ASN A 683 -38.90 -8.99 -7.65
CA ASN A 683 -38.68 -8.91 -6.22
C ASN A 683 -39.95 -8.61 -5.40
N PRO A 684 -40.76 -7.62 -5.83
CA PRO A 684 -42.01 -7.37 -5.10
C PRO A 684 -42.90 -8.61 -4.90
N LEU A 685 -43.08 -9.42 -5.94
CA LEU A 685 -43.89 -10.64 -5.85
C LEU A 685 -43.28 -11.58 -4.82
N THR A 686 -41.98 -11.82 -4.97
CA THR A 686 -41.21 -12.71 -4.09
C THR A 686 -41.36 -12.33 -2.63
N ILE A 687 -41.07 -11.06 -2.31
CA ILE A 687 -41.00 -10.63 -0.93
C ILE A 687 -42.37 -10.39 -0.31
N THR A 688 -43.36 -10.12 -1.15
CA THR A 688 -44.76 -10.08 -0.71
C THR A 688 -45.21 -11.43 -0.15
N ILE A 689 -44.95 -12.51 -0.88
CA ILE A 689 -45.26 -13.85 -0.38
C ILE A 689 -44.57 -14.05 0.98
N TYR A 690 -43.34 -13.56 1.10
CA TYR A 690 -42.52 -13.72 2.30
C TYR A 690 -42.84 -12.74 3.44
N GLY A 691 -43.89 -11.94 3.28
CA GLY A 691 -44.42 -11.12 4.36
C GLY A 691 -44.08 -9.64 4.36
N SER A 692 -43.41 -9.16 3.30
CA SER A 692 -43.08 -7.74 3.20
C SER A 692 -44.35 -6.89 3.16
N GLY A 693 -44.28 -5.73 3.80
CA GLY A 693 -45.32 -4.71 3.65
C GLY A 693 -45.18 -4.01 2.32
N ALA A 694 -46.24 -3.30 1.92
CA ALA A 694 -46.23 -2.55 0.67
C ALA A 694 -45.31 -1.32 0.74
N ARG A 695 -45.23 -0.71 1.92
CA ARG A 695 -44.38 0.46 2.13
C ARG A 695 -42.92 0.18 1.78
N GLY A 696 -42.40 -0.96 2.25
CA GLY A 696 -41.03 -1.38 1.96
C GLY A 696 -40.75 -1.49 0.48
N ILE A 697 -41.71 -2.06 -0.25
CA ILE A 697 -41.62 -2.20 -1.71
C ILE A 697 -41.64 -0.84 -2.41
N ALA A 698 -42.53 0.04 -1.95
CA ALA A 698 -42.56 1.41 -2.46
C ALA A 698 -41.20 2.10 -2.28
N GLY A 699 -40.60 1.91 -1.10
CA GLY A 699 -39.27 2.48 -0.81
C GLY A 699 -38.20 2.00 -1.78
N LYS A 700 -38.24 0.71 -2.11
CA LYS A 700 -37.25 0.10 -2.99
C LYS A 700 -37.38 0.60 -4.43
N LEU A 701 -38.62 0.72 -4.91
CA LEU A 701 -38.89 1.26 -6.25
C LEU A 701 -38.43 2.71 -6.37
N VAL A 702 -38.68 3.51 -5.34
CA VAL A 702 -38.22 4.90 -5.31
C VAL A 702 -36.69 4.99 -5.33
N SER A 703 -36.03 4.14 -4.53
CA SER A 703 -34.57 4.06 -4.53
C SER A 703 -34.01 3.77 -5.91
N SER A 704 -34.65 2.86 -6.64
CA SER A 704 -34.23 2.54 -8.01
C SER A 704 -34.41 3.73 -8.95
N VAL A 705 -35.49 4.48 -8.76
CA VAL A 705 -35.71 5.72 -9.53
C VAL A 705 -34.65 6.77 -9.18
N THR A 706 -34.45 7.02 -7.89
CA THR A 706 -33.49 8.05 -7.46
C THR A 706 -32.03 7.71 -7.80
N ASP A 707 -31.68 6.42 -7.74
CA ASP A 707 -30.38 5.94 -8.19
C ASP A 707 -30.11 6.38 -9.63
N ALA A 708 -31.12 6.18 -10.49
CA ALA A 708 -31.04 6.50 -11.90
C ALA A 708 -31.02 8.02 -12.14
N ILE A 709 -31.74 8.76 -11.31
CA ILE A 709 -31.72 10.23 -11.38
C ILE A 709 -30.31 10.77 -11.07
N TYR A 710 -29.72 10.31 -9.97
CA TYR A 710 -28.37 10.74 -9.56
C TYR A 710 -27.31 10.39 -10.60
N GLU A 711 -27.45 9.22 -11.22
CA GLU A 711 -26.56 8.80 -12.31
C GLU A 711 -26.72 9.73 -13.51
N ARG A 712 -27.96 10.07 -13.83
CA ARG A 712 -28.26 11.00 -14.92
C ARG A 712 -27.66 12.38 -14.64
N MET A 713 -27.56 12.75 -13.36
CA MET A 713 -26.94 14.00 -12.94
C MET A 713 -25.43 14.03 -13.21
N SER A 714 -24.79 12.86 -13.14
CA SER A 714 -23.38 12.73 -13.51
C SER A 714 -23.23 12.83 -15.02
N ASP A 715 -24.17 12.22 -15.74
CA ASP A 715 -24.23 12.32 -17.21
C ASP A 715 -24.32 13.79 -17.65
N VAL A 716 -24.94 14.62 -16.81
CA VAL A 716 -25.05 16.06 -17.05
C VAL A 716 -23.71 16.77 -16.88
N LEU A 717 -23.05 16.53 -15.74
CA LEU A 717 -21.75 17.11 -15.44
C LEU A 717 -20.70 16.72 -16.47
N LYS A 718 -20.83 15.51 -17.02
CA LYS A 718 -19.91 15.00 -18.03
C LYS A 718 -20.21 15.59 -19.42
N ALA A 719 -21.48 15.94 -19.66
CA ALA A 719 -21.89 16.58 -20.91
C ALA A 719 -21.48 18.05 -20.94
N ARG A 720 -21.59 18.71 -19.80
CA ARG A 720 -21.19 20.12 -19.66
C ARG A 720 -19.68 20.32 -19.78
N ALA A 721 -18.90 19.36 -19.31
CA ALA A 721 -17.45 19.42 -19.41
C ALA A 721 -17.00 19.22 -20.86
N LYS A 722 -17.68 18.31 -21.55
CA LYS A 722 -17.46 18.03 -22.97
C LYS A 722 -17.91 19.21 -23.85
N ASP A 723 -18.97 19.89 -23.40
CA ASP A 723 -19.55 21.00 -24.15
C ASP A 723 -20.20 22.00 -23.19
N PRO A 724 -19.55 23.16 -22.94
CA PRO A 724 -20.08 24.16 -22.02
C PRO A 724 -21.35 24.84 -22.54
N ASN A 725 -21.58 24.78 -23.84
CA ASN A 725 -22.73 25.43 -24.45
C ASN A 725 -23.88 24.47 -24.77
N ILE A 726 -23.89 23.33 -24.08
CA ILE A 726 -25.00 22.38 -24.17
C ILE A 726 -26.15 22.87 -23.28
N SER A 727 -27.38 22.70 -23.76
CA SER A 727 -28.57 23.04 -23.00
C SER A 727 -28.78 22.00 -21.89
N ALA A 728 -29.45 22.43 -20.82
CA ALA A 728 -29.78 21.53 -19.71
C ALA A 728 -30.59 20.32 -20.18
N ALA A 729 -31.41 20.54 -21.22
CA ALA A 729 -32.24 19.48 -21.80
C ALA A 729 -31.43 18.43 -22.56
N MET A 730 -30.42 18.89 -23.32
CA MET A 730 -29.54 17.98 -24.05
C MET A 730 -28.52 17.31 -23.13
N ALA A 731 -28.14 18.00 -22.05
CA ALA A 731 -27.20 17.46 -21.07
C ALA A 731 -27.83 16.32 -20.27
N MET A 732 -29.13 16.41 -20.03
CA MET A 732 -29.84 15.44 -19.21
C MET A 732 -30.57 14.38 -20.05
N PHE A 733 -31.02 14.78 -21.25
CA PHE A 733 -31.84 13.88 -22.08
C PHE A 733 -31.38 13.76 -23.54
N GLY A 734 -30.14 14.14 -23.81
CA GLY A 734 -29.58 14.04 -25.17
C GLY A 734 -29.44 12.61 -25.65
N LYS A 735 -28.90 11.76 -24.78
CA LYS A 735 -28.74 10.33 -25.07
C LYS A 735 -30.09 9.60 -25.16
N GLN A 736 -31.12 10.22 -24.60
CA GLN A 736 -32.44 9.62 -24.50
C GLN A 736 -33.40 10.08 -25.60
N ALA A 737 -33.14 11.25 -26.18
CA ALA A 737 -34.05 11.87 -27.15
C ALA A 737 -33.65 11.67 -28.60
N ALA A 738 -34.63 11.82 -29.50
CA ALA A 738 -34.39 11.76 -30.93
C ALA A 738 -33.81 13.09 -31.43
N SER A 739 -34.53 14.18 -31.19
CA SER A 739 -34.08 15.53 -31.55
C SER A 739 -33.72 16.32 -30.30
N GLU A 740 -33.78 17.65 -30.38
CA GLU A 740 -33.60 18.49 -29.20
C GLU A 740 -34.93 18.92 -28.58
N ALA A 741 -35.92 19.20 -29.43
CA ALA A 741 -37.27 19.54 -28.97
C ALA A 741 -37.82 18.40 -28.12
N HIS A 742 -37.45 17.18 -28.46
CA HIS A 742 -37.74 15.99 -27.68
C HIS A 742 -37.09 16.02 -26.30
N ALA A 743 -35.82 16.41 -26.25
CA ALA A 743 -35.09 16.52 -24.98
C ALA A 743 -35.69 17.61 -24.10
N GLU A 744 -36.29 18.61 -24.74
CA GLU A 744 -36.95 19.70 -24.04
C GLU A 744 -38.25 19.24 -23.38
N GLU A 745 -39.01 18.40 -24.08
CA GLU A 745 -40.26 17.87 -23.52
C GLU A 745 -40.02 16.77 -22.49
N LEU A 746 -38.87 16.11 -22.58
CA LEU A 746 -38.45 15.13 -21.56
C LEU A 746 -38.02 15.86 -20.28
N LEU A 747 -37.31 16.97 -20.44
CA LEU A 747 -36.90 17.81 -19.31
C LEU A 747 -38.09 18.46 -18.61
N ALA A 748 -39.03 18.97 -19.42
CA ALA A 748 -40.25 19.55 -18.88
C ALA A 748 -41.02 18.52 -18.07
N ARG A 749 -41.13 17.30 -18.59
CA ARG A 749 -41.73 16.18 -17.89
C ARG A 749 -41.07 15.95 -16.52
N PHE A 750 -39.74 15.82 -16.51
CA PHE A 750 -39.00 15.58 -15.27
C PHE A 750 -39.31 16.61 -14.18
N LEU A 751 -39.19 17.89 -14.54
CA LEU A 751 -39.42 18.99 -13.60
C LEU A 751 -40.86 19.02 -13.09
N LYS A 752 -41.82 18.81 -13.99
CA LYS A 752 -43.23 18.75 -13.65
C LYS A 752 -43.52 17.57 -12.73
N ASP A 753 -42.97 16.40 -13.08
CA ASP A 753 -43.14 15.18 -12.28
C ASP A 753 -42.59 15.34 -10.87
N MET A 754 -41.36 15.83 -10.76
CA MET A 754 -40.71 16.02 -9.47
C MET A 754 -41.44 17.03 -8.60
N GLU A 755 -41.94 18.10 -9.21
CA GLU A 755 -42.70 19.11 -8.49
C GLU A 755 -43.98 18.53 -7.88
N THR A 756 -44.82 17.89 -8.71
CA THR A 756 -46.11 17.39 -8.21
C THR A 756 -45.98 16.18 -7.28
N LEU A 757 -45.02 15.32 -7.54
CA LEU A 757 -44.83 14.13 -6.70
C LEU A 757 -44.20 14.42 -5.33
N THR A 758 -43.54 15.58 -5.20
CA THR A 758 -43.02 16.00 -3.89
C THR A 758 -43.90 17.01 -3.16
N SER A 759 -44.70 17.77 -3.91
CA SER A 759 -45.57 18.77 -3.28
C SER A 759 -46.92 18.20 -2.87
N THR A 760 -47.30 17.08 -3.48
CA THR A 760 -48.62 16.48 -3.27
C THR A 760 -48.52 14.96 -3.04
N VAL A 761 -49.26 14.47 -2.06
CA VAL A 761 -49.31 13.03 -1.75
C VAL A 761 -50.73 12.49 -1.65
N PRO A 762 -50.95 11.23 -2.08
CA PRO A 762 -52.22 10.55 -1.86
C PRO A 762 -52.30 10.01 -0.43
N VAL A 763 -53.45 10.22 0.20
CA VAL A 763 -53.73 9.66 1.52
C VAL A 763 -55.05 8.89 1.44
N LYS A 764 -55.11 7.74 2.08
CA LYS A 764 -56.33 6.93 2.08
C LYS A 764 -57.20 7.31 3.28
N ARG A 765 -58.40 7.81 2.99
CA ARG A 765 -59.35 8.23 4.02
C ARG A 765 -60.70 7.58 3.80
N LYS A 766 -60.99 6.58 4.62
CA LYS A 766 -62.23 5.79 4.53
C LYS A 766 -62.33 5.06 3.18
N GLY A 767 -61.21 4.47 2.75
CA GLY A 767 -61.15 3.71 1.52
C GLY A 767 -61.08 4.54 0.25
N VAL A 768 -60.94 5.85 0.41
CA VAL A 768 -60.84 6.77 -0.73
C VAL A 768 -59.49 7.48 -0.73
N LEU A 769 -58.87 7.56 -1.89
CA LEU A 769 -57.63 8.32 -2.05
C LEU A 769 -57.91 9.81 -2.18
N GLU A 770 -57.24 10.60 -1.36
CA GLU A 770 -57.36 12.05 -1.36
C GLU A 770 -55.98 12.67 -1.46
N LEU A 771 -55.82 13.65 -2.34
CA LEU A 771 -54.55 14.35 -2.46
C LEU A 771 -54.40 15.41 -1.37
N GLN A 772 -53.20 15.46 -0.79
CA GLN A 772 -52.87 16.40 0.27
C GLN A 772 -51.57 17.13 -0.06
N SER A 773 -51.51 18.42 0.27
CA SER A 773 -50.30 19.21 0.10
C SER A 773 -49.30 18.88 1.20
N THR A 774 -48.04 18.71 0.81
CA THR A 774 -46.97 18.41 1.76
C THR A 774 -46.40 19.69 2.35
N GLY A 775 -46.36 20.75 1.53
CA GLY A 775 -45.72 22.00 1.92
C GLY A 775 -44.20 21.95 1.82
N THR A 776 -43.67 20.78 1.46
CA THR A 776 -42.23 20.55 1.36
C THR A 776 -41.82 20.17 -0.07
N GLY A 777 -42.59 20.65 -1.05
CA GLY A 777 -42.34 20.37 -2.45
C GLY A 777 -40.99 20.85 -2.94
N ALA A 778 -40.44 20.15 -3.93
CA ALA A 778 -39.15 20.51 -4.48
C ALA A 778 -39.25 21.68 -5.45
N LYS A 779 -38.49 22.74 -5.15
CA LYS A 779 -38.36 23.86 -6.07
C LYS A 779 -36.97 24.49 -5.98
N GLY A 780 -36.53 25.07 -7.08
CA GLY A 780 -35.20 25.68 -7.17
C GLY A 780 -34.40 25.15 -8.34
N LYS A 781 -33.34 25.87 -8.68
CA LYS A 781 -32.40 25.47 -9.72
C LYS A 781 -31.66 24.20 -9.28
N ILE A 782 -31.52 23.26 -10.21
CA ILE A 782 -30.83 22.01 -9.93
C ILE A 782 -29.31 22.16 -10.14
N ASN A 783 -28.56 21.90 -9.08
CA ASN A 783 -27.10 21.77 -9.15
C ASN A 783 -26.76 20.28 -9.24
N PRO A 784 -26.40 19.79 -10.44
CA PRO A 784 -26.23 18.36 -10.72
C PRO A 784 -25.20 17.66 -9.82
N LYS A 785 -24.28 18.45 -9.27
CA LYS A 785 -23.22 17.95 -8.41
C LYS A 785 -23.70 17.56 -7.01
N THR A 786 -24.43 18.46 -6.37
CA THR A 786 -24.88 18.27 -4.99
C THR A 786 -26.33 17.77 -4.89
N TYR A 787 -27.02 17.71 -6.03
CA TYR A 787 -28.44 17.35 -6.09
C TYR A 787 -28.76 16.10 -5.27
N THR A 788 -29.61 16.26 -4.26
CA THR A 788 -30.01 15.16 -3.39
C THR A 788 -31.49 15.33 -3.03
N ILE A 789 -32.25 14.25 -3.21
CA ILE A 789 -33.67 14.24 -2.85
C ILE A 789 -33.80 13.93 -1.35
N LYS A 790 -34.14 14.96 -0.58
CA LYS A 790 -34.12 14.88 0.88
C LYS A 790 -35.29 14.09 1.48
N GLY A 791 -35.08 13.61 2.71
CA GLY A 791 -36.02 12.77 3.44
C GLY A 791 -37.50 13.01 3.23
N GLU A 792 -37.94 14.25 3.45
CA GLU A 792 -39.35 14.63 3.28
C GLU A 792 -39.85 14.48 1.84
N GLN A 793 -38.98 14.77 0.89
CA GLN A 793 -39.30 14.61 -0.52
C GLN A 793 -39.27 13.14 -0.94
N LEU A 794 -38.38 12.36 -0.31
CA LEU A 794 -38.35 10.90 -0.50
C LEU A 794 -39.62 10.25 0.04
N LYS A 795 -40.08 10.71 1.21
CA LYS A 795 -41.32 10.23 1.81
C LYS A 795 -42.51 10.47 0.89
N ALA A 796 -42.55 11.65 0.27
CA ALA A 796 -43.60 12.02 -0.68
C ALA A 796 -43.60 11.16 -1.94
N LEU A 797 -42.41 10.91 -2.49
CA LEU A 797 -42.28 10.02 -3.64
C LEU A 797 -42.79 8.62 -3.29
N GLN A 798 -42.42 8.16 -2.10
CA GLN A 798 -42.83 6.86 -1.58
C GLN A 798 -44.34 6.74 -1.43
N GLU A 799 -44.97 7.80 -0.93
CA GLU A 799 -46.42 7.81 -0.76
C GLU A 799 -47.15 7.72 -2.09
N ASN A 800 -46.63 8.42 -3.10
CA ASN A 800 -47.18 8.33 -4.45
C ASN A 800 -46.99 6.95 -5.05
N MET A 801 -45.76 6.43 -4.91
CA MET A 801 -45.43 5.08 -5.37
C MET A 801 -46.30 4.02 -4.73
N LEU A 802 -46.49 4.13 -3.41
CA LEU A 802 -47.32 3.21 -2.65
C LEU A 802 -48.75 3.11 -3.20
N HIS A 803 -49.44 4.23 -3.24
CA HIS A 803 -50.86 4.23 -3.58
C HIS A 803 -51.19 4.11 -5.06
N PHE A 804 -50.29 4.57 -5.92
CA PHE A 804 -50.56 4.60 -7.36
C PHE A 804 -49.85 3.50 -8.17
N PHE A 805 -48.96 2.74 -7.52
CA PHE A 805 -48.25 1.68 -8.23
C PHE A 805 -48.18 0.37 -7.43
N VAL A 806 -47.70 0.45 -6.19
CA VAL A 806 -47.47 -0.75 -5.37
C VAL A 806 -48.77 -1.47 -4.97
N GLU A 807 -49.78 -0.71 -4.54
CA GLU A 807 -51.07 -1.31 -4.18
C GLU A 807 -51.72 -2.08 -5.34
N PRO A 808 -51.81 -1.46 -6.55
CA PRO A 808 -52.20 -2.21 -7.74
C PRO A 808 -51.35 -3.47 -7.98
N LEU A 809 -50.03 -3.36 -7.80
CA LEU A 809 -49.12 -4.49 -8.00
C LEU A 809 -49.42 -5.63 -7.02
N ARG A 810 -49.70 -5.27 -5.76
CA ARG A 810 -50.05 -6.22 -4.72
C ARG A 810 -51.36 -6.95 -5.03
N ASN A 811 -52.31 -6.22 -5.60
CA ASN A 811 -53.54 -6.84 -6.08
C ASN A 811 -53.27 -7.84 -7.19
N GLY A 812 -52.40 -7.46 -8.12
CA GLY A 812 -51.96 -8.34 -9.20
C GLY A 812 -51.26 -9.59 -8.68
N ILE A 813 -50.40 -9.39 -7.68
CA ILE A 813 -49.66 -10.50 -7.05
C ILE A 813 -50.63 -11.56 -6.50
N THR A 814 -51.59 -11.13 -5.69
CA THR A 814 -52.57 -12.04 -5.11
C THR A 814 -53.35 -12.81 -6.20
N GLN A 815 -53.70 -12.11 -7.27
CA GLN A 815 -54.41 -12.70 -8.40
C GLN A 815 -53.58 -13.80 -9.07
N THR A 816 -52.27 -13.58 -9.14
CA THR A 816 -51.35 -14.47 -9.85
C THR A 816 -50.98 -15.72 -9.04
N VAL A 817 -50.64 -15.54 -7.76
CA VAL A 817 -50.20 -16.66 -6.92
C VAL A 817 -51.37 -17.40 -6.28
N GLY A 818 -52.51 -16.73 -6.17
CA GLY A 818 -53.73 -17.34 -5.64
C GLY A 818 -54.02 -16.90 -4.23
N GLU A 819 -55.30 -16.61 -3.96
CA GLU A 819 -55.76 -16.24 -2.61
C GLU A 819 -55.57 -17.39 -1.62
N SER A 820 -55.71 -18.62 -2.10
CA SER A 820 -55.53 -19.80 -1.25
C SER A 820 -54.11 -19.88 -0.66
N LEU A 821 -53.10 -19.62 -1.49
CA LEU A 821 -51.72 -19.55 -1.02
C LEU A 821 -51.53 -18.43 -0.01
N VAL A 822 -52.03 -17.24 -0.34
CA VAL A 822 -51.90 -16.08 0.55
C VAL A 822 -52.48 -16.45 1.93
N TYR A 823 -53.63 -17.10 1.92
CA TYR A 823 -54.27 -17.54 3.16
C TYR A 823 -53.40 -18.51 3.96
N SER A 824 -52.83 -19.50 3.28
CA SER A 824 -51.91 -20.45 3.91
C SER A 824 -50.71 -19.76 4.56
N THR A 825 -50.10 -18.83 3.83
CA THR A 825 -48.94 -18.09 4.34
C THR A 825 -49.31 -17.24 5.55
N GLU A 826 -50.52 -16.69 5.57
CA GLU A 826 -51.01 -15.89 6.69
C GLU A 826 -51.16 -16.73 7.96
N GLN A 827 -51.77 -17.91 7.82
CA GLN A 827 -51.95 -18.84 8.93
C GLN A 827 -50.62 -19.36 9.45
N LEU A 828 -49.71 -19.66 8.52
CA LEU A 828 -48.34 -20.04 8.88
C LEU A 828 -47.66 -18.93 9.69
N GLN A 829 -47.72 -17.70 9.20
CA GLN A 829 -47.11 -16.55 9.87
C GLN A 829 -47.69 -16.35 11.26
N LYS A 830 -49.01 -16.37 11.36
CA LYS A 830 -49.70 -16.16 12.63
C LYS A 830 -49.34 -17.21 13.68
N ALA A 831 -49.41 -18.48 13.29
CA ALA A 831 -49.08 -19.59 14.20
C ALA A 831 -47.65 -19.48 14.72
N THR A 832 -46.70 -19.31 13.80
CA THR A 832 -45.29 -19.26 14.17
C THR A 832 -44.95 -18.01 14.99
N GLN A 833 -45.61 -16.90 14.68
CA GLN A 833 -45.44 -15.66 15.46
C GLN A 833 -45.94 -15.86 16.90
N ILE A 834 -47.19 -16.31 17.02
CA ILE A 834 -47.80 -16.56 18.31
C ILE A 834 -46.92 -17.47 19.17
N GLN A 835 -46.48 -18.59 18.60
CA GLN A 835 -45.57 -19.51 19.28
C GLN A 835 -44.27 -18.84 19.73
N SER A 836 -43.65 -18.05 18.86
CA SER A 836 -42.39 -17.36 19.18
C SER A 836 -42.55 -16.32 20.30
N VAL A 837 -43.70 -15.65 20.31
CA VAL A 837 -44.03 -14.68 21.38
C VAL A 837 -44.05 -15.39 22.73
N VAL A 838 -44.70 -16.55 22.79
CA VAL A 838 -44.78 -17.33 24.03
C VAL A 838 -43.41 -17.87 24.44
N LEU A 839 -42.67 -18.41 23.47
CA LEU A 839 -41.32 -18.92 23.74
C LEU A 839 -40.42 -17.84 24.33
N GLU A 840 -40.43 -16.67 23.70
CA GLU A 840 -39.65 -15.51 24.15
C GLU A 840 -40.02 -15.08 25.57
N ASP A 841 -41.32 -14.92 25.81
CA ASP A 841 -41.83 -14.39 27.07
C ASP A 841 -41.58 -15.34 28.23
N MET A 842 -41.75 -16.64 27.99
CA MET A 842 -41.55 -17.66 29.01
C MET A 842 -40.07 -17.80 29.36
N PHE A 843 -39.20 -17.74 28.34
CA PHE A 843 -37.76 -17.75 28.56
C PHE A 843 -37.37 -16.58 29.47
N LYS A 844 -37.87 -15.39 29.14
CA LYS A 844 -37.57 -14.18 29.90
C LYS A 844 -38.09 -14.25 31.34
N GLN A 845 -39.30 -14.80 31.51
CA GLN A 845 -39.89 -14.97 32.83
C GLN A 845 -39.11 -15.94 33.70
N ARG A 846 -38.68 -17.06 33.11
CA ARG A 846 -37.88 -18.05 33.84
C ARG A 846 -36.49 -17.50 34.16
N VAL A 847 -35.96 -16.64 33.29
CA VAL A 847 -34.71 -15.93 33.57
C VAL A 847 -34.87 -14.98 34.75
N GLN A 848 -35.93 -14.17 34.74
CA GLN A 848 -36.20 -13.22 35.83
C GLN A 848 -36.48 -13.92 37.16
N GLU A 849 -37.08 -15.10 37.09
CA GLU A 849 -37.34 -15.93 38.27
C GLU A 849 -36.05 -16.50 38.87
N LYS A 850 -35.14 -16.96 38.00
CA LYS A 850 -33.82 -17.40 38.47
C LYS A 850 -32.99 -16.26 39.06
N LEU A 851 -33.06 -15.09 38.44
CA LEU A 851 -32.35 -13.90 38.93
C LEU A 851 -32.85 -13.44 40.30
N ALA A 852 -34.14 -13.61 40.56
CA ALA A 852 -34.73 -13.30 41.86
C ALA A 852 -34.24 -14.26 42.95
N GLU A 853 -34.00 -15.50 42.56
CA GLU A 853 -33.38 -16.51 43.44
C GLU A 853 -31.93 -16.13 43.73
N LYS A 854 -31.19 -15.82 42.67
CA LYS A 854 -29.76 -15.49 42.75
C LYS A 854 -29.49 -14.26 43.63
N ALA A 855 -30.47 -13.36 43.69
CA ALA A 855 -30.37 -12.16 44.51
C ALA A 855 -30.34 -12.47 46.01
N LYS A 856 -30.62 -13.72 46.36
CA LYS A 856 -30.54 -14.19 47.75
C LYS A 856 -29.19 -14.85 48.03
N ASP A 857 -28.52 -15.30 46.97
CA ASP A 857 -27.21 -15.94 47.06
C ASP A 857 -26.15 -14.90 47.44
N PRO A 858 -25.48 -15.10 48.58
CA PRO A 858 -24.42 -14.17 49.01
C PRO A 858 -23.19 -14.19 48.09
N THR A 859 -23.01 -15.28 47.34
CA THR A 859 -21.89 -15.41 46.41
C THR A 859 -22.16 -14.73 45.06
N TRP A 860 -23.42 -14.38 44.81
CA TRP A 860 -23.83 -13.78 43.54
C TRP A 860 -23.92 -12.26 43.61
N LYS A 861 -23.47 -11.62 42.53
CA LYS A 861 -23.51 -10.18 42.40
C LYS A 861 -24.25 -9.85 41.10
N LYS A 862 -25.09 -8.83 41.14
CA LYS A 862 -25.86 -8.41 39.95
C LYS A 862 -24.90 -7.94 38.85
N GLY A 863 -25.02 -8.53 37.67
CA GLY A 863 -24.02 -8.35 36.62
C GLY A 863 -23.33 -9.67 36.33
N ASP A 864 -23.17 -10.50 37.36
CA ASP A 864 -22.93 -11.92 37.12
C ASP A 864 -24.25 -12.33 36.54
N PHE A 865 -24.26 -13.21 35.58
CA PHE A 865 -25.57 -13.54 35.04
C PHE A 865 -26.00 -14.91 35.54
N LEU A 866 -26.57 -15.71 34.66
CA LEU A 866 -26.87 -17.09 34.97
C LEU A 866 -25.72 -17.95 34.46
N THR A 867 -25.67 -19.19 34.93
CA THR A 867 -24.70 -20.17 34.45
C THR A 867 -25.24 -20.79 33.15
N GLN A 868 -24.36 -21.49 32.43
CA GLN A 868 -24.78 -22.19 31.22
C GLN A 868 -25.77 -23.31 31.52
N LYS A 869 -25.55 -24.04 32.62
CA LYS A 869 -26.50 -25.08 33.05
C LYS A 869 -27.88 -24.47 33.34
N GLU A 870 -27.89 -23.33 34.04
CA GLU A 870 -29.13 -22.62 34.35
C GLU A 870 -29.88 -22.18 33.07
N LEU A 871 -29.14 -21.70 32.08
CA LEU A 871 -29.72 -21.34 30.78
C LEU A 871 -30.15 -22.57 29.98
N ASN A 872 -29.35 -23.64 30.05
CA ASN A 872 -29.70 -24.91 29.41
C ASN A 872 -31.00 -25.49 29.97
N ASP A 873 -31.16 -25.39 31.29
CA ASP A 873 -32.38 -25.82 31.97
C ASP A 873 -33.60 -25.01 31.54
N ILE A 874 -33.42 -23.70 31.39
CA ILE A 874 -34.51 -22.82 30.98
C ILE A 874 -34.95 -23.09 29.54
N GLN A 875 -33.99 -23.38 28.67
CA GLN A 875 -34.27 -23.73 27.27
C GLN A 875 -34.98 -25.08 27.19
N ALA A 876 -34.52 -26.04 27.98
CA ALA A 876 -35.11 -27.38 28.04
C ALA A 876 -36.55 -27.36 28.55
N SER A 877 -36.86 -26.42 29.44
CA SER A 877 -38.21 -26.25 29.98
C SER A 877 -39.22 -25.79 28.92
N LEU A 878 -38.71 -25.29 27.79
CA LEU A 878 -39.56 -24.81 26.71
C LEU A 878 -40.00 -25.92 25.76
N ASN A 879 -39.42 -27.10 25.93
CA ASN A 879 -39.58 -28.18 24.95
C ASN A 879 -41.01 -28.69 24.75
N ASN A 880 -41.85 -28.60 25.77
CA ASN A 880 -43.26 -28.99 25.64
C ASN A 880 -44.08 -27.98 24.82
N LEU A 881 -43.44 -26.87 24.44
CA LEU A 881 -44.05 -25.88 23.57
C LEU A 881 -43.59 -26.05 22.12
N ALA A 882 -42.87 -27.14 21.87
CA ALA A 882 -42.40 -27.54 20.53
C ALA A 882 -41.70 -26.42 19.74
N PRO A 883 -40.59 -25.87 20.29
CA PRO A 883 -39.87 -24.78 19.61
C PRO A 883 -39.35 -25.17 18.22
N MET A 884 -39.15 -26.46 17.99
CA MET A 884 -38.60 -26.97 16.73
C MET A 884 -39.69 -27.46 15.79
N ILE A 885 -39.48 -27.20 14.50
CA ILE A 885 -40.32 -27.78 13.45
C ILE A 885 -39.52 -28.87 12.76
N GLU A 886 -40.12 -30.05 12.63
CA GLU A 886 -39.45 -31.20 12.01
C GLU A 886 -40.17 -31.63 10.74
N THR A 887 -39.39 -32.03 9.73
CA THR A 887 -39.95 -32.48 8.46
C THR A 887 -39.67 -33.96 8.23
N GLY A 888 -38.77 -34.51 9.04
CA GLY A 888 -38.25 -35.86 8.83
C GLY A 888 -36.84 -35.85 8.29
N SER A 889 -36.44 -34.75 7.67
CA SER A 889 -35.10 -34.62 7.06
C SER A 889 -34.46 -33.26 7.32
N GLN A 890 -35.25 -32.32 7.83
CA GLN A 890 -34.77 -30.98 8.17
C GLN A 890 -35.37 -30.53 9.49
N THR A 891 -34.68 -29.63 10.18
CA THR A 891 -35.19 -29.03 11.41
C THR A 891 -35.13 -27.51 11.33
N PHE A 892 -36.24 -26.85 11.67
CA PHE A 892 -36.29 -25.39 11.69
C PHE A 892 -36.64 -24.85 13.07
N TYR A 893 -35.90 -23.83 13.49
CA TYR A 893 -36.14 -23.16 14.76
C TYR A 893 -36.36 -21.68 14.48
N ILE A 894 -37.61 -21.33 14.23
CA ILE A 894 -37.96 -20.01 13.73
C ILE A 894 -37.65 -18.91 14.76
N ALA A 895 -37.88 -19.21 16.05
CA ALA A 895 -37.66 -18.23 17.12
C ALA A 895 -36.20 -18.00 17.50
N GLY A 896 -35.32 -18.96 17.22
CA GLY A 896 -33.92 -18.90 17.61
C GLY A 896 -33.24 -17.60 17.24
N SER A 897 -32.69 -16.92 18.26
CA SER A 897 -31.97 -15.67 18.06
C SER A 897 -30.87 -15.49 19.10
N GLU A 898 -30.05 -14.46 18.90
CA GLU A 898 -29.13 -13.98 19.93
C GLU A 898 -29.40 -12.50 20.11
N ASN A 899 -29.75 -12.10 21.32
CA ASN A 899 -30.14 -10.71 21.56
C ASN A 899 -29.69 -10.19 22.91
N ALA A 900 -29.67 -8.86 23.05
CA ALA A 900 -29.27 -8.20 24.28
C ALA A 900 -30.43 -7.99 25.26
N GLU A 901 -31.65 -8.28 24.82
CA GLU A 901 -32.85 -7.95 25.61
C GLU A 901 -33.11 -8.88 26.80
N VAL A 902 -32.49 -10.07 26.80
CA VAL A 902 -32.68 -11.03 27.90
C VAL A 902 -31.92 -10.60 29.16
N ALA A 903 -30.62 -10.35 29.02
CA ALA A 903 -29.79 -9.95 30.15
C ALA A 903 -29.87 -8.45 30.46
N ASN A 904 -30.18 -7.65 29.43
CA ASN A 904 -30.31 -6.19 29.56
C ASN A 904 -29.21 -5.55 30.43
N GLN A 905 -27.96 -5.80 30.05
CA GLN A 905 -26.81 -5.34 30.84
C GLN A 905 -25.53 -5.36 30.01
N VAL A 906 -24.56 -4.54 30.41
CA VAL A 906 -23.24 -4.56 29.80
C VAL A 906 -22.50 -5.82 30.24
N LEU A 907 -21.80 -6.44 29.28
CA LEU A 907 -20.99 -7.62 29.57
C LEU A 907 -19.60 -7.20 30.05
N ALA A 908 -19.00 -6.25 29.34
CA ALA A 908 -17.66 -5.75 29.65
C ALA A 908 -17.41 -4.43 28.93
N THR A 909 -16.50 -3.63 29.49
CA THR A 909 -16.01 -2.42 28.84
C THR A 909 -14.50 -2.56 28.71
N ASN A 910 -13.86 -1.67 27.95
CA ASN A 910 -12.41 -1.57 28.01
C ASN A 910 -11.99 -0.80 29.27
N LEU A 911 -10.67 -0.71 29.51
CA LEU A 911 -10.18 -0.09 30.74
C LEU A 911 -10.32 1.44 30.77
N ASP A 912 -10.78 2.02 29.66
CA ASP A 912 -11.09 3.46 29.63
C ASP A 912 -12.59 3.74 29.84
N ASP A 913 -13.32 2.71 30.28
CA ASP A 913 -14.77 2.80 30.52
C ASP A 913 -15.57 3.02 29.22
N ARG A 914 -14.99 2.59 28.09
CA ARG A 914 -15.65 2.68 26.80
C ARG A 914 -15.72 1.30 26.14
N MET A 915 -16.18 1.25 24.89
CA MET A 915 -16.38 -0.04 24.19
C MET A 915 -17.24 -0.97 25.07
N ARG A 916 -18.41 -0.47 25.45
CA ARG A 916 -19.30 -1.19 26.36
C ARG A 916 -20.14 -2.18 25.56
N VAL A 917 -19.72 -3.44 25.62
CA VAL A 917 -20.34 -4.53 24.87
C VAL A 917 -21.56 -5.04 25.63
N PRO A 918 -22.75 -5.03 25.00
CA PRO A 918 -23.91 -5.60 25.68
C PRO A 918 -23.81 -7.11 25.83
N MET A 919 -24.38 -7.64 26.90
CA MET A 919 -24.43 -9.07 27.12
C MET A 919 -25.52 -9.69 26.24
N SER A 920 -25.10 -10.47 25.26
CA SER A 920 -26.04 -11.13 24.34
C SER A 920 -26.19 -12.60 24.71
N ILE A 921 -27.41 -13.10 24.59
CA ILE A 921 -27.76 -14.44 25.02
C ILE A 921 -28.54 -15.15 23.91
N TYR A 922 -28.23 -16.42 23.69
CA TYR A 922 -29.01 -17.27 22.77
C TYR A 922 -30.37 -17.57 23.39
N ALA A 923 -31.42 -17.01 22.79
CA ALA A 923 -32.78 -17.12 23.32
C ALA A 923 -33.81 -16.99 22.21
N PRO A 924 -35.03 -17.52 22.44
CA PRO A 924 -36.11 -17.28 21.49
C PRO A 924 -36.53 -15.81 21.48
N ALA A 925 -36.85 -15.32 20.29
CA ALA A 925 -37.39 -13.97 20.11
C ALA A 925 -38.50 -14.05 19.09
N GLN A 926 -39.31 -13.01 19.01
CA GLN A 926 -40.43 -12.98 18.06
C GLN A 926 -39.99 -13.27 16.64
N ALA A 927 -40.80 -14.05 15.93
CA ALA A 927 -40.51 -14.43 14.55
C ALA A 927 -40.85 -13.31 13.57
N GLY A 928 -41.89 -12.55 13.89
CA GLY A 928 -42.46 -11.61 12.92
C GLY A 928 -43.04 -12.40 11.76
N VAL A 929 -42.53 -12.15 10.55
CA VAL A 929 -42.99 -12.88 9.37
C VAL A 929 -42.03 -13.99 8.93
N ALA A 930 -40.96 -14.19 9.70
CA ALA A 930 -39.86 -15.10 9.31
C ALA A 930 -40.30 -16.53 8.99
N GLY A 931 -41.37 -16.98 9.64
CA GLY A 931 -41.90 -18.32 9.39
C GLY A 931 -42.15 -18.63 7.94
N ILE A 932 -42.67 -17.64 7.18
CA ILE A 932 -42.95 -17.88 5.76
C ILE A 932 -41.68 -18.17 4.93
N PRO A 933 -40.71 -17.23 4.87
CA PRO A 933 -39.48 -17.57 4.12
C PRO A 933 -38.68 -18.73 4.71
N PHE A 934 -38.66 -18.90 6.04
CA PHE A 934 -37.97 -20.06 6.63
C PHE A 934 -38.50 -21.36 6.04
N MET A 935 -39.83 -21.51 6.05
CA MET A 935 -40.45 -22.76 5.61
C MET A 935 -40.42 -22.91 4.09
N THR A 936 -40.54 -21.80 3.37
CA THR A 936 -40.63 -21.83 1.90
C THR A 936 -39.26 -22.07 1.27
N ILE A 937 -38.26 -21.32 1.72
CA ILE A 937 -36.88 -21.55 1.27
C ILE A 937 -36.42 -22.93 1.73
N GLY A 938 -36.68 -23.26 2.99
CA GLY A 938 -36.27 -24.52 3.59
C GLY A 938 -36.78 -25.76 2.88
N THR A 939 -38.10 -25.89 2.76
CA THR A 939 -38.70 -27.09 2.19
C THR A 939 -38.78 -27.02 0.66
N GLY A 940 -38.49 -25.84 0.11
CA GLY A 940 -38.37 -25.66 -1.34
C GLY A 940 -36.94 -25.88 -1.79
N ASP A 941 -36.23 -24.79 -2.10
CA ASP A 941 -34.87 -24.90 -2.66
C ASP A 941 -33.88 -25.63 -1.74
N GLY A 942 -34.02 -25.43 -0.43
CA GLY A 942 -33.16 -26.13 0.55
C GLY A 942 -33.28 -27.64 0.47
N MET A 943 -34.51 -28.13 0.49
CA MET A 943 -34.79 -29.56 0.39
C MET A 943 -34.38 -30.10 -0.99
N MET A 944 -34.62 -29.31 -2.03
CA MET A 944 -34.18 -29.69 -3.39
C MET A 944 -32.68 -29.98 -3.44
N MET A 945 -31.88 -29.04 -2.94
CA MET A 945 -30.42 -29.17 -2.98
C MET A 945 -29.92 -30.31 -2.10
N GLN A 946 -30.49 -30.42 -0.91
CA GLN A 946 -30.19 -31.53 0.01
C GLN A 946 -30.44 -32.88 -0.66
N THR A 947 -31.58 -32.99 -1.33
CA THR A 947 -31.94 -34.18 -2.11
C THR A 947 -30.92 -34.42 -3.24
N LEU A 948 -30.60 -33.37 -3.99
CA LEU A 948 -29.58 -33.47 -5.05
C LEU A 948 -28.23 -34.03 -4.54
N SER A 949 -27.81 -33.60 -3.35
CA SER A 949 -26.52 -34.03 -2.78
C SER A 949 -26.52 -35.47 -2.28
N THR A 950 -27.69 -36.04 -2.02
CA THR A 950 -27.81 -37.31 -1.29
C THR A 950 -28.59 -38.42 -1.99
N MET A 951 -29.35 -38.06 -3.03
CA MET A 951 -30.14 -39.03 -3.78
C MET A 951 -29.26 -40.09 -4.48
N LYS A 952 -29.88 -41.21 -4.83
CA LYS A 952 -29.24 -42.24 -5.66
C LYS A 952 -28.76 -41.57 -6.95
N GLY A 953 -27.48 -41.75 -7.27
CA GLY A 953 -26.89 -41.14 -8.46
C GLY A 953 -26.73 -39.63 -8.38
N ALA A 954 -26.56 -39.12 -7.16
CA ALA A 954 -26.36 -37.69 -6.91
C ALA A 954 -25.29 -37.13 -7.86
N PRO A 955 -25.64 -36.09 -8.64
CA PRO A 955 -24.66 -35.49 -9.55
C PRO A 955 -23.36 -35.08 -8.84
N LYS A 956 -22.25 -35.41 -9.48
CA LYS A 956 -20.91 -35.10 -8.97
C LYS A 956 -20.37 -33.83 -9.63
N ASN A 957 -19.39 -33.20 -8.98
CA ASN A 957 -18.64 -32.11 -9.59
C ASN A 957 -19.51 -30.93 -10.00
N THR A 958 -20.42 -30.54 -9.12
CA THR A 958 -21.28 -29.39 -9.34
C THR A 958 -20.94 -28.29 -8.34
N LEU A 959 -21.45 -27.09 -8.61
CA LEU A 959 -21.50 -26.02 -7.61
C LEU A 959 -22.96 -25.64 -7.43
N LYS A 960 -23.45 -25.74 -6.20
CA LYS A 960 -24.83 -25.40 -5.89
C LYS A 960 -24.91 -23.97 -5.35
N ILE A 961 -25.83 -23.20 -5.93
CA ILE A 961 -26.04 -21.81 -5.56
C ILE A 961 -27.53 -21.61 -5.24
N PHE A 962 -27.99 -22.42 -4.29
CA PHE A 962 -29.31 -22.31 -3.66
C PHE A 962 -30.47 -22.80 -4.52
N ASP A 963 -30.84 -22.06 -5.57
CA ASP A 963 -31.84 -22.60 -6.52
C ASP A 963 -31.26 -22.84 -7.92
N GLY A 964 -29.96 -22.64 -8.04
CA GLY A 964 -29.23 -22.92 -9.28
C GLY A 964 -28.08 -23.85 -9.02
N MET A 965 -27.74 -24.67 -10.01
CA MET A 965 -26.64 -25.62 -9.92
C MET A 965 -25.81 -25.60 -11.21
N ASN A 966 -24.53 -25.28 -11.07
CA ASN A 966 -23.59 -25.30 -12.18
C ASN A 966 -23.16 -26.74 -12.46
N ILE A 967 -23.33 -27.16 -13.70
CA ILE A 967 -23.05 -28.53 -14.13
C ILE A 967 -21.99 -28.54 -15.24
N GLY A 968 -21.05 -29.48 -15.14
CA GLY A 968 -20.06 -29.70 -16.18
C GLY A 968 -20.72 -30.17 -17.47
N LEU A 969 -20.13 -29.79 -18.60
CA LEU A 969 -20.75 -29.98 -19.91
C LEU A 969 -21.00 -31.44 -20.31
N ASN A 970 -20.26 -32.36 -19.70
CA ASN A 970 -20.42 -33.78 -19.92
C ASN A 970 -21.69 -34.37 -19.27
N ASP A 971 -22.21 -33.69 -18.25
CA ASP A 971 -23.28 -34.25 -17.44
C ASP A 971 -24.56 -33.39 -17.37
N ILE A 972 -24.69 -32.44 -18.30
CA ILE A 972 -25.81 -31.50 -18.24
C ILE A 972 -27.20 -32.16 -18.29
N THR A 973 -27.33 -33.23 -19.09
CA THR A 973 -28.61 -33.92 -19.24
C THR A 973 -29.02 -34.67 -17.98
N ASP A 974 -28.18 -35.58 -17.52
CA ASP A 974 -28.54 -36.40 -16.37
C ASP A 974 -28.67 -35.57 -15.09
N ALA A 975 -27.75 -34.64 -14.88
CA ALA A 975 -27.78 -33.78 -13.68
C ALA A 975 -29.02 -32.88 -13.65
N SER A 976 -29.43 -32.40 -14.82
CA SER A 976 -30.67 -31.62 -14.93
C SER A 976 -31.90 -32.45 -14.61
N ARG A 977 -31.93 -33.69 -15.11
CA ARG A 977 -33.05 -34.59 -14.84
C ARG A 977 -33.13 -34.95 -13.35
N LYS A 978 -31.98 -35.15 -12.72
CA LYS A 978 -31.88 -35.39 -11.28
C LYS A 978 -32.37 -34.16 -10.50
N ALA A 979 -32.03 -32.96 -11.00
CA ALA A 979 -32.46 -31.71 -10.37
C ALA A 979 -33.98 -31.61 -10.38
N ASN A 980 -34.58 -31.91 -11.53
CA ASN A 980 -36.03 -31.92 -11.65
C ASN A 980 -36.71 -33.01 -10.81
N GLU A 981 -36.04 -34.15 -10.67
CA GLU A 981 -36.51 -35.20 -9.76
C GLU A 981 -36.49 -34.73 -8.30
N ALA A 982 -35.43 -34.01 -7.94
CA ALA A 982 -35.29 -33.46 -6.58
C ALA A 982 -36.36 -32.41 -6.28
N VAL A 983 -36.74 -31.64 -7.30
CA VAL A 983 -37.89 -30.73 -7.20
C VAL A 983 -39.15 -31.52 -6.87
N TYR A 984 -39.40 -32.58 -7.64
CA TYR A 984 -40.56 -33.45 -7.41
C TYR A 984 -40.56 -34.02 -6.00
N THR A 985 -39.38 -34.43 -5.53
CA THR A 985 -39.21 -34.95 -4.17
C THR A 985 -39.59 -33.90 -3.13
N SER A 986 -39.05 -32.68 -3.27
CA SER A 986 -39.41 -31.58 -2.38
C SER A 986 -40.91 -31.26 -2.43
N TRP A 987 -41.52 -31.44 -3.61
CA TRP A 987 -42.96 -31.19 -3.76
C TRP A 987 -43.85 -32.27 -3.11
N GLN A 988 -43.21 -33.24 -2.48
CA GLN A 988 -43.90 -34.23 -1.65
C GLN A 988 -43.98 -33.76 -0.20
N GLY A 989 -43.32 -32.66 0.09
CA GLY A 989 -43.30 -32.08 1.43
C GLY A 989 -44.61 -31.38 1.77
N ASN A 990 -44.73 -31.01 3.04
CA ASN A 990 -45.93 -30.34 3.55
C ASN A 990 -45.53 -29.47 4.72
N PRO A 991 -44.91 -28.30 4.45
CA PRO A 991 -44.47 -27.39 5.50
C PRO A 991 -45.59 -26.98 6.47
N ILE A 992 -46.81 -26.77 5.96
CA ILE A 992 -47.94 -26.44 6.83
C ILE A 992 -48.24 -27.56 7.83
N LYS A 993 -48.17 -28.81 7.37
CA LYS A 993 -48.33 -29.95 8.26
C LYS A 993 -47.26 -29.97 9.35
N ASN A 994 -46.02 -29.64 8.97
CA ASN A 994 -44.92 -29.60 9.93
C ASN A 994 -45.13 -28.50 10.96
N VAL A 995 -45.56 -27.33 10.49
CA VAL A 995 -45.88 -26.20 11.38
C VAL A 995 -47.04 -26.59 12.30
N TYR A 996 -48.08 -27.18 11.70
CA TYR A 996 -49.25 -27.64 12.48
C TYR A 996 -48.88 -28.60 13.61
N GLU A 997 -48.04 -29.59 13.32
CA GLU A 997 -47.66 -30.59 14.32
C GLU A 997 -46.94 -29.97 15.52
N SER A 998 -46.10 -28.98 15.25
CA SER A 998 -45.46 -28.19 16.30
C SER A 998 -46.47 -27.32 17.06
N TYR A 999 -47.31 -26.60 16.30
CA TYR A 999 -48.30 -25.69 16.88
C TYR A 999 -49.35 -26.44 17.72
N ALA A 1000 -49.72 -27.64 17.29
CA ALA A 1000 -50.66 -28.48 18.03
C ALA A 1000 -50.13 -28.88 19.41
N LYS A 1001 -48.84 -29.23 19.48
CA LYS A 1001 -48.18 -29.56 20.75
C LYS A 1001 -48.11 -28.32 21.63
N PHE A 1002 -47.72 -27.20 21.03
CA PHE A 1002 -47.70 -25.89 21.69
C PHE A 1002 -49.05 -25.58 22.34
N MET A 1003 -50.12 -25.74 21.56
CA MET A 1003 -51.47 -25.39 22.00
C MET A 1003 -51.99 -26.18 23.19
N LYS A 1004 -51.52 -27.41 23.36
CA LYS A 1004 -51.99 -28.21 24.50
C LYS A 1004 -51.17 -27.98 25.78
N ASN A 1005 -50.10 -27.21 25.68
CA ASN A 1005 -49.22 -26.94 26.83
C ASN A 1005 -49.09 -25.48 27.23
N VAL A 1006 -49.48 -24.57 26.33
CA VAL A 1006 -49.40 -23.14 26.60
C VAL A 1006 -50.44 -22.73 27.67
N ASP A 1007 -50.04 -21.78 28.51
CA ASP A 1007 -50.95 -21.13 29.44
C ASP A 1007 -50.89 -19.64 29.16
N PHE A 1008 -51.90 -19.13 28.46
CA PHE A 1008 -51.93 -17.74 28.04
C PHE A 1008 -52.04 -16.76 29.22
N SER A 1009 -52.60 -17.23 30.34
CA SER A 1009 -52.75 -16.41 31.54
C SER A 1009 -51.40 -16.07 32.17
N LYS A 1010 -50.42 -16.93 31.95
CA LYS A 1010 -49.07 -16.77 32.50
C LYS A 1010 -48.25 -15.70 31.78
N LEU A 1011 -48.68 -15.33 30.57
CA LEU A 1011 -47.95 -14.38 29.75
C LEU A 1011 -47.97 -12.97 30.33
N SER A 1012 -46.86 -12.27 30.17
CA SER A 1012 -46.76 -10.85 30.51
C SER A 1012 -47.80 -10.06 29.71
N PRO A 1013 -48.12 -8.83 30.14
CA PRO A 1013 -49.06 -8.02 29.35
C PRO A 1013 -48.52 -7.70 27.93
N GLU A 1014 -47.20 -7.59 27.80
CA GLU A 1014 -46.55 -7.32 26.51
C GLU A 1014 -46.75 -8.47 25.53
N ALA A 1015 -46.62 -9.69 26.03
CA ALA A 1015 -46.76 -10.90 25.20
C ALA A 1015 -48.19 -11.12 24.75
N LEU A 1016 -49.13 -10.89 25.65
CA LEU A 1016 -50.55 -11.06 25.37
C LEU A 1016 -51.01 -10.08 24.30
N GLU A 1017 -50.44 -8.88 24.32
CA GLU A 1017 -50.70 -7.82 23.35
C GLU A 1017 -50.15 -8.20 21.97
N ALA A 1018 -48.94 -8.76 21.95
CA ALA A 1018 -48.28 -9.18 20.71
C ALA A 1018 -49.06 -10.28 20.00
N ILE A 1019 -49.56 -11.25 20.78
CA ILE A 1019 -50.38 -12.34 20.26
C ILE A 1019 -51.74 -11.83 19.79
N GLY A 1020 -52.26 -10.81 20.47
CA GLY A 1020 -53.52 -10.17 20.10
C GLY A 1020 -53.52 -9.70 18.65
N LYS A 1021 -52.43 -9.05 18.26
CA LYS A 1021 -52.26 -8.53 16.89
C LYS A 1021 -52.38 -9.60 15.81
N SER A 1022 -51.82 -10.78 16.07
CA SER A 1022 -51.83 -11.88 15.10
C SER A 1022 -53.13 -12.69 15.12
N ALA A 1023 -53.64 -12.96 16.32
CA ALA A 1023 -54.77 -13.86 16.49
C ALA A 1023 -56.13 -13.18 16.35
N LEU A 1024 -56.18 -11.86 16.57
CA LEU A 1024 -57.45 -11.14 16.61
C LEU A 1024 -57.57 -10.04 15.56
N GLU A 1025 -58.80 -9.81 15.11
CA GLU A 1025 -59.15 -8.65 14.29
C GLU A 1025 -58.83 -7.39 15.08
N TYR A 1026 -58.48 -6.31 14.37
CA TYR A 1026 -58.05 -5.07 15.01
C TYR A 1026 -59.00 -4.56 16.10
N ASP A 1027 -60.30 -4.73 15.88
CA ASP A 1027 -61.32 -4.31 16.84
C ASP A 1027 -61.46 -5.25 18.06
N GLN A 1028 -60.37 -5.92 18.42
CA GLN A 1028 -60.40 -6.89 19.53
C GLN A 1028 -59.25 -6.71 20.54
N ARG A 1029 -58.26 -5.89 20.21
CA ARG A 1029 -57.06 -5.73 21.04
C ARG A 1029 -57.28 -4.92 22.31
N GLU A 1030 -57.94 -3.76 22.14
CA GLU A 1030 -58.29 -2.86 23.23
C GLU A 1030 -58.79 -3.59 24.49
N ASN A 1031 -59.77 -4.47 24.30
CA ASN A 1031 -60.47 -5.12 25.41
C ASN A 1031 -60.11 -6.58 25.70
N ALA A 1032 -59.07 -7.08 25.03
CA ALA A 1032 -58.74 -8.51 25.02
C ALA A 1032 -58.62 -9.19 26.39
N THR A 1033 -59.40 -10.26 26.57
CA THR A 1033 -59.26 -11.14 27.75
C THR A 1033 -58.28 -12.27 27.40
N VAL A 1034 -57.78 -12.95 28.42
CA VAL A 1034 -56.90 -14.11 28.23
C VAL A 1034 -57.61 -15.22 27.46
N ASP A 1035 -58.84 -15.53 27.88
CA ASP A 1035 -59.64 -16.61 27.29
C ASP A 1035 -60.06 -16.33 25.86
N ASP A 1036 -60.17 -15.05 25.49
CA ASP A 1036 -60.50 -14.64 24.13
C ASP A 1036 -59.35 -14.96 23.17
N ILE A 1037 -58.13 -14.65 23.58
CA ILE A 1037 -56.96 -14.85 22.73
C ILE A 1037 -56.51 -16.31 22.73
N ALA A 1038 -56.89 -17.04 23.79
CA ALA A 1038 -56.68 -18.48 23.87
C ALA A 1038 -57.58 -19.19 22.86
N ASN A 1039 -58.84 -18.77 22.81
CA ASN A 1039 -59.81 -19.29 21.85
C ASN A 1039 -59.43 -18.96 20.41
N ALA A 1040 -58.90 -17.75 20.21
CA ALA A 1040 -58.45 -17.31 18.89
C ALA A 1040 -57.23 -18.10 18.40
N ALA A 1041 -56.34 -18.44 19.33
CA ALA A 1041 -55.15 -19.23 19.02
C ALA A 1041 -55.48 -20.66 18.58
N SER A 1042 -56.47 -21.27 19.23
CA SER A 1042 -56.91 -22.62 18.88
C SER A 1042 -57.62 -22.67 17.53
N LEU A 1043 -58.24 -21.56 17.13
CA LEU A 1043 -58.88 -21.45 15.83
C LEU A 1043 -57.84 -21.56 14.70
N ILE A 1044 -56.68 -20.94 14.91
CA ILE A 1044 -55.57 -21.02 13.97
C ILE A 1044 -55.06 -22.46 13.82
N GLU A 1045 -55.04 -23.20 14.93
CA GLU A 1045 -54.69 -24.63 14.90
C GLU A 1045 -55.62 -25.41 13.96
N ARG A 1046 -56.92 -25.15 14.06
CA ARG A 1046 -57.92 -25.77 13.20
C ARG A 1046 -57.66 -25.43 11.73
N ASN A 1047 -57.40 -24.16 11.46
CA ASN A 1047 -57.11 -23.68 10.11
C ASN A 1047 -55.90 -24.41 9.50
N LEU A 1048 -54.82 -24.51 10.29
CA LEU A 1048 -53.61 -25.24 9.89
C LEU A 1048 -53.88 -26.70 9.55
N ARG A 1049 -54.65 -27.37 10.42
CA ARG A 1049 -54.97 -28.78 10.23
C ARG A 1049 -55.68 -29.01 8.89
N ASN A 1050 -56.64 -28.14 8.58
CA ASN A 1050 -57.41 -28.24 7.33
C ASN A 1050 -56.56 -27.98 6.10
N ILE A 1051 -55.68 -26.96 6.17
CA ILE A 1051 -54.76 -26.65 5.07
C ILE A 1051 -53.83 -27.83 4.84
N ALA A 1052 -53.23 -28.34 5.92
CA ALA A 1052 -52.34 -29.50 5.87
C ALA A 1052 -53.00 -30.70 5.21
N LEU A 1053 -54.27 -30.94 5.55
CA LEU A 1053 -55.02 -32.04 4.97
C LEU A 1053 -55.19 -31.85 3.47
N GLY A 1054 -55.55 -30.63 3.06
CA GLY A 1054 -55.71 -30.28 1.65
C GLY A 1054 -54.43 -30.47 0.86
N VAL A 1055 -53.31 -29.97 1.39
CA VAL A 1055 -52.01 -30.11 0.75
C VAL A 1055 -51.66 -31.58 0.53
N ASP A 1056 -51.86 -32.40 1.56
CA ASP A 1056 -51.62 -33.83 1.50
C ASP A 1056 -52.38 -34.49 0.35
N ILE A 1057 -53.67 -34.16 0.23
CA ILE A 1057 -54.52 -34.73 -0.81
C ILE A 1057 -54.08 -34.28 -2.20
N ARG A 1058 -53.85 -32.99 -2.36
CA ARG A 1058 -53.39 -32.40 -3.61
C ARG A 1058 -52.12 -33.08 -4.14
N HIS A 1059 -51.14 -33.27 -3.27
CA HIS A 1059 -49.88 -33.94 -3.65
C HIS A 1059 -50.11 -35.38 -4.06
N LYS A 1060 -50.95 -36.10 -3.31
CA LYS A 1060 -51.29 -37.49 -3.62
C LYS A 1060 -51.97 -37.63 -4.97
N VAL A 1061 -52.95 -36.75 -5.22
CA VAL A 1061 -53.70 -36.70 -6.48
C VAL A 1061 -52.80 -36.32 -7.66
N LEU A 1062 -51.97 -35.29 -7.48
CA LEU A 1062 -51.00 -34.88 -8.51
C LEU A 1062 -50.07 -36.02 -8.91
N ASP A 1063 -49.64 -36.81 -7.92
CA ASP A 1063 -48.74 -37.95 -8.13
C ASP A 1063 -49.33 -39.06 -8.99
N LYS A 1064 -50.66 -39.15 -9.03
CA LYS A 1064 -51.39 -40.18 -9.79
C LYS A 1064 -51.49 -39.82 -11.28
N VAL A 1065 -51.20 -38.57 -11.60
CA VAL A 1065 -51.43 -38.00 -12.92
C VAL A 1065 -50.09 -37.90 -13.68
N ASN A 1066 -50.14 -37.88 -15.01
CA ASN A 1066 -48.90 -37.81 -15.80
C ASN A 1066 -48.27 -36.40 -15.81
N LEU A 1067 -47.10 -36.30 -15.15
CA LEU A 1067 -46.40 -35.04 -14.96
C LEU A 1067 -45.04 -35.00 -15.65
N SER A 1068 -44.72 -33.85 -16.23
CA SER A 1068 -43.38 -33.55 -16.74
C SER A 1068 -42.89 -32.30 -16.03
N ILE A 1069 -41.79 -32.44 -15.29
CA ILE A 1069 -41.30 -31.35 -14.44
C ILE A 1069 -40.00 -30.78 -14.98
N ASP A 1070 -40.02 -29.49 -15.31
CA ASP A 1070 -38.82 -28.76 -15.75
C ASP A 1070 -38.72 -27.40 -15.07
N GLN A 1071 -38.71 -27.43 -13.74
CA GLN A 1071 -38.50 -26.24 -12.91
C GLN A 1071 -37.03 -25.83 -12.89
N MET A 1072 -36.13 -26.80 -12.89
CA MET A 1072 -34.68 -26.52 -12.93
C MET A 1072 -34.23 -26.46 -14.39
N ALA A 1073 -34.58 -25.35 -15.03
CA ALA A 1073 -34.58 -25.26 -16.48
C ALA A 1073 -33.27 -24.76 -17.07
N ALA A 1074 -33.10 -25.06 -18.36
CA ALA A 1074 -32.03 -24.60 -19.24
C ALA A 1074 -31.77 -25.70 -20.28
N VAL A 1075 -31.58 -26.92 -19.80
CA VAL A 1075 -31.06 -28.02 -20.61
C VAL A 1075 -32.15 -28.73 -21.43
N GLY A 1076 -33.37 -28.75 -20.90
CA GLY A 1076 -34.48 -29.45 -21.57
C GLY A 1076 -34.46 -30.92 -21.22
N ALA A 1077 -34.24 -31.20 -19.93
CA ALA A 1077 -34.21 -32.57 -19.42
C ALA A 1077 -35.20 -32.72 -18.26
N PRO A 1078 -36.51 -32.81 -18.60
CA PRO A 1078 -37.56 -32.83 -17.59
C PRO A 1078 -37.69 -34.18 -16.89
N TYR A 1079 -38.07 -34.14 -15.61
CA TYR A 1079 -38.37 -35.35 -14.89
C TYR A 1079 -39.81 -35.79 -15.12
N GLN A 1080 -39.98 -37.08 -15.42
CA GLN A 1080 -41.29 -37.69 -15.61
C GLN A 1080 -41.67 -38.51 -14.38
N ASN A 1081 -42.80 -38.20 -13.76
CA ASN A 1081 -43.26 -38.97 -12.60
C ASN A 1081 -43.90 -40.31 -12.98
N ASN A 1082 -44.21 -40.46 -14.27
CA ASN A 1082 -44.87 -41.66 -14.81
C ASN A 1082 -46.20 -42.01 -14.12
N GLY A 1083 -46.95 -40.99 -13.74
CA GLY A 1083 -48.31 -41.16 -13.20
C GLY A 1083 -49.19 -41.78 -14.27
N LYS A 1084 -50.03 -42.73 -13.85
CA LYS A 1084 -50.77 -43.57 -14.80
C LYS A 1084 -52.04 -42.94 -15.37
N ILE A 1085 -52.62 -42.00 -14.63
CA ILE A 1085 -53.80 -41.27 -15.12
C ILE A 1085 -53.36 -40.23 -16.13
N ASP A 1086 -53.91 -40.34 -17.34
CA ASP A 1086 -53.49 -39.55 -18.50
C ASP A 1086 -54.37 -38.32 -18.69
N LEU A 1087 -53.82 -37.14 -18.42
CA LEU A 1087 -54.57 -35.89 -18.58
C LEU A 1087 -54.14 -35.10 -19.83
N SER A 1088 -53.59 -35.82 -20.81
CA SER A 1088 -53.23 -35.21 -22.10
C SER A 1088 -54.48 -34.87 -22.89
N ASN A 1089 -54.33 -33.96 -23.86
CA ASN A 1089 -55.44 -33.56 -24.73
C ASN A 1089 -56.64 -32.98 -23.95
N MET A 1090 -56.35 -32.25 -22.88
CA MET A 1090 -57.35 -31.64 -22.01
C MET A 1090 -57.00 -30.18 -21.74
N THR A 1091 -58.03 -29.34 -21.66
CA THR A 1091 -57.87 -27.95 -21.24
C THR A 1091 -57.56 -27.91 -19.73
N PRO A 1092 -57.04 -26.77 -19.22
CA PRO A 1092 -56.83 -26.68 -17.77
C PRO A 1092 -58.14 -26.84 -17.00
N GLU A 1093 -59.26 -26.42 -17.60
CA GLU A 1093 -60.58 -26.57 -16.99
C GLU A 1093 -60.97 -28.03 -16.84
N GLN A 1094 -60.73 -28.83 -17.89
CA GLN A 1094 -60.97 -30.27 -17.84
C GLN A 1094 -60.06 -30.94 -16.82
N GLN A 1095 -58.78 -30.53 -16.83
CA GLN A 1095 -57.79 -31.08 -15.91
C GLN A 1095 -58.17 -30.81 -14.47
N ALA A 1096 -58.53 -29.56 -14.17
CA ALA A 1096 -58.97 -29.16 -12.84
C ALA A 1096 -60.16 -30.00 -12.38
N ASP A 1097 -61.12 -30.22 -13.28
CA ASP A 1097 -62.28 -31.05 -12.99
C ASP A 1097 -61.89 -32.48 -12.62
N GLU A 1098 -60.99 -33.06 -13.40
CA GLU A 1098 -60.54 -34.44 -13.14
C GLU A 1098 -59.75 -34.54 -11.85
N LEU A 1099 -58.85 -33.58 -11.62
CA LEU A 1099 -58.07 -33.53 -10.38
C LEU A 1099 -58.99 -33.40 -9.16
N ASN A 1100 -60.02 -32.58 -9.29
CA ASN A 1100 -61.00 -32.36 -8.20
C ASN A 1100 -61.90 -33.56 -7.93
N LYS A 1101 -62.19 -34.33 -8.98
CA LYS A 1101 -62.87 -35.61 -8.83
C LYS A 1101 -61.99 -36.57 -8.01
N LEU A 1102 -60.70 -36.60 -8.34
CA LEU A 1102 -59.73 -37.42 -7.62
C LEU A 1102 -59.53 -36.95 -6.17
N PHE A 1103 -59.61 -35.64 -5.98
CA PHE A 1103 -59.52 -35.02 -4.65
C PHE A 1103 -60.68 -35.50 -3.75
N ARG A 1104 -61.90 -35.35 -4.25
CA ARG A 1104 -63.11 -35.75 -3.52
C ARG A 1104 -63.14 -37.24 -3.21
N GLU A 1105 -62.65 -38.03 -4.16
CA GLU A 1105 -62.53 -39.48 -4.02
C GLU A 1105 -61.54 -39.84 -2.90
N GLU A 1106 -60.46 -39.08 -2.82
CA GLU A 1106 -59.46 -39.24 -1.75
C GLU A 1106 -60.02 -38.73 -0.42
N LEU A 1107 -60.79 -37.66 -0.49
CA LEU A 1107 -61.42 -37.05 0.68
C LEU A 1107 -62.48 -37.95 1.29
N GLU A 1108 -63.17 -38.72 0.45
CA GLU A 1108 -64.16 -39.69 0.90
C GLU A 1108 -63.53 -40.99 1.40
N ALA A 1109 -62.27 -41.21 1.03
CA ALA A 1109 -61.50 -42.35 1.53
C ALA A 1109 -61.01 -42.09 2.96
N ARG A 1110 -60.72 -40.82 3.27
CA ARG A 1110 -60.38 -40.39 4.63
C ARG A 1110 -61.57 -40.64 5.55
N LYS A 1111 -62.74 -40.18 5.11
CA LYS A 1111 -63.98 -40.25 5.86
C LYS A 1111 -64.33 -41.66 6.33
N GLN A 1112 -63.97 -42.65 5.52
CA GLN A 1112 -64.30 -44.05 5.79
C GLN A 1112 -63.04 -44.88 6.05
N THR C 17 26.17 30.64 37.72
CA THR C 17 26.07 29.16 37.58
C THR C 17 25.02 28.55 38.52
N GLU C 18 24.78 29.22 39.65
CA GLU C 18 23.75 28.81 40.61
C GLU C 18 22.34 29.01 40.05
N GLU C 19 22.14 30.14 39.35
CA GLU C 19 20.86 30.45 38.71
C GLU C 19 20.47 29.42 37.66
N LEU C 20 21.45 29.01 36.85
CA LEU C 20 21.26 27.96 35.85
C LEU C 20 20.83 26.65 36.48
N LYS C 21 21.47 26.29 37.60
CA LYS C 21 21.13 25.08 38.35
C LYS C 21 19.70 25.12 38.87
N GLU C 22 19.36 26.21 39.56
CA GLU C 22 18.03 26.37 40.17
C GLU C 22 16.91 26.46 39.12
N GLY C 23 17.24 27.03 37.96
CA GLY C 23 16.27 27.17 36.87
C GLY C 23 15.80 25.85 36.30
N ILE C 24 16.75 25.00 35.90
CA ILE C 24 16.41 23.68 35.35
C ILE C 24 15.82 22.75 36.43
N ASP C 25 16.24 22.94 37.68
CA ASP C 25 15.65 22.22 38.80
C ASP C 25 14.15 22.52 38.94
N ALA C 26 13.79 23.79 38.75
CA ALA C 26 12.39 24.23 38.85
C ALA C 26 11.49 23.61 37.79
N VAL C 27 12.05 23.33 36.60
CA VAL C 27 11.29 22.72 35.51
C VAL C 27 11.19 21.20 35.67
N TYR C 28 12.24 20.58 36.20
CA TYR C 28 12.26 19.12 36.41
C TYR C 28 12.61 18.77 37.86
N PRO C 29 11.73 19.16 38.82
CA PRO C 29 12.06 19.05 40.24
C PRO C 29 12.07 17.62 40.79
N SER C 30 11.34 16.71 40.15
CA SER C 30 11.12 15.37 40.71
C SER C 30 11.97 14.26 40.08
N LEU C 31 12.90 14.61 39.19
CA LEU C 31 13.81 13.61 38.61
C LEU C 31 14.67 12.99 39.72
N VAL C 32 14.95 11.69 39.59
CA VAL C 32 15.70 10.94 40.59
C VAL C 32 17.13 11.47 40.73
N GLY C 33 17.58 11.64 41.97
CA GLY C 33 18.96 11.99 42.24
C GLY C 33 19.17 13.47 42.50
N THR C 34 20.41 13.84 42.80
CA THR C 34 20.75 15.23 43.07
C THR C 34 21.63 15.78 41.96
N ALA C 35 21.36 17.03 41.57
CA ALA C 35 22.12 17.70 40.51
C ALA C 35 23.44 18.26 41.05
N ASP C 36 24.32 17.37 41.48
CA ASP C 36 25.60 17.72 42.06
C ASP C 36 26.59 16.62 41.71
N SER C 37 27.63 16.98 40.94
CA SER C 37 28.64 16.02 40.49
C SER C 37 29.36 15.29 41.63
N LYS C 38 29.48 15.96 42.78
CA LYS C 38 30.24 15.44 43.92
C LYS C 38 29.38 14.73 44.95
N ALA C 39 28.06 14.77 44.74
CA ALA C 39 27.09 14.17 45.66
C ALA C 39 27.32 12.68 45.86
N GLU C 40 27.13 12.22 47.10
CA GLU C 40 27.12 10.80 47.40
C GLU C 40 25.76 10.28 46.94
N GLY C 41 25.74 9.03 46.47
CA GLY C 41 24.49 8.43 45.99
C GLY C 41 24.15 8.84 44.57
N ILE C 42 22.89 8.70 44.20
CA ILE C 42 22.46 8.92 42.82
C ILE C 42 22.53 10.39 42.41
N LYS C 43 23.18 10.65 41.27
CA LYS C 43 23.31 12.00 40.74
C LYS C 43 22.50 12.11 39.46
N ASN C 44 21.77 13.20 39.29
CA ASN C 44 20.97 13.37 38.08
C ASN C 44 21.77 14.02 36.97
N TYR C 45 22.10 13.23 35.96
CA TYR C 45 22.96 13.71 34.87
C TYR C 45 22.21 14.44 33.76
N PHE C 46 20.88 14.45 33.83
CA PHE C 46 20.10 15.28 32.92
C PHE C 46 20.23 16.73 33.37
N LYS C 47 19.94 16.98 34.64
CA LYS C 47 20.06 18.30 35.24
C LYS C 47 21.50 18.82 35.26
N LEU C 48 22.46 17.91 35.41
CA LEU C 48 23.87 18.27 35.36
C LEU C 48 24.33 18.63 33.94
N SER C 49 23.64 18.08 32.93
CA SER C 49 24.09 18.19 31.54
C SER C 49 23.40 19.26 30.71
N PHE C 50 22.23 19.70 31.14
CA PHE C 50 21.46 20.67 30.36
C PHE C 50 21.04 21.89 31.19
N THR C 51 20.84 23.00 30.49
CA THR C 51 20.35 24.24 31.08
C THR C 51 19.22 24.80 30.23
N LEU C 52 18.35 25.60 30.84
CA LEU C 52 17.36 26.35 30.09
C LEU C 52 18.05 27.44 29.26
N PRO C 53 17.60 27.63 28.01
CA PRO C 53 18.20 28.67 27.16
C PRO C 53 17.70 30.06 27.52
N GLU C 54 18.48 31.09 27.17
CA GLU C 54 18.08 32.49 27.42
C GLU C 54 16.78 32.82 26.68
N GLU C 55 16.69 32.37 25.43
CA GLU C 55 15.50 32.55 24.62
C GLU C 55 14.86 31.19 24.35
N GLN C 56 13.55 31.11 24.52
CA GLN C 56 12.78 29.88 24.29
C GLN C 56 13.05 29.27 22.91
N LYS C 57 13.38 27.97 22.90
CA LYS C 57 13.65 27.24 21.67
C LYS C 57 12.51 26.27 21.32
N SER C 58 11.96 25.64 22.35
CA SER C 58 10.84 24.72 22.17
C SER C 58 9.64 25.17 23.00
N ARG C 59 8.46 25.08 22.40
CA ARG C 59 7.23 25.49 23.07
C ARG C 59 6.64 24.42 23.98
N THR C 60 7.31 23.27 24.08
CA THR C 60 6.88 22.18 24.97
C THR C 60 7.55 22.24 26.34
N VAL C 61 8.59 23.06 26.48
CA VAL C 61 9.30 23.24 27.75
C VAL C 61 8.34 23.85 28.78
N GLY C 62 8.16 23.15 29.89
CA GLY C 62 7.19 23.56 30.92
C GLY C 62 5.84 22.89 30.81
N SER C 63 5.58 22.19 29.70
CA SER C 63 4.30 21.53 29.50
C SER C 63 4.22 20.21 30.28
N GLU C 64 3.19 20.07 31.12
CA GLU C 64 2.98 18.83 31.86
C GLU C 64 2.52 17.67 30.97
N ALA C 65 1.93 17.98 29.82
CA ALA C 65 1.46 16.96 28.88
C ALA C 65 1.67 17.37 27.42
N PRO C 66 2.94 17.36 26.93
CA PRO C 66 3.27 17.78 25.57
C PRO C 66 2.41 17.16 24.45
N LEU C 67 2.14 15.85 24.53
CA LEU C 67 1.33 15.17 23.50
C LEU C 67 -0.11 15.70 23.42
N LYS C 68 -0.73 15.91 24.58
CA LYS C 68 -2.08 16.51 24.63
C LYS C 68 -2.07 17.98 24.23
N ASP C 69 -1.06 18.72 24.69
CA ASP C 69 -0.94 20.15 24.40
C ASP C 69 -0.74 20.43 22.91
N VAL C 70 0.11 19.63 22.26
CA VAL C 70 0.38 19.82 20.83
C VAL C 70 -0.79 19.28 19.98
N ALA C 71 -1.42 18.20 20.45
CA ALA C 71 -2.62 17.67 19.79
C ALA C 71 -3.73 18.72 19.77
N GLN C 72 -3.88 19.42 20.90
CA GLN C 72 -4.84 20.52 21.03
C GLN C 72 -4.52 21.66 20.07
N ALA C 73 -3.23 22.01 19.99
CA ALA C 73 -2.76 23.06 19.07
C ALA C 73 -3.02 22.68 17.62
N LEU C 74 -2.91 21.38 17.31
CA LEU C 74 -3.13 20.88 15.95
C LEU C 74 -4.60 20.64 15.59
N SER C 75 -5.50 20.83 16.56
CA SER C 75 -6.91 20.50 16.37
C SER C 75 -7.68 21.51 15.51
N SER C 76 -7.17 22.73 15.39
CA SER C 76 -7.77 23.76 14.54
C SER C 76 -6.75 24.80 14.12
N ARG C 77 -7.06 25.52 13.04
CA ARG C 77 -6.23 26.63 12.60
C ARG C 77 -6.10 27.70 13.67
N ALA C 78 -7.23 28.04 14.31
CA ALA C 78 -7.25 29.04 15.39
C ALA C 78 -6.33 28.68 16.54
N ARG C 79 -6.42 27.42 17.00
CA ARG C 79 -5.58 26.91 18.07
C ARG C 79 -4.10 26.89 17.71
N TYR C 80 -3.81 26.44 16.48
CA TYR C 80 -2.44 26.39 15.96
C TYR C 80 -1.81 27.77 15.89
N GLU C 81 -2.61 28.75 15.45
CA GLU C 81 -2.18 30.15 15.37
C GLU C 81 -1.90 30.74 16.74
N LEU C 82 -2.73 30.36 17.71
CA LEU C 82 -2.57 30.81 19.10
C LEU C 82 -1.34 30.18 19.76
N PHE C 83 -1.13 28.89 19.50
CA PHE C 83 0.00 28.16 20.07
C PHE C 83 1.34 28.65 19.54
N THR C 84 1.40 28.93 18.24
CA THR C 84 2.64 29.36 17.57
C THR C 84 2.81 30.88 17.57
N GLU C 85 1.81 31.58 18.12
CA GLU C 85 1.81 33.05 18.20
C GLU C 85 1.95 33.71 16.83
N LYS C 86 1.23 33.18 15.84
CA LYS C 86 1.24 33.71 14.48
C LYS C 86 -0.18 33.95 13.98
N GLU C 87 -0.34 35.00 13.18
CA GLU C 87 -1.66 35.44 12.71
C GLU C 87 -2.33 34.42 11.79
N THR C 88 -1.59 33.98 10.78
CA THR C 88 -2.11 33.03 9.80
C THR C 88 -1.20 31.81 9.71
N ALA C 89 -1.78 30.63 9.89
CA ALA C 89 -1.06 29.38 9.72
C ALA C 89 -0.92 29.08 8.23
N ASN C 90 0.07 28.27 7.88
CA ASN C 90 0.21 27.74 6.53
C ASN C 90 -1.14 27.29 5.99
N PRO C 91 -1.59 27.87 4.85
CA PRO C 91 -2.89 27.50 4.27
C PRO C 91 -3.05 26.02 3.91
N ALA C 92 -1.93 25.29 3.84
CA ALA C 92 -1.97 23.84 3.63
C ALA C 92 -2.54 23.11 4.84
N PHE C 93 -2.42 23.72 6.02
CA PHE C 93 -2.99 23.20 7.27
C PHE C 93 -4.50 23.40 7.27
N ASN C 94 -5.19 22.58 6.47
CA ASN C 94 -6.64 22.66 6.31
C ASN C 94 -7.36 21.53 7.04
N GLY C 95 -8.68 21.45 6.85
CA GLY C 95 -9.52 20.43 7.52
C GLY C 95 -9.06 19.00 7.32
N GLU C 96 -8.67 18.67 6.08
CA GLU C 96 -8.20 17.33 5.73
C GLU C 96 -6.89 16.97 6.42
N VAL C 97 -5.95 17.91 6.43
CA VAL C 97 -4.65 17.72 7.08
C VAL C 97 -4.82 17.63 8.61
N ILE C 98 -5.68 18.49 9.16
CA ILE C 98 -6.01 18.45 10.59
C ILE C 98 -6.50 17.06 11.01
N LYS C 99 -7.37 16.46 10.19
CA LYS C 99 -7.85 15.10 10.44
C LYS C 99 -6.71 14.08 10.52
N ARG C 100 -5.72 14.22 9.63
CA ARG C 100 -4.58 13.31 9.59
C ARG C 100 -3.68 13.47 10.82
N TYR C 101 -3.45 14.71 11.24
CA TYR C 101 -2.66 14.95 12.46
C TYR C 101 -3.36 14.44 13.72
N LYS C 102 -4.68 14.50 13.75
CA LYS C 102 -5.44 13.95 14.88
C LYS C 102 -5.21 12.45 15.03
N GLU C 103 -5.23 11.72 13.91
CA GLU C 103 -4.91 10.29 13.89
C GLU C 103 -3.48 10.04 14.34
N LEU C 104 -2.55 10.85 13.82
CA LEU C 104 -1.13 10.69 14.17
C LEU C 104 -0.85 10.93 15.66
N MET C 105 -1.56 11.88 16.26
CA MET C 105 -1.46 12.14 17.69
C MET C 105 -1.90 10.93 18.52
N GLU C 106 -2.98 10.27 18.08
CA GLU C 106 -3.46 9.03 18.71
C GLU C 106 -2.40 7.94 18.61
N HIS C 107 -1.76 7.86 17.44
CA HIS C 107 -0.65 6.94 17.23
C HIS C 107 0.49 7.22 18.21
N GLY C 108 0.76 8.51 18.43
CA GLY C 108 1.75 8.97 19.41
C GLY C 108 1.48 8.46 20.82
N GLU C 109 0.20 8.40 21.21
CA GLU C 109 -0.15 7.84 22.52
C GLU C 109 0.19 6.35 22.59
N GLY C 110 0.02 5.64 21.48
CA GLY C 110 0.42 4.24 21.37
C GLY C 110 1.92 4.07 21.54
N ILE C 111 2.70 4.94 20.88
CA ILE C 111 4.17 4.92 21.01
C ILE C 111 4.59 5.18 22.46
N ALA C 112 3.96 6.17 23.09
CA ALA C 112 4.24 6.48 24.49
C ALA C 112 3.96 5.27 25.39
N ASP C 113 2.86 4.59 25.14
CA ASP C 113 2.48 3.37 25.87
C ASP C 113 3.50 2.24 25.71
N ILE C 114 4.01 2.04 24.51
CA ILE C 114 5.07 1.06 24.29
C ILE C 114 6.28 1.41 25.14
N LEU C 115 6.67 2.69 25.11
CA LEU C 115 7.87 3.16 25.83
C LEU C 115 7.76 2.95 27.34
N ARG C 116 6.58 3.27 27.90
CA ARG C 116 6.36 3.09 29.33
C ARG C 116 6.54 1.63 29.74
N SER C 117 5.97 0.71 28.95
CA SER C 117 6.08 -0.73 29.23
C SER C 117 7.52 -1.23 29.10
N ARG C 118 8.25 -0.77 28.08
CA ARG C 118 9.65 -1.15 27.91
C ARG C 118 10.48 -0.74 29.12
N LEU C 119 10.19 0.44 29.68
CA LEU C 119 10.85 0.90 30.90
C LEU C 119 10.54 -0.02 32.10
N ALA C 120 9.26 -0.37 32.26
CA ALA C 120 8.83 -1.26 33.34
C ALA C 120 9.55 -2.60 33.27
N LYS C 121 9.67 -3.16 32.08
CA LYS C 121 10.35 -4.44 31.89
C LYS C 121 11.84 -4.34 32.23
N PHE C 122 12.48 -3.26 31.79
CA PHE C 122 13.89 -3.00 32.10
C PHE C 122 14.15 -2.88 33.61
N LEU C 123 13.23 -2.23 34.32
CA LEU C 123 13.37 -2.05 35.76
C LEU C 123 13.15 -3.37 36.50
N ASN C 124 12.26 -4.21 35.96
CA ASN C 124 11.99 -5.52 36.58
C ASN C 124 13.11 -6.53 36.35
N THR C 125 13.67 -6.53 35.15
CA THR C 125 14.67 -7.53 34.77
C THR C 125 15.97 -7.33 35.53
N LYS C 126 16.45 -8.42 36.13
CA LYS C 126 17.69 -8.42 36.90
C LYS C 126 17.67 -7.48 38.11
N ASP C 127 16.47 -7.20 38.62
CA ASP C 127 16.26 -6.33 39.79
C ASP C 127 16.88 -4.93 39.61
N VAL C 128 17.00 -4.47 38.36
CA VAL C 128 17.66 -3.18 38.11
C VAL C 128 17.01 -2.05 38.89
N GLY C 129 15.67 -2.01 38.87
CA GLY C 129 14.91 -1.01 39.62
C GLY C 129 15.21 -1.01 41.11
N LYS C 130 15.13 -2.19 41.73
CA LYS C 130 15.45 -2.33 43.15
C LYS C 130 16.87 -1.89 43.46
N ARG C 131 17.83 -2.36 42.66
CA ARG C 131 19.25 -2.04 42.85
C ARG C 131 19.54 -0.56 42.65
N PHE C 132 18.86 0.05 41.67
CA PHE C 132 18.94 1.50 41.46
C PHE C 132 18.44 2.25 42.69
N ALA C 133 17.30 1.81 43.25
CA ALA C 133 16.76 2.39 44.47
C ALA C 133 17.71 2.17 45.66
N GLN C 134 18.44 1.05 45.66
CA GLN C 134 19.50 0.77 46.65
C GLN C 134 20.72 1.66 46.49
N GLY C 135 20.85 2.34 45.36
CA GLY C 135 21.95 3.25 45.12
C GLY C 135 23.00 2.81 44.11
N THR C 136 22.77 1.70 43.41
CA THR C 136 23.69 1.35 42.34
C THR C 136 23.51 2.37 41.22
N GLU C 137 24.62 2.83 40.65
CA GLU C 137 24.55 3.94 39.68
C GLU C 137 24.20 3.45 38.27
N ALA C 138 23.05 2.78 38.18
CA ALA C 138 22.55 2.24 36.92
C ALA C 138 22.31 3.32 35.87
N ASN C 139 22.05 4.55 36.34
CA ASN C 139 21.86 5.71 35.46
C ASN C 139 23.13 6.16 34.73
N ARG C 140 24.24 5.47 35.01
CA ARG C 140 25.52 5.76 34.36
C ARG C 140 25.98 4.62 33.44
N TRP C 141 25.20 3.53 33.37
CA TRP C 141 25.51 2.43 32.45
C TRP C 141 25.14 2.81 31.03
N VAL C 142 25.79 2.18 30.05
CA VAL C 142 25.48 2.43 28.63
C VAL C 142 23.99 2.20 28.30
N GLY C 143 23.34 1.30 29.04
CA GLY C 143 21.92 1.03 28.82
C GLY C 143 20.95 1.67 29.79
N GLY C 144 21.47 2.43 30.75
CA GLY C 144 20.64 2.99 31.83
C GLY C 144 20.55 4.50 31.91
N LYS C 145 21.05 5.19 30.89
CA LYS C 145 21.08 6.67 30.91
C LYS C 145 19.68 7.29 30.95
N LEU C 146 18.68 6.55 30.48
CA LEU C 146 17.30 7.06 30.59
C LEU C 146 16.80 7.13 32.04
N LEU C 147 17.49 6.46 32.95
CA LEU C 147 17.15 6.57 34.38
C LEU C 147 17.38 8.00 34.92
N ASN C 148 18.11 8.81 34.15
CA ASN C 148 18.25 10.24 34.47
C ASN C 148 16.99 11.06 34.20
N ILE C 149 16.03 10.49 33.49
CA ILE C 149 14.78 11.19 33.21
C ILE C 149 13.54 10.46 33.77
N VAL C 150 13.78 9.67 34.82
CA VAL C 150 12.69 9.03 35.55
C VAL C 150 12.48 9.64 36.94
N GLU C 151 11.34 9.34 37.53
CA GLU C 151 10.93 9.84 38.83
C GLU C 151 10.45 8.65 39.67
N GLN C 152 10.68 8.70 40.99
CA GLN C 152 10.20 7.61 41.85
C GLN C 152 8.68 7.53 41.82
N ASP C 153 8.17 6.29 41.77
CA ASP C 153 6.74 6.00 41.77
C ASP C 153 6.50 4.79 42.67
N GLY C 154 6.12 5.05 43.92
CA GLY C 154 5.97 3.97 44.90
C GLY C 154 7.27 3.19 45.03
N ASP C 155 7.20 1.87 44.82
CA ASP C 155 8.36 0.99 44.90
C ASP C 155 9.13 0.87 43.58
N THR C 156 8.75 1.67 42.59
CA THR C 156 9.39 1.61 41.27
C THR C 156 9.68 3.03 40.73
N PHE C 157 9.84 3.15 39.41
CA PHE C 157 10.11 4.43 38.76
C PHE C 157 9.28 4.56 37.49
N LYS C 158 9.09 5.81 37.04
CA LYS C 158 8.28 6.11 35.87
C LYS C 158 8.93 7.27 35.10
N TYR C 159 8.69 7.32 33.79
CA TYR C 159 9.19 8.43 32.97
C TYR C 159 8.62 9.76 33.47
N ASN C 160 9.46 10.78 33.45
CA ASN C 160 8.97 12.15 33.47
C ASN C 160 8.15 12.33 32.20
N GLU C 161 6.88 12.67 32.36
CA GLU C 161 5.95 12.66 31.23
C GLU C 161 6.24 13.75 30.20
N GLN C 162 6.71 14.91 30.68
CA GLN C 162 7.10 16.00 29.79
C GLN C 162 8.21 15.58 28.82
N LEU C 163 9.29 15.02 29.38
CA LEU C 163 10.41 14.59 28.56
C LEU C 163 10.05 13.43 27.63
N LEU C 164 9.30 12.46 28.14
CA LEU C 164 8.88 11.32 27.33
C LEU C 164 8.02 11.77 26.15
N GLN C 165 7.00 12.57 26.43
CA GLN C 165 6.02 12.95 25.41
C GLN C 165 6.63 13.89 24.36
N THR C 166 7.54 14.77 24.78
CA THR C 166 8.24 15.63 23.83
C THR C 166 9.12 14.79 22.90
N ALA C 167 9.78 13.78 23.46
CA ALA C 167 10.56 12.85 22.66
C ALA C 167 9.68 12.11 21.64
N VAL C 168 8.48 11.70 22.06
CA VAL C 168 7.56 11.02 21.14
C VAL C 168 7.19 11.94 19.98
N LEU C 169 6.94 13.22 20.26
CA LEU C 169 6.66 14.21 19.20
C LEU C 169 7.81 14.29 18.19
N ALA C 170 9.04 14.29 18.68
CA ALA C 170 10.23 14.25 17.80
C ALA C 170 10.24 12.99 16.95
N GLY C 171 9.90 11.85 17.57
CA GLY C 171 9.79 10.58 16.87
C GLY C 171 8.77 10.61 15.75
N LEU C 172 7.62 11.22 16.03
CA LEU C 172 6.56 11.38 15.01
C LEU C 172 7.01 12.24 13.82
N GLN C 173 7.66 13.37 14.10
CA GLN C 173 8.21 14.20 13.02
C GLN C 173 9.24 13.44 12.20
N TRP C 174 10.16 12.76 12.89
CA TRP C 174 11.19 11.94 12.26
C TRP C 174 10.57 10.88 11.34
N ARG C 175 9.55 10.18 11.84
CA ARG C 175 8.83 9.18 11.06
C ARG C 175 8.25 9.77 9.75
N LEU C 176 7.74 11.00 9.84
CA LEU C 176 7.12 11.66 8.68
C LEU C 176 8.11 12.10 7.60
N THR C 177 9.27 12.60 8.01
CA THR C 177 10.16 13.32 7.07
C THR C 177 11.63 12.87 7.02
N ALA C 178 12.03 11.93 7.88
CA ALA C 178 13.43 11.50 7.91
C ALA C 178 13.94 10.93 6.56
N THR C 179 13.11 10.12 5.90
CA THR C 179 13.50 9.47 4.63
C THR C 179 13.88 10.50 3.57
N SER C 180 13.14 11.61 3.52
CA SER C 180 13.38 12.66 2.54
C SER C 180 14.62 13.52 2.83
N ASN C 181 15.31 13.22 3.93
CA ASN C 181 16.51 13.97 4.30
C ASN C 181 17.78 13.12 4.47
N THR C 182 17.67 11.82 4.25
CA THR C 182 18.81 10.92 4.36
C THR C 182 19.77 11.11 3.18
N ALA C 183 21.04 10.79 3.43
CA ALA C 183 22.06 10.80 2.37
C ALA C 183 21.82 9.68 1.37
N ILE C 184 22.34 9.87 0.16
CA ILE C 184 22.33 8.83 -0.87
C ILE C 184 23.55 7.93 -0.66
N LYS C 185 23.31 6.62 -0.68
CA LYS C 185 24.38 5.63 -0.55
C LYS C 185 24.76 5.10 -1.92
N ASP C 186 26.06 5.20 -2.24
CA ASP C 186 26.59 4.60 -3.45
C ASP C 186 27.42 3.35 -3.11
N ALA C 187 28.01 2.74 -4.15
CA ALA C 187 28.84 1.55 -3.97
C ALA C 187 29.94 1.75 -2.93
N LYS C 188 30.56 2.93 -2.95
CA LYS C 188 31.62 3.30 -2.01
C LYS C 188 31.12 3.26 -0.56
N ASP C 189 29.94 3.83 -0.32
CA ASP C 189 29.33 3.83 1.01
C ASP C 189 29.03 2.43 1.52
N VAL C 190 28.45 1.60 0.65
CA VAL C 190 28.03 0.24 1.01
C VAL C 190 29.26 -0.63 1.28
N ALA C 191 30.32 -0.42 0.52
CA ALA C 191 31.59 -1.09 0.76
C ALA C 191 32.12 -0.78 2.16
N ALA C 192 32.04 0.50 2.55
CA ALA C 192 32.49 0.97 3.86
C ALA C 192 31.63 0.42 5.01
N ILE C 193 30.32 0.34 4.78
CA ILE C 193 29.39 -0.19 5.78
C ILE C 193 29.56 -1.70 5.97
N THR C 194 29.64 -2.43 4.85
CA THR C 194 29.66 -3.90 4.87
C THR C 194 31.04 -4.51 5.11
N GLY C 195 32.08 -3.79 4.72
CA GLY C 195 33.45 -4.32 4.78
C GLY C 195 33.79 -5.22 3.61
N ILE C 196 32.92 -5.23 2.60
CA ILE C 196 33.16 -6.00 1.37
C ILE C 196 33.82 -5.08 0.34
N ASP C 197 34.83 -5.59 -0.36
CA ASP C 197 35.50 -4.82 -1.41
C ASP C 197 34.48 -4.31 -2.41
N GLN C 198 34.62 -3.05 -2.79
CA GLN C 198 33.66 -2.37 -3.64
C GLN C 198 33.39 -3.12 -4.95
N ALA C 199 34.45 -3.67 -5.54
CA ALA C 199 34.34 -4.39 -6.81
C ALA C 199 33.59 -5.72 -6.70
N LEU C 200 33.46 -6.23 -5.48
CA LEU C 200 32.88 -7.55 -5.24
C LEU C 200 31.45 -7.52 -4.69
N LEU C 201 30.87 -6.32 -4.58
CA LEU C 201 29.50 -6.18 -4.08
C LEU C 201 28.52 -6.79 -5.07
N PRO C 202 27.66 -7.72 -4.60
CA PRO C 202 26.60 -8.23 -5.46
C PRO C 202 25.69 -7.08 -5.89
N GLU C 203 25.22 -7.14 -7.14
CA GLU C 203 24.34 -6.11 -7.64
C GLU C 203 23.03 -6.15 -6.85
N GLY C 204 22.63 -5.00 -6.32
CA GLY C 204 21.43 -4.93 -5.51
C GLY C 204 21.69 -4.93 -4.02
N LEU C 205 22.91 -5.28 -3.62
CA LEU C 205 23.33 -5.12 -2.23
C LEU C 205 23.41 -3.64 -1.94
N VAL C 206 23.90 -2.89 -2.93
CA VAL C 206 23.95 -1.43 -2.88
C VAL C 206 22.53 -0.85 -2.80
N GLU C 207 21.61 -1.46 -3.54
CA GLU C 207 20.21 -1.02 -3.50
C GLU C 207 19.53 -1.34 -2.17
N GLN C 208 19.78 -2.53 -1.64
CA GLN C 208 19.29 -2.92 -0.31
C GLN C 208 19.78 -1.93 0.76
N PHE C 209 21.05 -1.55 0.69
CA PHE C 209 21.62 -0.65 1.70
C PHE C 209 21.27 0.83 1.52
N ASP C 210 21.00 1.27 0.29
CA ASP C 210 20.57 2.66 0.06
C ASP C 210 19.11 2.87 0.47
N THR C 211 18.33 1.79 0.46
CA THR C 211 16.92 1.84 0.80
C THR C 211 16.67 1.90 2.32
N GLY C 212 17.64 1.47 3.11
CA GLY C 212 17.51 1.47 4.57
C GLY C 212 18.55 2.34 5.24
N MET C 213 18.29 2.71 6.49
CA MET C 213 19.25 3.45 7.30
C MET C 213 20.04 2.47 8.14
N THR C 214 21.33 2.73 8.31
CA THR C 214 22.11 1.99 9.30
C THR C 214 21.66 2.41 10.70
N LEU C 215 22.07 1.64 11.72
CA LEU C 215 21.73 1.96 13.10
C LEU C 215 22.13 3.39 13.48
N THR C 216 23.39 3.75 13.22
CA THR C 216 23.89 5.08 13.57
C THR C 216 23.14 6.16 12.78
N GLU C 217 22.86 5.88 11.51
CA GLU C 217 22.12 6.82 10.66
C GLU C 217 20.75 7.13 11.25
N ALA C 218 20.00 6.08 11.61
CA ALA C 218 18.66 6.23 12.19
C ALA C 218 18.69 6.87 13.58
N VAL C 219 19.56 6.38 14.46
CA VAL C 219 19.62 6.89 15.83
C VAL C 219 20.12 8.33 15.89
N SER C 220 21.14 8.66 15.09
CA SER C 220 21.69 10.02 15.07
C SER C 220 20.65 11.05 14.63
N SER C 221 19.91 10.73 13.56
CA SER C 221 18.80 11.54 13.05
C SER C 221 17.76 11.79 14.14
N LEU C 222 17.31 10.69 14.73
CA LEU C 222 16.31 10.73 15.80
C LEU C 222 16.78 11.49 17.02
N ALA C 223 18.01 11.22 17.46
CA ALA C 223 18.58 11.88 18.63
C ALA C 223 18.66 13.39 18.45
N GLN C 224 19.06 13.83 17.26
CA GLN C 224 19.09 15.27 16.95
C GLN C 224 17.72 15.91 17.14
N LYS C 225 16.68 15.26 16.61
CA LYS C 225 15.30 15.76 16.71
C LYS C 225 14.83 15.82 18.15
N ILE C 226 15.11 14.75 18.90
CA ILE C 226 14.73 14.69 20.32
C ILE C 226 15.36 15.81 21.12
N GLU C 227 16.67 15.99 20.98
CA GLU C 227 17.39 17.03 21.71
C GLU C 227 16.86 18.42 21.34
N SER C 228 16.59 18.59 20.05
CA SER C 228 16.03 19.83 19.52
C SER C 228 14.70 20.17 20.18
N TYR C 229 13.79 19.20 20.22
CA TYR C 229 12.45 19.40 20.79
C TYR C 229 12.46 19.56 22.31
N TRP C 230 13.41 18.90 22.98
CA TRP C 230 13.62 19.11 24.42
C TRP C 230 13.97 20.57 24.73
N GLY C 231 14.59 21.24 23.75
CA GLY C 231 14.73 22.71 23.76
C GLY C 231 15.65 23.29 24.81
N LEU C 232 16.66 22.51 25.21
CA LEU C 232 17.61 22.96 26.22
C LEU C 232 18.98 23.19 25.58
N SER C 233 19.91 23.72 26.38
CA SER C 233 21.28 23.92 25.94
C SER C 233 22.21 22.99 26.68
N ARG C 234 23.23 22.48 25.98
CA ARG C 234 24.24 21.63 26.60
C ARG C 234 25.13 22.43 27.52
N ASN C 235 25.36 21.90 28.72
CA ASN C 235 26.35 22.46 29.63
C ASN C 235 27.74 22.12 29.10
N PRO C 236 28.55 23.15 28.79
CA PRO C 236 29.89 22.93 28.24
C PRO C 236 30.84 22.17 29.18
N ASN C 237 30.49 22.09 30.46
CA ASN C 237 31.31 21.37 31.43
C ASN C 237 30.73 20.03 31.93
N ALA C 238 29.79 19.51 31.16
CA ALA C 238 29.22 18.18 31.42
C ALA C 238 29.78 17.17 30.43
N PRO C 239 30.02 15.92 30.88
CA PRO C 239 30.60 14.89 30.02
C PRO C 239 29.71 14.57 28.81
N LEU C 240 30.32 14.40 27.64
CA LEU C 240 29.60 14.02 26.42
C LEU C 240 28.83 12.70 26.55
N GLY C 241 29.27 11.87 27.49
CA GLY C 241 28.56 10.63 27.81
C GLY C 241 27.11 10.85 28.17
N TYR C 242 26.81 12.03 28.71
CA TYR C 242 25.44 12.37 29.11
C TYR C 242 24.76 13.38 28.18
N THR C 243 25.48 14.41 27.76
CA THR C 243 24.91 15.42 26.84
C THR C 243 24.49 14.80 25.51
N LYS C 244 25.35 13.95 24.95
CA LYS C 244 24.98 13.16 23.77
C LYS C 244 24.27 11.89 24.18
N GLY C 245 24.70 11.32 25.31
CA GLY C 245 24.23 10.01 25.74
C GLY C 245 22.75 9.90 26.03
N ILE C 246 22.20 10.87 26.75
CA ILE C 246 20.80 10.83 27.16
C ILE C 246 19.83 10.92 25.96
N PRO C 247 19.96 11.95 25.10
CA PRO C 247 19.11 11.95 23.90
C PRO C 247 19.32 10.75 22.97
N THR C 248 20.55 10.24 22.89
CA THR C 248 20.82 9.04 22.09
C THR C 248 20.13 7.80 22.68
N ALA C 249 20.15 7.69 24.01
CA ALA C 249 19.45 6.59 24.69
C ALA C 249 17.95 6.64 24.41
N MET C 250 17.39 7.85 24.43
CA MET C 250 15.97 8.07 24.12
C MET C 250 15.67 7.66 22.68
N ALA C 251 16.53 8.07 21.76
CA ALA C 251 16.42 7.73 20.34
C ALA C 251 16.46 6.21 20.12
N ALA C 252 17.38 5.52 20.79
CA ALA C 252 17.46 4.06 20.71
C ALA C 252 16.12 3.43 21.14
N GLU C 253 15.54 3.93 22.23
CA GLU C 253 14.26 3.41 22.71
C GLU C 253 13.13 3.68 21.73
N ILE C 254 13.09 4.88 21.18
CA ILE C 254 12.06 5.24 20.21
C ILE C 254 12.17 4.39 18.94
N LEU C 255 13.41 4.17 18.46
CA LEU C 255 13.61 3.30 17.30
C LEU C 255 13.08 1.89 17.57
N ALA C 256 13.41 1.35 18.76
CA ALA C 256 12.91 0.04 19.18
C ALA C 256 11.38 0.02 19.26
N ALA C 257 10.80 1.09 19.77
CA ALA C 257 9.34 1.24 19.83
C ALA C 257 8.74 1.25 18.42
N PHE C 258 9.40 1.93 17.50
CA PHE C 258 8.95 2.01 16.10
C PHE C 258 9.02 0.65 15.39
N VAL C 259 10.00 -0.17 15.77
CA VAL C 259 10.09 -1.54 15.26
C VAL C 259 8.91 -2.37 15.78
N GLU C 260 8.54 -2.17 17.05
CA GLU C 260 7.38 -2.83 17.64
C GLU C 260 6.05 -2.37 17.03
N SER C 261 6.02 -1.13 16.53
CA SER C 261 4.79 -0.53 16.02
C SER C 261 4.59 -0.72 14.52
N THR C 262 5.62 -1.26 13.86
CA THR C 262 5.68 -1.42 12.40
C THR C 262 5.89 -0.10 11.62
N ASP C 263 6.10 1.01 12.34
CA ASP C 263 6.48 2.27 11.69
C ASP C 263 7.85 2.13 11.03
N VAL C 264 8.67 1.26 11.61
CA VAL C 264 10.00 0.95 11.10
C VAL C 264 10.12 -0.58 11.00
N VAL C 265 10.78 -1.04 9.93
CA VAL C 265 11.11 -2.44 9.77
C VAL C 265 12.62 -2.60 9.96
N GLU C 266 12.99 -3.54 10.82
CA GLU C 266 14.39 -3.84 11.13
C GLU C 266 14.78 -5.14 10.44
N ASN C 267 15.87 -5.10 9.69
CA ASN C 267 16.42 -6.29 9.04
C ASN C 267 17.93 -6.38 9.32
N ILE C 268 18.32 -7.42 10.06
CA ILE C 268 19.73 -7.68 10.34
C ILE C 268 20.32 -8.49 9.20
N VAL C 269 21.23 -7.87 8.44
CA VAL C 269 21.78 -8.47 7.24
C VAL C 269 23.07 -9.23 7.55
N ASP C 270 23.08 -10.52 7.23
CA ASP C 270 24.21 -11.38 7.51
C ASP C 270 25.18 -11.35 6.34
N MET C 271 26.36 -10.76 6.56
CA MET C 271 27.38 -10.64 5.52
C MET C 271 28.02 -11.98 5.13
N SER C 272 27.97 -12.95 6.03
CA SER C 272 28.56 -14.28 5.77
C SER C 272 27.86 -15.02 4.63
N GLU C 273 26.66 -14.56 4.27
CA GLU C 273 25.93 -15.11 3.13
C GLU C 273 26.55 -14.70 1.80
N ILE C 274 27.18 -13.52 1.79
CA ILE C 274 27.90 -13.02 0.61
C ILE C 274 29.33 -13.54 0.63
N ASP C 275 30.05 -13.23 1.71
CA ASP C 275 31.41 -13.72 1.92
C ASP C 275 31.46 -14.41 3.28
N PRO C 276 31.65 -15.75 3.29
CA PRO C 276 31.64 -16.53 4.54
C PRO C 276 32.71 -16.09 5.54
N ASP C 277 33.72 -15.36 5.06
CA ASP C 277 34.80 -14.87 5.91
C ASP C 277 34.49 -13.52 6.56
N ASN C 278 33.36 -12.92 6.17
CA ASN C 278 32.88 -11.68 6.78
C ASN C 278 31.90 -12.00 7.91
N LYS C 279 32.29 -11.64 9.14
CA LYS C 279 31.50 -11.98 10.33
C LYS C 279 30.48 -10.93 10.75
N LYS C 280 30.41 -9.83 10.00
CA LYS C 280 29.50 -8.73 10.33
C LYS C 280 28.03 -9.07 10.10
N THR C 281 27.19 -8.65 11.04
CA THR C 281 25.74 -8.68 10.89
C THR C 281 25.29 -7.23 11.07
N ILE C 282 24.60 -6.70 10.07
CA ILE C 282 24.38 -5.25 9.98
C ILE C 282 22.90 -4.89 9.95
N GLY C 283 22.48 -4.06 10.89
CA GLY C 283 21.08 -3.63 10.95
C GLY C 283 20.73 -2.62 9.89
N LEU C 284 19.57 -2.80 9.27
CA LEU C 284 19.02 -1.83 8.33
C LEU C 284 17.59 -1.49 8.76
N TYR C 285 17.28 -0.20 8.77
CA TYR C 285 16.01 0.30 9.28
C TYR C 285 15.29 1.09 8.19
N THR C 286 14.09 0.63 7.85
CA THR C 286 13.32 1.25 6.78
C THR C 286 12.00 1.76 7.36
N ILE C 287 11.77 3.05 7.22
CA ILE C 287 10.53 3.68 7.65
C ILE C 287 9.42 3.29 6.67
N THR C 288 8.28 2.89 7.22
CA THR C 288 7.12 2.53 6.42
C THR C 288 6.62 3.76 5.66
N GLU C 289 6.59 3.63 4.33
CA GLU C 289 6.13 4.71 3.45
C GLU C 289 4.68 5.07 3.71
N LEU C 290 4.42 6.38 3.80
CA LEU C 290 3.05 6.90 3.81
C LEU C 290 2.48 6.74 2.40
N ASP C 291 1.17 6.49 2.32
CA ASP C 291 0.48 6.50 1.04
C ASP C 291 0.74 7.81 0.31
N SER C 292 0.96 7.72 -1.00
CA SER C 292 1.20 8.91 -1.82
C SER C 292 0.03 9.88 -1.78
N PHE C 293 -1.18 9.36 -1.53
CA PHE C 293 -2.38 10.18 -1.46
C PHE C 293 -2.73 10.71 -0.06
N ASP C 294 -1.91 10.37 0.93
CA ASP C 294 -2.11 10.85 2.30
C ASP C 294 -2.06 12.38 2.33
N PRO C 295 -3.15 13.04 2.78
CA PRO C 295 -3.19 14.50 2.87
C PRO C 295 -2.04 15.08 3.69
N ILE C 296 -1.49 14.30 4.62
CA ILE C 296 -0.40 14.77 5.48
C ILE C 296 0.87 15.11 4.66
N ASN C 297 1.00 14.48 3.48
CA ASN C 297 2.11 14.77 2.56
C ASN C 297 2.15 16.23 2.13
N SER C 298 0.98 16.88 2.11
CA SER C 298 0.87 18.29 1.71
C SER C 298 1.35 19.28 2.78
N PHE C 299 1.50 18.82 4.03
CA PHE C 299 2.07 19.65 5.10
C PHE C 299 2.66 18.74 6.18
N PRO C 300 3.82 18.12 5.90
CA PRO C 300 4.35 17.06 6.76
C PRO C 300 5.17 17.56 7.96
N THR C 301 5.13 18.88 8.19
CA THR C 301 5.96 19.52 9.21
C THR C 301 5.18 20.35 10.24
N ALA C 302 3.89 20.07 10.39
CA ALA C 302 3.06 20.79 11.37
C ALA C 302 3.57 20.66 12.80
N ILE C 303 4.07 19.48 13.17
CA ILE C 303 4.66 19.27 14.50
C ILE C 303 5.93 20.11 14.70
N GLU C 304 6.88 20.00 13.77
CA GLU C 304 8.11 20.79 13.79
C GLU C 304 7.81 22.29 13.95
N GLU C 305 6.87 22.78 13.15
CA GLU C 305 6.57 24.20 13.09
C GLU C 305 5.77 24.69 14.30
N ALA C 306 5.13 23.75 15.01
CA ALA C 306 4.45 24.04 16.27
C ALA C 306 5.41 23.99 17.46
N VAL C 307 6.27 22.98 17.49
CA VAL C 307 7.17 22.77 18.63
C VAL C 307 8.32 23.78 18.66
N LEU C 308 9.02 23.94 17.53
CA LEU C 308 10.21 24.79 17.49
C LEU C 308 9.92 26.23 17.09
N VAL C 309 10.46 27.17 17.88
CA VAL C 309 10.37 28.59 17.58
C VAL C 309 11.08 28.90 16.26
N ASN C 310 12.21 28.23 16.05
CA ASN C 310 12.94 28.34 14.79
C ASN C 310 13.07 26.98 14.10
N PRO C 311 12.02 26.56 13.37
CA PRO C 311 12.00 25.24 12.75
C PRO C 311 13.02 25.15 11.62
N THR C 312 13.64 23.99 11.46
CA THR C 312 14.54 23.76 10.34
C THR C 312 13.77 23.13 9.17
N GLU C 313 12.91 22.16 9.48
CA GLU C 313 12.12 21.47 8.45
C GLU C 313 10.86 22.24 8.11
N LYS C 314 10.83 22.78 6.89
CA LYS C 314 9.75 23.64 6.42
C LYS C 314 10.04 24.09 4.99
N MET C 315 9.00 24.55 4.30
CA MET C 315 9.17 25.23 3.02
C MET C 315 9.28 26.72 3.24
N PHE C 316 10.03 27.39 2.37
CA PHE C 316 10.29 28.82 2.48
C PHE C 316 9.58 29.55 1.34
N PHE C 317 8.42 30.13 1.64
CA PHE C 317 7.58 30.81 0.66
C PHE C 317 7.71 32.32 0.75
N GLY C 318 7.76 32.98 -0.41
CA GLY C 318 7.73 34.45 -0.49
C GLY C 318 8.80 35.15 0.32
N ASP C 319 8.38 36.03 1.24
CA ASP C 319 9.32 36.80 2.06
C ASP C 319 10.06 35.97 3.11
N ASP C 320 9.56 34.76 3.37
CA ASP C 320 10.17 33.87 4.35
C ASP C 320 11.41 33.24 3.71
N ILE C 321 12.57 33.80 4.01
CA ILE C 321 13.82 33.34 3.43
C ILE C 321 14.65 32.57 4.46
N PRO C 322 15.27 31.45 4.04
CA PRO C 322 16.10 30.70 4.99
C PRO C 322 17.29 31.50 5.55
N PRO C 323 17.66 31.24 6.81
CA PRO C 323 18.85 31.89 7.39
C PRO C 323 20.12 31.38 6.73
N VAL C 324 21.21 32.13 6.89
CA VAL C 324 22.51 31.76 6.32
C VAL C 324 23.32 30.98 7.35
N ALA C 325 23.69 29.75 6.99
CA ALA C 325 24.48 28.87 7.85
C ALA C 325 25.84 29.47 8.19
N ASN C 326 26.24 29.33 9.45
CA ASN C 326 27.49 29.91 9.96
C ASN C 326 28.70 29.01 9.78
N THR C 327 28.47 27.69 9.82
CA THR C 327 29.56 26.74 9.73
C THR C 327 29.44 25.80 8.54
N GLN C 328 30.60 25.36 8.05
CA GLN C 328 30.71 24.38 6.98
C GLN C 328 29.96 23.10 7.35
N LEU C 329 29.27 22.52 6.37
CA LEU C 329 28.42 21.35 6.59
C LEU C 329 29.18 20.20 7.25
N ARG C 330 28.70 19.79 8.43
CA ARG C 330 29.29 18.71 9.23
C ARG C 330 30.76 18.95 9.64
N ASN C 331 31.21 20.20 9.56
CA ASN C 331 32.55 20.61 10.02
C ASN C 331 32.48 21.79 11.00
N PRO C 332 32.06 21.54 12.25
CA PRO C 332 31.87 22.61 13.24
C PRO C 332 33.07 23.51 13.52
N ALA C 333 34.29 23.02 13.25
CA ALA C 333 35.50 23.82 13.48
C ALA C 333 35.76 24.84 12.36
N VAL C 334 34.98 24.76 11.29
CA VAL C 334 35.18 25.60 10.11
C VAL C 334 34.01 26.56 9.90
N ARG C 335 34.29 27.85 10.10
CA ARG C 335 33.32 28.90 9.81
C ARG C 335 33.25 29.12 8.29
N ASN C 336 32.04 29.29 7.76
CA ASN C 336 31.88 29.79 6.40
C ASN C 336 32.48 31.19 6.35
N THR C 337 33.28 31.47 5.32
CA THR C 337 33.91 32.78 5.20
C THR C 337 32.84 33.83 4.88
N PRO C 338 33.14 35.12 5.13
CA PRO C 338 32.21 36.17 4.71
C PRO C 338 31.78 36.05 3.24
N GLU C 339 32.71 35.76 2.33
CA GLU C 339 32.34 35.58 0.93
C GLU C 339 31.47 34.35 0.70
N GLN C 340 31.78 33.25 1.40
CA GLN C 340 30.97 32.05 1.33
C GLN C 340 29.54 32.29 1.81
N LYS C 341 29.40 33.05 2.90
CA LYS C 341 28.08 33.41 3.42
C LYS C 341 27.30 34.30 2.44
N ALA C 342 28.01 35.24 1.80
CA ALA C 342 27.41 36.10 0.77
C ALA C 342 26.90 35.30 -0.43
N ALA C 343 27.66 34.30 -0.85
CA ALA C 343 27.24 33.39 -1.92
C ALA C 343 25.98 32.61 -1.55
N LEU C 344 25.99 32.01 -0.35
CA LEU C 344 24.84 31.28 0.18
C LEU C 344 23.59 32.16 0.23
N LYS C 345 23.76 33.37 0.75
CA LYS C 345 22.67 34.35 0.81
C LYS C 345 22.07 34.60 -0.59
N ALA C 346 22.94 34.81 -1.57
CA ALA C 346 22.52 35.08 -2.95
C ALA C 346 21.73 33.91 -3.53
N GLU C 347 22.20 32.69 -3.30
CA GLU C 347 21.52 31.51 -3.82
C GLU C 347 20.18 31.27 -3.12
N GLN C 348 20.13 31.60 -1.84
CA GLN C 348 18.90 31.45 -1.06
C GLN C 348 17.84 32.50 -1.43
N ALA C 349 18.29 33.65 -1.93
CA ALA C 349 17.38 34.76 -2.32
C ALA C 349 16.64 34.49 -3.63
N THR C 350 17.21 33.62 -4.46
CA THR C 350 16.60 33.27 -5.74
C THR C 350 15.20 32.68 -5.57
N GLU C 351 14.25 33.20 -6.34
CA GLU C 351 12.88 32.69 -6.31
C GLU C 351 12.69 31.59 -7.34
N PHE C 352 12.19 30.44 -6.87
CA PHE C 352 11.81 29.34 -7.75
C PHE C 352 10.30 29.29 -7.92
N TYR C 353 9.86 28.95 -9.13
CA TYR C 353 8.42 28.87 -9.43
C TYR C 353 8.04 27.59 -10.14
N VAL C 354 6.86 27.08 -9.78
CA VAL C 354 6.25 25.94 -10.46
C VAL C 354 5.98 26.29 -11.93
N HIS C 355 6.36 25.38 -12.84
CA HIS C 355 5.95 25.45 -14.24
C HIS C 355 4.77 24.53 -14.46
N THR C 356 3.57 25.12 -14.47
CA THR C 356 2.32 24.35 -14.49
C THR C 356 2.20 23.33 -15.64
N PRO C 357 2.59 23.72 -16.88
CA PRO C 357 2.48 22.77 -17.99
C PRO C 357 3.24 21.46 -17.78
N MET C 358 4.43 21.53 -17.18
CA MET C 358 5.20 20.31 -16.89
C MET C 358 4.58 19.48 -15.76
N VAL C 359 4.03 20.16 -14.75
CA VAL C 359 3.30 19.47 -13.67
C VAL C 359 2.10 18.73 -14.26
N GLN C 360 1.37 19.41 -15.15
CA GLN C 360 0.21 18.84 -15.80
C GLN C 360 0.59 17.68 -16.72
N PHE C 361 1.72 17.82 -17.42
CA PHE C 361 2.23 16.75 -18.27
C PHE C 361 2.56 15.50 -17.44
N TYR C 362 3.29 15.69 -16.33
CA TYR C 362 3.61 14.59 -15.41
C TYR C 362 2.35 13.91 -14.87
N GLU C 363 1.40 14.74 -14.44
CA GLU C 363 0.14 14.32 -13.83
C GLU C 363 -0.70 13.48 -14.79
N THR C 364 -0.77 13.93 -16.06
CA THR C 364 -1.57 13.28 -17.09
C THR C 364 -0.94 11.97 -17.55
N LEU C 365 0.38 11.96 -17.72
CA LEU C 365 1.10 10.71 -17.94
C LEU C 365 0.83 9.75 -16.79
N GLY C 366 1.01 10.26 -15.57
CA GLY C 366 0.82 9.47 -14.37
C GLY C 366 2.09 8.74 -13.97
N LYS C 367 2.17 8.36 -12.70
CA LYS C 367 3.36 7.71 -12.14
C LYS C 367 3.77 6.46 -12.90
N ASP C 368 2.81 5.59 -13.19
CA ASP C 368 3.06 4.33 -13.89
C ASP C 368 3.71 4.56 -15.26
N ARG C 369 3.16 5.47 -16.04
CA ARG C 369 3.74 5.81 -17.35
C ARG C 369 5.07 6.57 -17.26
N ILE C 370 5.29 7.32 -16.19
CA ILE C 370 6.59 7.95 -15.94
C ILE C 370 7.64 6.86 -15.66
N LEU C 371 7.25 5.87 -14.86
CA LEU C 371 8.11 4.72 -14.57
C LEU C 371 8.41 3.91 -15.83
N GLU C 372 7.42 3.75 -16.69
CA GLU C 372 7.58 3.02 -17.94
C GLU C 372 8.51 3.76 -18.89
N LEU C 373 8.33 5.08 -18.97
CA LEU C 373 9.11 5.91 -19.89
C LEU C 373 10.53 6.16 -19.37
N MET C 374 10.63 6.58 -18.10
CA MET C 374 11.89 7.05 -17.54
C MET C 374 12.58 6.06 -16.61
N GLY C 375 11.85 5.02 -16.19
CA GLY C 375 12.40 4.00 -15.33
C GLY C 375 12.47 2.65 -16.01
N ALA C 376 12.02 1.62 -15.29
CA ALA C 376 12.08 0.24 -15.76
C ALA C 376 10.68 -0.32 -16.03
N GLY C 377 9.66 0.45 -15.68
CA GLY C 377 8.26 0.02 -15.85
C GLY C 377 7.88 -1.11 -14.91
N THR C 378 6.94 -1.95 -15.35
CA THR C 378 6.49 -3.09 -14.56
C THR C 378 7.49 -4.24 -14.70
N LEU C 379 7.88 -4.82 -13.57
CA LEU C 379 8.87 -5.88 -13.55
C LEU C 379 8.25 -7.27 -13.45
N ASN C 380 8.48 -8.08 -14.47
CA ASN C 380 8.11 -9.48 -14.50
C ASN C 380 9.31 -10.31 -14.02
N LYS C 381 9.31 -10.68 -12.74
CA LYS C 381 10.46 -11.33 -12.12
C LYS C 381 10.77 -12.74 -12.62
N GLU C 382 9.92 -13.26 -13.51
CA GLU C 382 10.14 -14.57 -14.13
C GLU C 382 10.87 -14.44 -15.47
N LEU C 383 10.90 -13.23 -16.01
CA LEU C 383 11.61 -12.96 -17.26
C LEU C 383 12.84 -12.09 -17.01
N LEU C 384 13.32 -12.08 -15.77
CA LEU C 384 14.48 -11.30 -15.37
C LEU C 384 15.53 -12.11 -14.64
N ASN C 385 16.80 -11.85 -14.97
CA ASN C 385 17.93 -12.33 -14.19
C ASN C 385 17.88 -11.68 -12.81
N ASP C 386 18.16 -12.46 -11.77
CA ASP C 386 18.02 -12.03 -10.37
C ASP C 386 18.84 -10.78 -10.02
N ASN C 387 20.03 -10.66 -10.62
CA ASN C 387 20.89 -9.49 -10.39
C ASN C 387 20.36 -8.27 -11.12
N HIS C 388 19.98 -8.47 -12.39
CA HIS C 388 19.40 -7.43 -13.24
C HIS C 388 18.13 -6.85 -12.64
N ALA C 389 17.26 -7.72 -12.11
CA ALA C 389 16.00 -7.32 -11.48
C ALA C 389 16.23 -6.35 -10.31
N LYS C 390 17.30 -6.59 -9.55
CA LYS C 390 17.65 -5.75 -8.41
C LYS C 390 18.02 -4.33 -8.84
N SER C 391 18.73 -4.22 -9.96
CA SER C 391 19.13 -2.93 -10.52
C SER C 391 17.92 -2.15 -11.05
N LEU C 392 17.00 -2.86 -11.71
CA LEU C 392 15.77 -2.24 -12.22
C LEU C 392 14.86 -1.74 -11.09
N GLU C 393 14.83 -2.48 -9.98
CA GLU C 393 14.12 -2.05 -8.78
C GLU C 393 14.62 -0.70 -8.27
N GLY C 394 15.95 -0.55 -8.25
CA GLY C 394 16.59 0.68 -7.85
C GLY C 394 16.30 1.83 -8.82
N LYS C 395 16.27 1.51 -10.11
CA LYS C 395 15.93 2.50 -11.13
C LYS C 395 14.51 3.03 -10.92
N ASN C 396 13.57 2.11 -10.69
CA ASN C 396 12.17 2.47 -10.40
C ASN C 396 12.02 3.26 -9.11
N ARG C 397 12.67 2.81 -8.04
CA ARG C 397 12.60 3.47 -6.74
C ARG C 397 12.94 4.96 -6.83
N SER C 398 14.04 5.27 -7.51
CA SER C 398 14.54 6.64 -7.64
C SER C 398 13.57 7.55 -8.38
N VAL C 399 13.02 7.06 -9.48
CA VAL C 399 12.04 7.81 -10.28
C VAL C 399 10.74 7.98 -9.50
N GLU C 400 10.27 6.89 -8.90
CA GLU C 400 9.05 6.90 -8.09
C GLU C 400 9.14 7.85 -6.90
N ASP C 401 10.25 7.79 -6.19
CA ASP C 401 10.44 8.65 -5.02
C ASP C 401 10.49 10.14 -5.38
N SER C 402 11.16 10.47 -6.49
CA SER C 402 11.23 11.86 -6.92
C SER C 402 9.87 12.36 -7.45
N TYR C 403 9.14 11.49 -8.14
CA TYR C 403 7.77 11.79 -8.57
C TYR C 403 6.89 12.13 -7.37
N ASN C 404 6.84 11.22 -6.40
CA ASN C 404 6.10 11.41 -5.16
C ASN C 404 6.52 12.65 -4.39
N GLN C 405 7.82 12.89 -4.31
CA GLN C 405 8.35 14.07 -3.65
C GLN C 405 7.86 15.35 -4.31
N LEU C 406 7.97 15.43 -5.63
CA LEU C 406 7.50 16.60 -6.38
C LEU C 406 6.04 16.89 -6.08
N PHE C 407 5.19 15.87 -6.17
CA PHE C 407 3.75 16.12 -6.03
C PHE C 407 3.30 16.46 -4.62
N SER C 408 4.04 15.98 -3.62
CA SER C 408 3.78 16.41 -2.24
C SER C 408 4.17 17.89 -2.07
N VAL C 409 5.25 18.31 -2.72
CA VAL C 409 5.66 19.71 -2.73
C VAL C 409 4.62 20.57 -3.45
N ILE C 410 4.19 20.11 -4.63
CA ILE C 410 3.17 20.81 -5.42
C ILE C 410 1.89 21.01 -4.61
N GLU C 411 1.44 19.96 -3.92
CA GLU C 411 0.29 20.06 -3.02
C GLU C 411 0.41 21.22 -2.03
N GLN C 412 1.58 21.38 -1.40
CA GLN C 412 1.78 22.49 -0.46
C GLN C 412 1.83 23.85 -1.14
N VAL C 413 2.53 23.94 -2.27
CA VAL C 413 2.61 25.18 -3.06
C VAL C 413 1.23 25.62 -3.53
N ARG C 414 0.46 24.68 -4.05
CA ARG C 414 -0.89 24.92 -4.56
C ARG C 414 -1.80 25.58 -3.52
N ALA C 415 -1.61 25.21 -2.25
CA ALA C 415 -2.42 25.73 -1.16
C ALA C 415 -2.13 27.19 -0.78
N GLN C 416 -0.98 27.71 -1.22
CA GLN C 416 -0.49 29.01 -0.76
C GLN C 416 -1.27 30.20 -1.33
N SER C 417 -1.82 30.01 -2.52
CA SER C 417 -2.53 31.06 -3.25
C SER C 417 -3.39 30.40 -4.32
N GLU C 418 -4.18 31.20 -5.05
CA GLU C 418 -4.98 30.62 -6.12
C GLU C 418 -4.22 30.47 -7.45
N ASP C 419 -3.06 31.10 -7.58
CA ASP C 419 -2.23 30.95 -8.77
C ASP C 419 -0.87 30.35 -8.39
N ILE C 420 -0.76 29.03 -8.56
CA ILE C 420 0.43 28.29 -8.17
C ILE C 420 1.71 28.82 -8.85
N SER C 421 1.55 29.36 -10.06
CA SER C 421 2.70 29.82 -10.85
C SER C 421 3.40 31.07 -10.30
N THR C 422 2.76 31.79 -9.38
CA THR C 422 3.34 33.01 -8.81
C THR C 422 3.79 32.90 -7.35
N VAL C 423 3.71 31.70 -6.79
CA VAL C 423 4.20 31.47 -5.43
C VAL C 423 5.72 31.33 -5.44
N PRO C 424 6.44 32.28 -4.82
CA PRO C 424 7.91 32.18 -4.84
C PRO C 424 8.38 31.14 -3.83
N ILE C 425 9.28 30.26 -4.26
CA ILE C 425 9.86 29.23 -3.40
C ILE C 425 11.36 29.50 -3.24
N HIS C 426 11.83 29.49 -2.00
CA HIS C 426 13.27 29.61 -1.72
C HIS C 426 13.80 28.29 -1.19
N TYR C 427 15.07 28.00 -1.48
CA TYR C 427 15.72 26.80 -1.00
C TYR C 427 16.91 27.12 -0.12
N ALA C 428 17.05 26.38 0.98
CA ALA C 428 18.23 26.49 1.83
C ALA C 428 19.42 25.79 1.18
N TYR C 429 20.61 26.36 1.38
CA TYR C 429 21.86 25.78 0.92
C TYR C 429 22.86 25.75 2.07
N ASN C 430 23.86 24.89 2.01
CA ASN C 430 25.05 25.06 2.84
C ASN C 430 26.29 24.76 2.03
N MET C 431 27.43 25.22 2.56
CA MET C 431 28.73 24.99 1.95
C MET C 431 29.28 23.68 2.48
N THR C 432 29.65 22.78 1.56
CA THR C 432 30.24 21.51 1.95
C THR C 432 31.74 21.66 2.16
N ARG C 433 32.37 20.58 2.63
CA ARG C 433 33.81 20.48 2.89
C ARG C 433 34.66 20.76 1.66
N VAL C 434 34.09 20.58 0.47
CA VAL C 434 34.79 20.85 -0.79
C VAL C 434 34.38 22.18 -1.43
N GLY C 435 33.75 23.04 -0.63
CA GLY C 435 33.43 24.41 -1.05
C GLY C 435 32.31 24.53 -2.06
N ARG C 436 31.44 23.51 -2.11
CA ARG C 436 30.29 23.52 -3.01
C ARG C 436 29.01 23.93 -2.28
N MET C 437 28.17 24.67 -2.99
CA MET C 437 26.88 25.12 -2.45
C MET C 437 25.80 24.10 -2.74
N GLN C 438 25.45 23.33 -1.73
CA GLN C 438 24.55 22.21 -1.87
C GLN C 438 23.16 22.56 -1.37
N MET C 439 22.17 22.37 -2.23
CA MET C 439 20.78 22.55 -1.87
C MET C 439 20.38 21.46 -0.88
N LEU C 440 19.86 21.88 0.28
CA LEU C 440 19.36 20.94 1.30
C LEU C 440 18.28 20.03 0.75
N GLY C 441 18.29 18.76 1.16
CA GLY C 441 17.22 17.83 0.80
C GLY C 441 17.61 16.82 -0.26
N LYS C 442 16.92 15.68 -0.24
CA LYS C 442 17.23 14.55 -1.13
C LYS C 442 16.85 14.84 -2.59
N TYR C 443 15.58 15.22 -2.81
CA TYR C 443 15.07 15.50 -4.16
C TYR C 443 14.58 16.94 -4.29
N ASN C 444 15.39 17.76 -4.93
CA ASN C 444 15.10 19.17 -5.15
C ASN C 444 15.57 19.52 -6.58
N PRO C 445 15.34 20.77 -7.04
CA PRO C 445 15.78 21.10 -8.42
C PRO C 445 17.26 20.80 -8.72
N GLN C 446 18.15 21.03 -7.76
CA GLN C 446 19.58 20.79 -7.96
C GLN C 446 19.93 19.29 -8.09
N SER C 447 19.23 18.45 -7.32
CA SER C 447 19.60 17.04 -7.19
C SER C 447 18.77 16.08 -8.05
N ALA C 448 17.56 16.50 -8.42
CA ALA C 448 16.60 15.59 -9.05
C ALA C 448 16.08 16.12 -10.37
N LYS C 449 16.40 15.43 -11.45
CA LYS C 449 16.09 15.90 -12.81
C LYS C 449 14.58 15.99 -13.09
N LEU C 450 13.79 15.10 -12.51
CA LEU C 450 12.34 15.18 -12.62
C LEU C 450 11.83 16.49 -12.01
N VAL C 451 12.33 16.82 -10.82
CA VAL C 451 11.94 18.05 -10.11
C VAL C 451 12.43 19.30 -10.83
N ARG C 452 13.64 19.22 -11.39
CA ARG C 452 14.28 20.33 -12.09
C ARG C 452 13.46 20.90 -13.25
N GLU C 453 12.64 20.05 -13.87
CA GLU C 453 11.82 20.49 -15.00
C GLU C 453 10.43 20.96 -14.61
N ALA C 454 10.15 20.94 -13.30
CA ALA C 454 8.84 21.39 -12.80
C ALA C 454 8.92 22.60 -11.86
N ILE C 455 10.06 22.79 -11.22
CA ILE C 455 10.30 23.94 -10.33
C ILE C 455 11.61 24.63 -10.74
N LEU C 456 11.48 25.84 -11.29
CA LEU C 456 12.62 26.53 -11.92
C LEU C 456 12.74 28.00 -11.52
N PRO C 457 13.99 28.52 -11.45
CA PRO C 457 14.20 29.94 -11.21
C PRO C 457 14.30 30.71 -12.53
N THR C 458 14.44 29.96 -13.62
CA THR C 458 14.69 30.55 -14.94
C THR C 458 13.40 31.05 -15.58
N LYS C 459 13.47 32.23 -16.20
CA LYS C 459 12.32 32.88 -16.82
C LYS C 459 12.80 33.71 -17.98
N ALA C 460 12.06 33.70 -19.08
CA ALA C 460 12.33 34.61 -20.18
C ALA C 460 11.05 35.05 -20.90
N THR C 461 11.08 36.26 -21.43
CA THR C 461 10.05 36.76 -22.34
C THR C 461 10.71 36.91 -23.71
N LEU C 462 10.23 36.16 -24.69
CA LEU C 462 10.86 36.12 -26.00
C LEU C 462 9.90 36.53 -27.11
N ASP C 463 10.41 37.31 -28.06
CA ASP C 463 9.66 37.60 -29.27
C ASP C 463 10.03 36.56 -30.32
N LEU C 464 9.17 35.55 -30.43
CA LEU C 464 9.38 34.45 -31.36
C LEU C 464 8.49 34.57 -32.60
N SER C 465 8.03 35.79 -32.88
CA SER C 465 7.19 36.04 -34.06
C SER C 465 8.01 35.98 -35.35
N ASN C 466 9.32 36.15 -35.22
CA ASN C 466 10.26 36.09 -36.34
C ASN C 466 11.41 35.13 -36.03
N GLN C 467 11.49 34.06 -36.82
CA GLN C 467 12.48 33.00 -36.60
C GLN C 467 13.92 33.40 -36.98
N ASN C 468 14.08 34.64 -37.47
CA ASN C 468 15.39 35.12 -37.90
C ASN C 468 16.13 35.96 -36.85
N ASN C 469 15.45 36.31 -35.76
CA ASN C 469 16.03 37.21 -34.76
C ASN C 469 16.66 36.47 -33.57
N GLU C 470 17.36 37.22 -32.72
CA GLU C 470 18.17 36.63 -31.65
C GLU C 470 17.39 35.86 -30.59
N ASP C 471 16.17 36.30 -30.28
CA ASP C 471 15.31 35.60 -29.33
C ASP C 471 15.00 34.17 -29.77
N PHE C 472 14.73 34.00 -31.07
CA PHE C 472 14.44 32.67 -31.59
C PHE C 472 15.68 31.78 -31.59
N SER C 473 16.84 32.38 -31.84
CA SER C 473 18.11 31.64 -31.78
C SER C 473 18.37 31.12 -30.35
N ALA C 474 18.05 31.94 -29.37
CA ALA C 474 18.19 31.57 -27.95
C ALA C 474 17.28 30.40 -27.60
N PHE C 475 16.04 30.47 -28.07
CA PHE C 475 15.04 29.42 -27.92
C PHE C 475 15.54 28.11 -28.55
N GLN C 476 16.04 28.22 -29.78
CA GLN C 476 16.64 27.08 -30.49
C GLN C 476 17.77 26.43 -29.69
N LEU C 477 18.67 27.26 -29.16
CA LEU C 477 19.80 26.77 -28.37
C LEU C 477 19.34 25.94 -27.19
N GLY C 478 18.38 26.46 -26.44
CA GLY C 478 17.78 25.75 -25.30
C GLY C 478 17.12 24.43 -25.70
N LEU C 479 16.40 24.44 -26.83
CA LEU C 479 15.73 23.23 -27.31
C LEU C 479 16.75 22.19 -27.75
N ALA C 480 17.73 22.61 -28.55
CA ALA C 480 18.75 21.72 -29.08
C ALA C 480 19.54 21.06 -27.95
N GLN C 481 19.98 21.84 -26.98
CA GLN C 481 20.73 21.29 -25.84
C GLN C 481 19.90 20.27 -25.07
N ALA C 482 18.64 20.62 -24.80
CA ALA C 482 17.71 19.72 -24.12
C ALA C 482 17.49 18.41 -24.89
N LEU C 483 17.59 18.48 -26.21
CA LEU C 483 17.36 17.31 -27.07
C LEU C 483 18.64 16.54 -27.41
N ASP C 484 19.69 16.79 -26.64
CA ASP C 484 20.98 16.07 -26.74
C ASP C 484 21.84 16.39 -27.96
N ILE C 485 21.57 17.52 -28.61
CA ILE C 485 22.51 18.08 -29.55
C ILE C 485 23.63 18.73 -28.72
N LYS C 486 24.88 18.39 -29.03
CA LYS C 486 25.99 18.91 -28.24
C LYS C 486 26.34 20.31 -28.73
N VAL C 487 25.57 21.28 -28.23
CA VAL C 487 25.59 22.65 -28.74
C VAL C 487 26.93 23.38 -28.58
N HIS C 488 27.75 22.94 -27.63
CA HIS C 488 29.03 23.57 -27.40
C HIS C 488 30.08 23.19 -28.47
N THR C 489 29.75 22.19 -29.28
CA THR C 489 30.68 21.66 -30.28
C THR C 489 30.49 22.26 -31.68
N MET C 490 29.49 23.13 -31.82
CA MET C 490 29.12 23.67 -33.13
C MET C 490 28.61 25.10 -33.04
N THR C 491 28.69 25.82 -34.15
CA THR C 491 28.20 27.20 -34.21
C THR C 491 26.66 27.22 -34.18
N ARG C 492 26.08 28.37 -33.88
CA ARG C 492 24.62 28.52 -33.85
C ARG C 492 24.01 28.13 -35.18
N GLU C 493 24.63 28.59 -36.26
CA GLU C 493 24.14 28.37 -37.62
C GLU C 493 24.01 26.88 -37.91
N VAL C 494 25.05 26.14 -37.55
CA VAL C 494 25.08 24.69 -37.73
C VAL C 494 24.09 24.00 -36.78
N MET C 495 24.02 24.50 -35.54
CA MET C 495 23.05 24.03 -34.55
C MET C 495 21.61 24.19 -35.07
N SER C 496 21.31 25.37 -35.61
CA SER C 496 19.96 25.66 -36.13
C SER C 496 19.53 24.64 -37.17
N ASP C 497 20.43 24.35 -38.12
CA ASP C 497 20.15 23.37 -39.16
C ASP C 497 19.90 21.97 -38.59
N GLU C 498 20.72 21.56 -37.62
CA GLU C 498 20.56 20.27 -36.96
C GLU C 498 19.24 20.14 -36.21
N LEU C 499 18.88 21.19 -35.47
CA LEU C 499 17.63 21.20 -34.71
C LEU C 499 16.42 21.12 -35.62
N THR C 500 16.40 21.94 -36.66
CA THR C 500 15.33 21.95 -37.64
C THR C 500 15.10 20.57 -38.25
N LYS C 501 16.21 19.90 -38.64
CA LYS C 501 16.13 18.55 -39.20
C LYS C 501 15.49 17.58 -38.20
N LEU C 502 15.84 17.73 -36.92
CA LEU C 502 15.33 16.86 -35.87
C LEU C 502 13.85 17.09 -35.55
N LEU C 503 13.45 18.37 -35.47
CA LEU C 503 12.07 18.74 -35.17
C LEU C 503 11.09 18.33 -36.27
N GLU C 504 11.55 18.42 -37.52
CA GLU C 504 10.71 18.05 -38.66
C GLU C 504 10.87 16.56 -39.02
N GLY C 505 11.86 15.92 -38.42
CA GLY C 505 12.14 14.50 -38.67
C GLY C 505 11.61 13.60 -37.58
N ASN C 506 12.53 12.98 -36.83
CA ASN C 506 12.20 12.02 -35.76
C ASN C 506 11.23 12.52 -34.70
N LEU C 507 11.34 13.79 -34.34
CA LEU C 507 10.55 14.35 -33.24
C LEU C 507 9.14 14.78 -33.63
N LYS C 508 8.90 14.92 -34.93
CA LYS C 508 7.62 15.42 -35.44
C LYS C 508 6.37 14.79 -34.80
N PRO C 509 6.26 13.43 -34.76
CA PRO C 509 5.09 12.81 -34.14
C PRO C 509 4.92 13.12 -32.64
N ALA C 510 6.04 13.24 -31.92
CA ALA C 510 6.01 13.63 -30.51
C ALA C 510 5.55 15.07 -30.35
N ILE C 511 6.08 15.95 -31.21
CA ILE C 511 5.67 17.35 -31.24
C ILE C 511 4.18 17.47 -31.51
N ASP C 512 3.71 16.74 -32.53
CA ASP C 512 2.29 16.68 -32.89
C ASP C 512 1.42 16.31 -31.69
N MET C 513 1.84 15.28 -30.96
CA MET C 513 1.14 14.81 -29.76
C MET C 513 1.10 15.89 -28.68
N MET C 514 2.20 16.60 -28.51
CA MET C 514 2.31 17.64 -27.49
C MET C 514 1.52 18.90 -27.85
N VAL C 515 1.42 19.18 -29.15
CA VAL C 515 0.56 20.24 -29.64
C VAL C 515 -0.89 19.94 -29.23
N GLU C 516 -1.31 18.69 -29.43
CA GLU C 516 -2.65 18.25 -29.03
C GLU C 516 -2.86 18.34 -27.51
N PHE C 517 -1.88 17.90 -26.73
CA PHE C 517 -1.95 18.01 -25.27
C PHE C 517 -2.14 19.46 -24.82
N ASN C 518 -1.41 20.38 -25.42
CA ASN C 518 -1.51 21.80 -25.07
C ASN C 518 -2.75 22.48 -25.64
N THR C 519 -3.51 21.74 -26.43
CA THR C 519 -4.78 22.20 -26.99
C THR C 519 -5.97 21.68 -26.16
N THR C 520 -5.98 20.38 -25.87
CA THR C 520 -7.12 19.73 -25.22
C THR C 520 -6.84 19.22 -23.80
N GLY C 521 -5.57 19.03 -23.47
CA GLY C 521 -5.19 18.52 -22.16
C GLY C 521 -5.14 17.00 -22.10
N SER C 522 -5.27 16.34 -23.25
CA SER C 522 -5.29 14.88 -23.30
C SER C 522 -4.05 14.29 -23.96
N LEU C 523 -3.70 13.08 -23.54
CA LEU C 523 -2.63 12.30 -24.15
C LEU C 523 -3.20 10.99 -24.66
N PRO C 524 -2.68 10.48 -25.80
CA PRO C 524 -3.15 9.18 -26.30
C PRO C 524 -2.66 8.02 -25.43
N GLU C 525 -3.31 6.87 -25.56
CA GLU C 525 -2.93 5.67 -24.79
C GLU C 525 -1.49 5.24 -25.06
N ASN C 526 -1.03 5.45 -26.29
CA ASN C 526 0.32 5.06 -26.69
C ASN C 526 1.37 6.17 -26.52
N ALA C 527 1.10 7.10 -25.60
CA ALA C 527 1.97 8.26 -25.37
C ALA C 527 3.42 7.87 -25.10
N VAL C 528 3.63 6.84 -24.27
CA VAL C 528 4.97 6.35 -23.96
C VAL C 528 5.71 5.89 -25.22
N ASP C 529 5.04 5.11 -26.07
CA ASP C 529 5.66 4.63 -27.31
C ASP C 529 5.97 5.75 -28.29
N VAL C 530 5.07 6.72 -28.41
CA VAL C 530 5.29 7.90 -29.26
C VAL C 530 6.57 8.63 -28.83
N LEU C 531 6.72 8.85 -27.52
CA LEU C 531 7.88 9.56 -26.98
C LEU C 531 9.16 8.74 -27.12
N ASN C 532 9.09 7.47 -26.76
CA ASN C 532 10.22 6.53 -26.91
C ASN C 532 10.78 6.47 -28.33
N THR C 533 9.89 6.27 -29.29
CA THR C 533 10.27 6.15 -30.70
C THR C 533 10.86 7.46 -31.24
N ALA C 534 10.27 8.58 -30.84
CA ALA C 534 10.73 9.90 -31.31
C ALA C 534 12.07 10.29 -30.73
N LEU C 535 12.25 10.05 -29.43
CA LEU C 535 13.44 10.51 -28.72
C LEU C 535 14.63 9.56 -28.83
N GLY C 536 14.36 8.26 -28.85
CA GLY C 536 15.43 7.27 -28.84
C GLY C 536 16.35 7.51 -27.65
N ASP C 537 17.65 7.65 -27.92
CA ASP C 537 18.64 7.83 -26.84
C ASP C 537 18.75 9.28 -26.34
N ARG C 538 17.93 10.18 -26.89
CA ARG C 538 17.90 11.58 -26.46
C ARG C 538 16.94 11.75 -25.28
N LYS C 539 16.25 10.67 -24.93
CA LYS C 539 15.25 10.69 -23.85
C LYS C 539 15.84 11.12 -22.50
N SER C 540 15.17 12.08 -21.86
CA SER C 540 15.53 12.61 -20.56
C SER C 540 14.39 13.52 -20.08
N PHE C 541 14.41 13.91 -18.82
CA PHE C 541 13.41 14.87 -18.33
C PHE C 541 13.49 16.24 -19.03
N VAL C 542 14.70 16.74 -19.26
CA VAL C 542 14.85 18.03 -19.93
C VAL C 542 14.37 17.96 -21.40
N ALA C 543 14.53 16.80 -22.03
CA ALA C 543 14.03 16.58 -23.38
C ALA C 543 12.52 16.73 -23.45
N LEU C 544 11.84 16.21 -22.43
CA LEU C 544 10.38 16.37 -22.30
C LEU C 544 10.01 17.84 -22.18
N MET C 545 10.76 18.60 -21.38
CA MET C 545 10.59 20.05 -21.28
C MET C 545 10.70 20.73 -22.65
N ALA C 546 11.69 20.31 -23.44
CA ALA C 546 11.85 20.85 -24.81
C ALA C 546 10.64 20.59 -25.69
N LEU C 547 10.14 19.36 -25.68
CA LEU C 547 8.95 19.00 -26.46
C LEU C 547 7.76 19.83 -25.99
N MET C 548 7.61 19.94 -24.68
CA MET C 548 6.56 20.75 -24.06
C MET C 548 6.65 22.21 -24.52
N GLU C 549 7.83 22.81 -24.38
CA GLU C 549 8.00 24.23 -24.67
C GLU C 549 7.91 24.56 -26.16
N TYR C 550 8.43 23.68 -27.02
CA TYR C 550 8.29 23.91 -28.46
C TYR C 550 6.82 23.84 -28.88
N SER C 551 6.09 22.86 -28.36
CA SER C 551 4.65 22.73 -28.65
C SER C 551 3.83 23.89 -28.10
N ARG C 552 4.21 24.39 -26.93
CA ARG C 552 3.57 25.57 -26.32
C ARG C 552 3.77 26.81 -27.20
N TYR C 553 4.98 26.97 -27.73
CA TYR C 553 5.26 28.03 -28.70
C TYR C 553 4.38 27.89 -29.95
N LEU C 554 4.24 26.67 -30.46
CA LEU C 554 3.46 26.44 -31.69
C LEU C 554 1.99 26.87 -31.54
N VAL C 555 1.42 26.62 -30.36
CA VAL C 555 0.01 26.96 -30.10
C VAL C 555 -0.20 28.33 -29.45
N ALA C 556 0.90 29.01 -29.10
CA ALA C 556 0.84 30.30 -28.40
C ALA C 556 0.07 31.37 -29.19
N GLU C 557 -0.88 32.02 -28.52
CA GLU C 557 -1.65 33.11 -29.13
C GLU C 557 -0.82 34.40 -29.25
N ASP C 558 0.17 34.55 -28.37
CA ASP C 558 1.07 35.71 -28.45
C ASP C 558 2.54 35.28 -28.54
N LYS C 559 2.93 34.86 -29.74
CA LYS C 559 4.31 34.46 -30.03
C LYS C 559 5.29 35.62 -29.91
N SER C 560 4.80 36.85 -29.97
CA SER C 560 5.64 38.04 -29.87
C SER C 560 6.13 38.32 -28.46
N ALA C 561 5.50 37.68 -27.48
CA ALA C 561 5.89 37.82 -26.08
C ALA C 561 5.64 36.49 -25.36
N PHE C 562 6.34 35.46 -25.83
CA PHE C 562 6.21 34.10 -25.28
C PHE C 562 7.05 33.96 -24.01
N VAL C 563 6.40 33.53 -22.94
CA VAL C 563 7.06 33.38 -21.64
C VAL C 563 7.41 31.92 -21.38
N THR C 564 8.67 31.67 -21.08
CA THR C 564 9.18 30.31 -20.92
C THR C 564 10.29 30.22 -19.86
N PRO C 565 10.30 29.13 -19.07
CA PRO C 565 11.40 28.82 -18.17
C PRO C 565 12.51 27.95 -18.78
N LEU C 566 12.34 27.58 -20.05
CA LEU C 566 13.38 26.83 -20.79
C LEU C 566 14.73 27.51 -20.61
N TYR C 567 15.77 26.72 -20.41
CA TYR C 567 17.07 27.29 -20.07
C TYR C 567 18.16 26.78 -20.99
N VAL C 568 19.33 27.42 -20.90
CA VAL C 568 20.55 26.87 -21.46
C VAL C 568 21.51 26.69 -20.30
N GLU C 569 22.13 25.52 -20.24
CA GLU C 569 23.12 25.26 -19.21
C GLU C 569 24.51 25.54 -19.74
N ALA C 570 25.17 26.52 -19.15
CA ALA C 570 26.60 26.70 -19.35
C ALA C 570 27.29 25.67 -18.46
N ASP C 571 28.04 24.74 -19.05
CA ASP C 571 28.68 23.68 -18.26
C ASP C 571 30.18 23.60 -18.52
N GLY C 572 30.93 23.34 -17.46
CA GLY C 572 32.38 23.23 -17.55
C GLY C 572 32.85 22.06 -18.39
N VAL C 573 33.62 22.36 -19.43
CA VAL C 573 34.18 21.34 -20.31
C VAL C 573 35.32 20.62 -19.59
N THR C 574 35.16 19.31 -19.37
CA THR C 574 36.13 18.48 -18.63
C THR C 574 36.68 19.29 -17.44
N ASN C 575 35.76 19.76 -16.60
CA ASN C 575 36.00 20.85 -15.68
C ASN C 575 37.10 20.62 -14.64
N GLY C 576 36.97 19.54 -13.86
CA GLY C 576 37.93 19.23 -12.80
C GLY C 576 39.36 19.08 -13.30
N PRO C 577 39.57 18.20 -14.29
CA PRO C 577 40.91 18.01 -14.88
C PRO C 577 41.51 19.31 -15.45
N ILE C 578 40.71 20.11 -16.16
CA ILE C 578 41.19 21.38 -16.70
C ILE C 578 41.57 22.36 -15.58
N ASN C 579 40.69 22.46 -14.57
CA ASN C 579 41.00 23.28 -13.39
C ASN C 579 42.30 22.85 -12.73
N ALA C 580 42.47 21.54 -12.55
CA ALA C 580 43.73 20.99 -12.02
C ALA C 580 44.93 21.43 -12.86
N MET C 581 44.81 21.27 -14.18
CA MET C 581 45.88 21.62 -15.10
C MET C 581 46.26 23.09 -15.05
N MET C 582 45.25 23.97 -14.97
CA MET C 582 45.50 25.40 -14.84
C MET C 582 45.98 25.81 -13.44
N LEU C 583 45.40 25.21 -12.41
CA LEU C 583 45.67 25.62 -11.04
C LEU C 583 46.98 25.07 -10.46
N MET C 584 47.44 23.94 -10.98
CA MET C 584 48.53 23.20 -10.31
C MET C 584 49.73 22.80 -11.17
N THR C 585 49.71 23.08 -12.46
CA THR C 585 50.90 22.81 -13.31
C THR C 585 51.97 23.84 -12.97
N GLY C 586 53.19 23.35 -12.66
CA GLY C 586 54.21 24.22 -12.07
C GLY C 586 55.43 24.64 -12.89
N GLY C 587 55.73 23.94 -13.97
CA GLY C 587 56.98 24.20 -14.69
C GLY C 587 56.95 25.35 -15.69
N LEU C 588 57.89 25.33 -16.63
CA LEU C 588 57.85 26.21 -17.78
C LEU C 588 56.69 25.76 -18.68
N PHE C 589 56.26 26.64 -19.58
CA PHE C 589 55.19 26.31 -20.52
C PHE C 589 55.68 25.35 -21.60
N THR C 590 54.83 24.40 -21.96
CA THR C 590 55.11 23.46 -23.05
C THR C 590 54.03 23.58 -24.12
N PRO C 591 54.39 23.35 -25.39
CA PRO C 591 53.38 23.35 -26.46
C PRO C 591 52.24 22.34 -26.23
N ASP C 592 52.56 21.17 -25.70
CA ASP C 592 51.56 20.15 -25.36
C ASP C 592 50.51 20.68 -24.37
N TRP C 593 50.98 21.41 -23.34
CA TRP C 593 50.09 21.99 -22.34
C TRP C 593 49.15 23.01 -22.99
N ILE C 594 49.72 23.85 -23.87
CA ILE C 594 48.95 24.86 -24.59
C ILE C 594 47.82 24.22 -25.42
N ARG C 595 48.15 23.16 -26.16
CA ARG C 595 47.14 22.41 -26.92
C ARG C 595 46.09 21.77 -26.01
N ASN C 596 46.54 21.16 -24.93
CA ASN C 596 45.65 20.41 -24.06
C ASN C 596 44.73 21.33 -23.24
N ILE C 597 45.26 22.47 -22.79
CA ILE C 597 44.43 23.42 -22.02
C ILE C 597 43.37 24.11 -22.90
N ALA C 598 43.69 24.29 -24.18
CA ALA C 598 42.73 24.82 -25.16
C ALA C 598 41.49 23.92 -25.26
N LYS C 599 41.67 22.63 -25.02
CA LYS C 599 40.56 21.68 -24.99
C LYS C 599 39.54 22.04 -23.90
N GLY C 600 40.00 22.78 -22.89
CA GLY C 600 39.14 23.26 -21.81
C GLY C 600 38.75 24.73 -21.92
N GLY C 601 39.04 25.34 -23.07
CA GLY C 601 38.57 26.71 -23.34
C GLY C 601 39.47 27.84 -22.89
N LEU C 602 40.73 27.53 -22.60
CA LEU C 602 41.74 28.57 -22.43
C LEU C 602 42.45 28.79 -23.76
N PHE C 603 42.04 29.86 -24.46
CA PHE C 603 42.56 30.18 -25.79
C PHE C 603 43.56 31.33 -25.73
N ILE C 604 44.76 31.07 -26.25
CA ILE C 604 45.85 32.04 -26.24
C ILE C 604 46.05 32.59 -27.65
N GLY C 605 46.00 33.92 -27.78
CA GLY C 605 46.21 34.58 -29.07
C GLY C 605 45.12 34.31 -30.09
N SER C 606 43.88 34.22 -29.61
CA SER C 606 42.72 34.12 -30.49
C SER C 606 41.59 34.97 -29.90
N PRO C 607 41.65 36.31 -30.12
CA PRO C 607 40.62 37.19 -29.56
C PRO C 607 39.21 36.74 -29.92
N ASN C 608 38.34 36.67 -28.92
CA ASN C 608 36.92 36.32 -29.07
C ASN C 608 36.63 34.89 -29.52
N LYS C 609 37.64 34.02 -29.50
CA LYS C 609 37.45 32.62 -29.85
C LYS C 609 36.53 31.92 -28.85
N THR C 610 35.61 31.12 -29.38
CA THR C 610 34.65 30.36 -28.58
C THR C 610 34.99 28.87 -28.60
N MET C 611 34.44 28.13 -27.64
CA MET C 611 34.53 26.67 -27.66
C MET C 611 33.88 26.08 -28.91
N ASN C 612 32.76 26.65 -29.32
CA ASN C 612 32.05 26.23 -30.52
C ASN C 612 32.96 26.25 -31.74
N GLU C 613 33.73 27.32 -31.86
CA GLU C 613 34.71 27.48 -32.94
C GLU C 613 35.87 26.52 -32.78
N HIS C 614 36.36 26.38 -31.54
CA HIS C 614 37.47 25.46 -31.26
C HIS C 614 37.15 24.03 -31.69
N ARG C 615 35.99 23.54 -31.30
CA ARG C 615 35.57 22.18 -31.59
C ARG C 615 35.30 21.96 -33.08
N SER C 616 34.80 22.99 -33.76
CA SER C 616 34.46 22.85 -35.17
C SER C 616 35.63 23.07 -36.14
N THR C 617 36.64 23.85 -35.74
CA THR C 617 37.74 24.21 -36.67
C THR C 617 39.16 23.90 -36.19
N ALA C 618 39.34 23.66 -34.90
CA ALA C 618 40.71 23.51 -34.37
C ALA C 618 41.04 22.13 -33.80
N ASP C 619 40.11 21.58 -33.02
CA ASP C 619 40.35 20.35 -32.27
C ASP C 619 39.03 19.78 -31.77
N ASN C 620 38.57 18.70 -32.41
CA ASN C 620 37.30 18.07 -32.05
C ASN C 620 37.42 17.04 -30.91
N ASN C 621 38.63 16.87 -30.37
CA ASN C 621 38.86 15.95 -29.26
C ASN C 621 38.97 16.69 -27.93
N ASP C 622 38.06 16.41 -27.00
CA ASP C 622 38.20 16.94 -25.64
C ASP C 622 39.27 16.12 -24.89
N LEU C 623 39.51 16.48 -23.64
CA LEU C 623 40.56 15.84 -22.85
C LEU C 623 40.34 14.33 -22.71
N TYR C 624 39.09 13.92 -22.51
CA TYR C 624 38.77 12.51 -22.33
C TYR C 624 38.94 11.72 -23.62
N GLN C 625 38.58 12.32 -24.75
CA GLN C 625 38.80 11.67 -26.05
C GLN C 625 40.30 11.58 -26.37
N ALA C 626 41.05 12.62 -26.02
CA ALA C 626 42.50 12.61 -26.17
C ALA C 626 43.13 11.45 -25.39
N SER C 627 42.71 11.26 -24.14
CA SER C 627 43.27 10.20 -23.29
C SER C 627 42.95 8.81 -23.84
N THR C 628 41.79 8.71 -24.49
CA THR C 628 41.37 7.53 -25.24
C THR C 628 42.38 7.17 -26.33
N ASN C 629 42.81 8.17 -27.11
CA ASN C 629 43.83 7.97 -28.13
C ASN C 629 45.18 7.57 -27.53
N ALA C 630 45.50 8.18 -26.38
CA ALA C 630 46.74 7.86 -25.67
C ALA C 630 46.70 6.45 -25.08
N LEU C 631 45.52 6.02 -24.63
CA LEU C 631 45.31 4.63 -24.16
C LEU C 631 45.67 3.63 -25.25
N MET C 632 45.18 3.86 -26.47
CA MET C 632 45.44 2.97 -27.59
C MET C 632 46.90 2.90 -27.99
N GLU C 633 47.62 4.01 -27.89
CA GLU C 633 49.06 4.03 -28.13
C GLU C 633 49.80 3.22 -27.06
N SER C 634 49.38 3.36 -25.80
CA SER C 634 49.99 2.62 -24.69
C SER C 634 49.70 1.12 -24.77
N LEU C 635 48.48 0.77 -25.18
CA LEU C 635 48.07 -0.61 -25.34
C LEU C 635 48.84 -1.27 -26.49
N GLY C 636 49.10 -0.49 -27.54
CA GLY C 636 49.92 -0.95 -28.67
C GLY C 636 51.33 -1.28 -28.25
N LYS C 637 51.89 -0.43 -27.38
CA LYS C 637 53.22 -0.64 -26.82
C LYS C 637 53.29 -1.87 -25.93
N LEU C 638 52.27 -2.06 -25.08
CA LEU C 638 52.17 -3.25 -24.24
C LEU C 638 52.12 -4.53 -25.07
N ARG C 639 51.26 -4.52 -26.09
CA ARG C 639 51.12 -5.63 -27.02
C ARG C 639 52.44 -5.98 -27.71
N SER C 640 53.16 -4.96 -28.16
CA SER C 640 54.44 -5.15 -28.84
C SER C 640 55.50 -5.69 -27.88
N ASN C 641 55.43 -5.28 -26.62
CA ASN C 641 56.33 -5.77 -25.57
C ASN C 641 56.22 -7.28 -25.36
N TYR C 642 55.02 -7.82 -25.60
CA TYR C 642 54.76 -9.25 -25.45
C TYR C 642 54.34 -9.86 -26.79
N ALA C 643 54.93 -9.33 -27.87
CA ALA C 643 54.56 -9.69 -29.24
C ALA C 643 54.63 -11.18 -29.55
N SER C 644 55.65 -11.84 -29.04
CA SER C 644 55.86 -13.28 -29.29
C SER C 644 55.20 -14.15 -28.22
N ASN C 645 54.62 -13.50 -27.21
CA ASN C 645 53.97 -14.21 -26.11
C ASN C 645 52.52 -14.53 -26.46
N MET C 646 52.30 -15.71 -27.03
CA MET C 646 50.98 -16.09 -27.52
C MET C 646 49.87 -16.16 -26.47
N PRO C 647 50.12 -16.81 -25.30
CA PRO C 647 49.10 -16.82 -24.24
C PRO C 647 48.68 -15.44 -23.74
N ILE C 648 49.63 -14.51 -23.63
CA ILE C 648 49.32 -13.13 -23.21
C ILE C 648 48.50 -12.40 -24.28
N GLN C 649 48.84 -12.59 -25.55
CA GLN C 649 48.06 -12.02 -26.65
C GLN C 649 46.60 -12.50 -26.60
N SER C 650 46.41 -13.79 -26.27
CA SER C 650 45.07 -14.36 -26.17
C SER C 650 44.27 -13.82 -24.99
N GLN C 651 44.94 -13.58 -23.87
CA GLN C 651 44.29 -12.95 -22.70
C GLN C 651 43.78 -11.57 -23.07
N ILE C 652 44.64 -10.78 -23.71
CA ILE C 652 44.29 -9.42 -24.14
C ILE C 652 43.13 -9.47 -25.13
N ASP C 653 43.26 -10.32 -26.15
CA ASP C 653 42.21 -10.53 -27.15
C ASP C 653 40.85 -10.87 -26.51
N SER C 654 40.88 -11.76 -25.52
CA SER C 654 39.66 -12.18 -24.82
C SER C 654 39.03 -11.05 -24.01
N LEU C 655 39.87 -10.25 -23.35
CA LEU C 655 39.41 -9.09 -22.58
C LEU C 655 38.72 -8.06 -23.48
N LEU C 656 39.38 -7.69 -24.58
CA LEU C 656 38.82 -6.74 -25.54
C LEU C 656 37.54 -7.29 -26.20
N SER C 657 37.52 -8.59 -26.45
CA SER C 657 36.34 -9.26 -27.02
C SER C 657 35.12 -9.20 -26.07
N LEU C 658 35.34 -9.54 -24.80
CA LEU C 658 34.26 -9.49 -23.82
C LEU C 658 33.72 -8.07 -23.65
N MET C 659 34.62 -7.09 -23.62
CA MET C 659 34.23 -5.68 -23.54
C MET C 659 33.40 -5.26 -24.75
N ASP C 660 33.86 -5.63 -25.94
CA ASP C 660 33.16 -5.35 -27.21
C ASP C 660 31.75 -5.92 -27.24
N LEU C 661 31.58 -7.11 -26.66
CA LEU C 661 30.29 -7.78 -26.60
C LEU C 661 29.23 -7.02 -25.80
N PHE C 662 29.67 -6.30 -24.75
CA PHE C 662 28.73 -5.77 -23.76
C PHE C 662 28.75 -4.25 -23.48
N LEU C 663 29.81 -3.56 -23.91
CA LEU C 663 29.96 -2.13 -23.61
C LEU C 663 29.89 -1.26 -24.86
N PRO C 664 29.09 -0.17 -24.81
CA PRO C 664 28.93 0.75 -25.95
C PRO C 664 30.18 1.54 -26.33
N ASP C 665 31.06 1.80 -25.37
CA ASP C 665 32.20 2.71 -25.60
C ASP C 665 33.46 2.02 -26.14
N ILE C 666 33.38 0.70 -26.32
CA ILE C 666 34.46 -0.09 -26.93
C ILE C 666 33.92 -0.85 -28.14
N ASN C 667 34.59 -0.71 -29.27
CA ASN C 667 34.28 -1.51 -30.45
C ASN C 667 35.51 -2.18 -31.04
N LEU C 668 35.41 -3.49 -31.24
CA LEU C 668 36.49 -4.30 -31.78
C LEU C 668 36.15 -4.68 -33.21
N GLY C 669 36.96 -4.24 -34.17
CA GLY C 669 36.77 -4.61 -35.57
C GLY C 669 37.26 -6.03 -35.85
N GLU C 670 36.82 -6.59 -36.98
CA GLU C 670 37.29 -7.92 -37.44
C GLU C 670 38.82 -7.96 -37.46
N ASN C 671 39.39 -6.80 -37.80
CA ASN C 671 40.83 -6.53 -37.81
C ASN C 671 41.56 -6.77 -36.51
N GLY C 672 40.86 -6.56 -35.40
CA GLY C 672 41.50 -6.43 -34.09
C GLY C 672 41.66 -4.96 -33.73
N ALA C 673 41.30 -4.09 -34.66
CA ALA C 673 41.36 -2.65 -34.47
C ALA C 673 40.35 -2.19 -33.42
N LEU C 674 40.76 -1.22 -32.60
CA LEU C 674 39.91 -0.71 -31.54
C LEU C 674 39.34 0.67 -31.85
N GLU C 675 38.07 0.85 -31.48
CA GLU C 675 37.41 2.14 -31.52
C GLU C 675 36.92 2.45 -30.11
N LEU C 676 37.41 3.53 -29.54
CA LEU C 676 37.05 3.91 -28.18
C LEU C 676 36.38 5.28 -28.13
N LYS C 677 35.34 5.38 -27.32
CA LYS C 677 34.62 6.63 -27.14
C LYS C 677 35.01 7.25 -25.79
N ARG C 678 34.88 8.56 -25.69
CA ARG C 678 35.33 9.30 -24.50
C ARG C 678 34.79 8.72 -23.19
N GLY C 679 33.64 8.05 -23.30
CA GLY C 679 32.95 7.45 -22.15
C GLY C 679 33.78 6.51 -21.29
N ILE C 680 34.65 5.71 -21.91
CA ILE C 680 35.48 4.79 -21.12
C ILE C 680 36.62 5.49 -20.35
N ALA C 681 36.98 6.70 -20.78
CA ALA C 681 38.08 7.43 -20.15
C ALA C 681 37.64 8.54 -19.20
N LYS C 682 36.39 8.99 -19.31
CA LYS C 682 35.89 10.15 -18.56
C LYS C 682 36.09 10.02 -17.05
N ASN C 683 35.47 9.02 -16.44
CA ASN C 683 35.61 8.82 -14.99
C ASN C 683 37.02 8.40 -14.58
N PRO C 684 37.60 7.37 -15.24
CA PRO C 684 38.99 7.01 -14.95
C PRO C 684 39.97 8.19 -14.91
N LEU C 685 39.96 9.06 -15.91
CA LEU C 685 40.85 10.24 -15.92
C LEU C 685 40.57 11.16 -14.73
N THR C 686 39.29 11.49 -14.53
CA THR C 686 38.88 12.34 -13.43
C THR C 686 39.39 11.83 -12.08
N ILE C 687 39.09 10.57 -11.78
CA ILE C 687 39.36 10.03 -10.45
C ILE C 687 40.82 9.63 -10.24
N THR C 688 41.52 9.36 -11.33
CA THR C 688 42.98 9.16 -11.28
C THR C 688 43.69 10.42 -10.78
N ILE C 689 43.30 11.58 -11.33
CA ILE C 689 43.85 12.86 -10.89
C ILE C 689 43.59 13.04 -9.40
N TYR C 690 42.41 12.63 -8.97
CA TYR C 690 41.97 12.73 -7.58
C TYR C 690 42.47 11.63 -6.64
N GLY C 691 43.40 10.80 -7.12
CA GLY C 691 44.12 9.87 -6.25
C GLY C 691 43.62 8.43 -6.19
N SER C 692 42.65 8.10 -7.04
CA SER C 692 42.18 6.71 -7.15
C SER C 692 43.31 5.77 -7.55
N GLY C 693 43.30 4.59 -6.96
CA GLY C 693 44.19 3.50 -7.40
C GLY C 693 43.66 2.91 -8.69
N ALA C 694 44.53 2.16 -9.38
CA ALA C 694 44.18 1.51 -10.64
C ALA C 694 43.18 0.37 -10.44
N ARG C 695 43.27 -0.34 -9.32
CA ARG C 695 42.38 -1.48 -9.04
C ARG C 695 40.91 -1.09 -8.95
N GLY C 696 40.64 0.04 -8.29
CA GLY C 696 39.29 0.58 -8.18
C GLY C 696 38.65 0.83 -9.52
N ILE C 697 39.42 1.41 -10.44
CA ILE C 697 38.96 1.65 -11.81
C ILE C 697 38.68 0.33 -12.54
N ALA C 698 39.58 -0.63 -12.39
CA ALA C 698 39.39 -1.97 -12.96
C ALA C 698 38.11 -2.62 -12.46
N GLY C 699 37.84 -2.46 -11.16
CA GLY C 699 36.60 -2.96 -10.56
C GLY C 699 35.34 -2.36 -11.16
N LYS C 700 35.38 -1.05 -11.39
CA LYS C 700 34.25 -0.31 -11.95
C LYS C 700 33.97 -0.75 -13.39
N LEU C 701 35.03 -0.94 -14.18
CA LEU C 701 34.88 -1.41 -15.56
C LEU C 701 34.28 -2.81 -15.62
N VAL C 702 34.74 -3.69 -14.72
CA VAL C 702 34.20 -5.05 -14.63
C VAL C 702 32.72 -5.02 -14.24
N SER C 703 32.37 -4.18 -13.27
CA SER C 703 30.97 -4.01 -12.86
C SER C 703 30.06 -3.61 -14.02
N SER C 704 30.57 -2.73 -14.90
CA SER C 704 29.83 -2.33 -16.10
C SER C 704 29.61 -3.51 -17.03
N VAL C 705 30.66 -4.31 -17.21
CA VAL C 705 30.59 -5.51 -18.05
C VAL C 705 29.57 -6.51 -17.48
N THR C 706 29.69 -6.82 -16.18
CA THR C 706 28.83 -7.81 -15.54
C THR C 706 27.37 -7.39 -15.48
N ASP C 707 27.12 -6.10 -15.27
CA ASP C 707 25.74 -5.59 -15.31
C ASP C 707 25.10 -5.73 -16.70
N ALA C 708 25.91 -5.53 -17.73
CA ALA C 708 25.47 -5.69 -19.11
C ALA C 708 25.23 -7.17 -19.43
N ILE C 709 26.04 -8.05 -18.86
CA ILE C 709 25.84 -9.50 -19.01
C ILE C 709 24.53 -9.94 -18.35
N TYR C 710 24.28 -9.50 -17.11
CA TYR C 710 23.04 -9.85 -16.41
C TYR C 710 21.81 -9.33 -17.16
N GLU C 711 21.94 -8.17 -17.79
CA GLU C 711 20.91 -7.60 -18.66
C GLU C 711 20.61 -8.52 -19.85
N ARG C 712 21.67 -9.09 -20.43
CA ARG C 712 21.53 -10.05 -21.54
C ARG C 712 20.83 -11.33 -21.12
N MET C 713 21.06 -11.75 -19.87
CA MET C 713 20.45 -12.96 -19.34
C MET C 713 18.93 -12.82 -19.24
N SER C 714 18.48 -11.63 -18.88
CA SER C 714 17.05 -11.31 -18.90
C SER C 714 16.50 -11.37 -20.32
N ASP C 715 17.26 -10.85 -21.27
CA ASP C 715 16.91 -10.88 -22.69
C ASP C 715 16.73 -12.31 -23.22
N VAL C 716 17.54 -13.23 -22.71
CA VAL C 716 17.44 -14.66 -23.06
C VAL C 716 16.10 -15.24 -22.61
N LEU C 717 15.72 -14.94 -21.36
CA LEU C 717 14.47 -15.40 -20.78
C LEU C 717 13.26 -14.84 -21.52
N LYS C 718 13.39 -13.60 -21.97
CA LYS C 718 12.37 -12.95 -22.79
C LYS C 718 12.24 -13.62 -24.14
N ALA C 719 13.38 -14.02 -24.72
CA ALA C 719 13.43 -14.68 -26.02
C ALA C 719 12.82 -16.09 -25.98
N ARG C 720 13.10 -16.84 -24.91
CA ARG C 720 12.57 -18.20 -24.76
C ARG C 720 11.15 -18.22 -24.20
N ALA C 721 10.68 -17.08 -23.66
CA ALA C 721 9.29 -16.95 -23.24
C ALA C 721 8.41 -16.72 -24.47
N LYS C 722 8.90 -15.86 -25.36
CA LYS C 722 8.23 -15.54 -26.62
C LYS C 722 8.36 -16.68 -27.65
N ASP C 723 9.43 -17.48 -27.49
CA ASP C 723 9.75 -18.56 -28.43
C ASP C 723 10.57 -19.65 -27.73
N PRO C 724 9.88 -20.67 -27.17
CA PRO C 724 10.53 -21.73 -26.37
C PRO C 724 11.53 -22.60 -27.12
N ASN C 725 11.63 -22.43 -28.44
CA ASN C 725 12.54 -23.22 -29.25
C ASN C 725 13.64 -22.39 -29.93
N ILE C 726 13.80 -21.14 -29.48
CA ILE C 726 14.88 -20.28 -29.94
C ILE C 726 16.23 -20.88 -29.52
N SER C 727 17.23 -20.79 -30.39
CA SER C 727 18.58 -21.27 -30.07
C SER C 727 19.19 -20.38 -29.00
N ALA C 728 20.12 -20.94 -28.23
CA ALA C 728 20.79 -20.21 -27.16
C ALA C 728 21.60 -19.02 -27.68
N ALA C 729 22.15 -19.18 -28.88
CA ALA C 729 22.91 -18.13 -29.55
C ALA C 729 22.02 -17.00 -30.03
N MET C 730 20.83 -17.35 -30.52
CA MET C 730 19.85 -16.34 -30.93
C MET C 730 19.12 -15.74 -29.73
N ALA C 731 19.01 -16.51 -28.65
CA ALA C 731 18.40 -16.02 -27.43
C ALA C 731 19.24 -14.92 -26.77
N MET C 732 20.56 -15.07 -26.84
CA MET C 732 21.47 -14.15 -26.17
C MET C 732 21.98 -13.04 -27.09
N PHE C 733 22.20 -13.37 -28.36
CA PHE C 733 22.75 -12.41 -29.31
C PHE C 733 21.77 -12.15 -30.46
N GLY C 734 20.49 -12.01 -30.11
CA GLY C 734 19.40 -11.80 -31.07
C GLY C 734 19.44 -10.48 -31.80
N LYS C 735 19.53 -9.38 -31.05
CA LYS C 735 19.67 -8.04 -31.61
C LYS C 735 20.97 -7.90 -32.40
N GLN C 736 21.95 -8.72 -32.05
CA GLN C 736 23.34 -8.57 -32.48
C GLN C 736 23.64 -9.06 -33.91
N ALA C 737 23.51 -10.36 -34.13
CA ALA C 737 24.06 -11.03 -35.32
C ALA C 737 23.26 -10.83 -36.61
N ALA C 738 23.62 -11.63 -37.63
CA ALA C 738 22.91 -11.65 -38.91
C ALA C 738 22.41 -13.06 -39.20
N SER C 739 23.33 -14.01 -39.35
CA SER C 739 22.97 -15.42 -39.52
C SER C 739 22.99 -16.15 -38.17
N GLU C 740 22.59 -17.42 -38.17
CA GLU C 740 22.67 -18.23 -36.95
C GLU C 740 24.08 -18.74 -36.68
N ALA C 741 24.85 -18.96 -37.75
CA ALA C 741 26.27 -19.28 -37.63
C ALA C 741 26.99 -18.10 -36.97
N HIS C 742 26.57 -16.89 -37.33
CA HIS C 742 27.08 -15.64 -36.76
C HIS C 742 26.80 -15.55 -35.26
N ALA C 743 25.57 -15.89 -34.88
CA ALA C 743 25.13 -15.82 -33.48
C ALA C 743 25.81 -16.88 -32.60
N GLU C 744 25.99 -18.07 -33.16
CA GLU C 744 26.67 -19.17 -32.47
C GLU C 744 28.14 -18.85 -32.26
N GLU C 745 28.68 -18.03 -33.16
CA GLU C 745 30.07 -17.60 -33.12
C GLU C 745 30.27 -16.45 -32.12
N LEU C 746 29.24 -15.62 -31.96
CA LEU C 746 29.21 -14.61 -30.89
C LEU C 746 29.08 -15.26 -29.52
N LEU C 747 28.30 -16.34 -29.46
CA LEU C 747 28.15 -17.13 -28.24
C LEU C 747 29.43 -17.90 -27.91
N ALA C 748 30.07 -18.44 -28.94
CA ALA C 748 31.37 -19.11 -28.79
C ALA C 748 32.39 -18.16 -28.18
N ARG C 749 32.46 -16.95 -28.73
CA ARG C 749 33.32 -15.88 -28.21
C ARG C 749 33.08 -15.64 -26.73
N PHE C 750 31.81 -15.45 -26.37
CA PHE C 750 31.42 -15.20 -24.99
C PHE C 750 31.89 -16.29 -24.03
N LEU C 751 31.64 -17.54 -24.39
CA LEU C 751 32.05 -18.67 -23.58
C LEU C 751 33.57 -18.79 -23.50
N LYS C 752 34.24 -18.58 -24.64
CA LYS C 752 35.71 -18.61 -24.70
C LYS C 752 36.32 -17.52 -23.83
N ASP C 753 35.84 -16.28 -23.98
CA ASP C 753 36.30 -15.14 -23.19
C ASP C 753 36.13 -15.38 -21.71
N MET C 754 34.94 -15.82 -21.30
CA MET C 754 34.65 -16.05 -19.89
C MET C 754 35.54 -17.13 -19.29
N GLU C 755 35.74 -18.23 -20.01
CA GLU C 755 36.66 -19.28 -19.56
C GLU C 755 38.09 -18.75 -19.42
N THR C 756 38.57 -18.07 -20.46
CA THR C 756 39.93 -17.55 -20.55
C THR C 756 40.25 -16.56 -19.41
N LEU C 757 39.33 -15.63 -19.17
CA LEU C 757 39.56 -14.55 -18.22
C LEU C 757 39.35 -14.95 -16.76
N THR C 758 38.66 -16.07 -16.52
CA THR C 758 38.42 -16.54 -15.16
C THR C 758 39.35 -17.67 -14.74
N SER C 759 39.94 -18.37 -15.71
CA SER C 759 40.85 -19.48 -15.43
C SER C 759 42.31 -19.03 -15.28
N THR C 760 42.63 -17.87 -15.86
CA THR C 760 43.99 -17.34 -15.90
C THR C 760 44.03 -15.85 -15.61
N VAL C 761 44.96 -15.43 -14.76
CA VAL C 761 45.17 -14.01 -14.46
C VAL C 761 46.61 -13.55 -14.70
N PRO C 762 46.79 -12.29 -15.12
CA PRO C 762 48.13 -11.71 -15.16
C PRO C 762 48.58 -11.25 -13.77
N VAL C 763 49.84 -11.52 -13.45
CA VAL C 763 50.51 -10.95 -12.30
C VAL C 763 51.76 -10.24 -12.81
N LYS C 764 52.27 -9.29 -12.04
CA LYS C 764 53.49 -8.59 -12.42
C LYS C 764 54.63 -9.04 -11.50
N ARG C 765 55.64 -9.68 -12.08
CA ARG C 765 56.83 -10.12 -11.35
C ARG C 765 58.08 -9.56 -12.02
N LYS C 766 58.83 -8.75 -11.28
CA LYS C 766 60.03 -8.07 -11.78
C LYS C 766 59.70 -7.12 -12.95
N GLY C 767 58.60 -6.38 -12.81
CA GLY C 767 58.13 -5.48 -13.86
C GLY C 767 57.64 -6.15 -15.14
N VAL C 768 57.55 -7.48 -15.10
CA VAL C 768 57.17 -8.30 -16.26
C VAL C 768 55.83 -8.99 -15.98
N LEU C 769 54.94 -8.93 -16.94
CA LEU C 769 53.65 -9.62 -16.83
C LEU C 769 53.80 -11.10 -17.12
N GLU C 770 53.20 -11.92 -16.25
CA GLU C 770 53.20 -13.38 -16.38
C GLU C 770 51.80 -13.91 -16.11
N LEU C 771 51.50 -15.08 -16.66
CA LEU C 771 50.18 -15.67 -16.48
C LEU C 771 50.17 -16.79 -15.45
N GLN C 772 49.08 -16.84 -14.69
CA GLN C 772 48.92 -17.74 -13.55
C GLN C 772 47.51 -18.33 -13.57
N SER C 773 47.37 -19.59 -13.18
CA SER C 773 46.06 -20.22 -13.09
C SER C 773 45.33 -19.78 -11.82
N THR C 774 44.01 -19.75 -11.89
CA THR C 774 43.19 -19.43 -10.71
C THR C 774 42.63 -20.72 -10.10
N GLY C 775 42.36 -21.70 -10.96
CA GLY C 775 41.73 -22.94 -10.53
C GLY C 775 40.27 -22.73 -10.16
N THR C 776 39.62 -21.79 -10.84
CA THR C 776 38.20 -21.49 -10.63
C THR C 776 37.54 -20.90 -11.89
N GLY C 777 37.99 -21.36 -13.05
CA GLY C 777 37.44 -20.92 -14.33
C GLY C 777 35.97 -21.26 -14.52
N ALA C 778 35.32 -20.52 -15.41
CA ALA C 778 33.89 -20.67 -15.67
C ALA C 778 33.60 -21.85 -16.60
N LYS C 779 32.75 -22.76 -16.14
CA LYS C 779 32.27 -23.89 -16.95
C LYS C 779 30.90 -24.38 -16.48
N GLY C 780 30.14 -24.97 -17.39
CA GLY C 780 28.85 -25.57 -17.06
C GLY C 780 27.64 -24.86 -17.63
N LYS C 781 26.47 -25.44 -17.35
CA LYS C 781 25.18 -24.92 -17.81
C LYS C 781 24.92 -23.51 -17.28
N ILE C 782 24.58 -22.61 -18.20
CA ILE C 782 24.14 -21.27 -17.84
C ILE C 782 22.62 -21.29 -17.65
N ASN C 783 22.19 -20.97 -16.42
CA ASN C 783 20.79 -20.72 -16.12
C ASN C 783 20.58 -19.20 -16.06
N PRO C 784 20.07 -18.60 -17.16
CA PRO C 784 19.98 -17.14 -17.30
C PRO C 784 19.25 -16.44 -16.16
N LYS C 785 18.29 -17.13 -15.54
CA LYS C 785 17.53 -16.60 -14.41
C LYS C 785 18.42 -16.39 -13.17
N THR C 786 19.27 -17.37 -12.89
CA THR C 786 20.09 -17.35 -11.66
C THR C 786 21.56 -16.97 -11.92
N TYR C 787 21.94 -16.94 -13.19
CA TYR C 787 23.32 -16.67 -13.60
C TYR C 787 23.95 -15.51 -12.84
N THR C 788 25.02 -15.81 -12.13
CA THR C 788 25.75 -14.84 -11.34
C THR C 788 27.24 -15.15 -11.47
N ILE C 789 28.03 -14.11 -11.74
CA ILE C 789 29.48 -14.24 -11.77
C ILE C 789 30.00 -14.09 -10.34
N LYS C 790 30.52 -15.19 -9.79
CA LYS C 790 30.94 -15.24 -8.39
C LYS C 790 32.19 -14.41 -8.07
N GLY C 791 32.42 -14.19 -6.78
CA GLY C 791 33.48 -13.31 -6.29
C GLY C 791 34.87 -13.61 -6.81
N GLU C 792 35.23 -14.89 -6.87
CA GLU C 792 36.54 -15.31 -7.34
C GLU C 792 36.69 -15.12 -8.84
N GLN C 793 35.60 -15.29 -9.58
CA GLN C 793 35.56 -15.00 -11.01
C GLN C 793 35.63 -13.50 -11.28
N LEU C 794 34.94 -12.72 -10.44
CA LEU C 794 34.99 -11.26 -10.53
C LEU C 794 36.40 -10.75 -10.28
N LYS C 795 37.08 -11.36 -9.32
CA LYS C 795 38.44 -11.00 -8.97
C LYS C 795 39.36 -11.23 -10.17
N ALA C 796 39.13 -12.35 -10.86
CA ALA C 796 39.92 -12.74 -12.03
C ALA C 796 39.70 -11.78 -13.20
N LEU C 797 38.43 -11.43 -13.45
CA LEU C 797 38.11 -10.43 -14.47
C LEU C 797 38.82 -9.12 -14.15
N GLN C 798 38.80 -8.73 -12.86
CA GLN C 798 39.43 -7.50 -12.39
C GLN C 798 40.94 -7.48 -12.65
N GLU C 799 41.61 -8.60 -12.39
CA GLU C 799 43.06 -8.67 -12.58
C GLU C 799 43.43 -8.53 -14.05
N ASN C 800 42.66 -9.19 -14.92
CA ASN C 800 42.83 -9.04 -16.36
C ASN C 800 42.59 -7.61 -16.83
N MET C 801 41.47 -7.05 -16.38
CA MET C 801 41.12 -5.65 -16.67
C MET C 801 42.21 -4.68 -16.23
N LEU C 802 42.75 -4.90 -15.03
CA LEU C 802 43.81 -4.07 -14.47
C LEU C 802 45.06 -4.00 -15.34
N HIS C 803 45.64 -5.16 -15.66
CA HIS C 803 46.93 -5.19 -16.31
C HIS C 803 46.89 -5.01 -17.83
N PHE C 804 45.76 -5.35 -18.44
CA PHE C 804 45.64 -5.33 -19.90
C PHE C 804 44.82 -4.16 -20.44
N PHE C 805 44.20 -3.38 -19.55
CA PHE C 805 43.40 -2.25 -20.01
C PHE C 805 43.61 -0.98 -19.18
N VAL C 806 43.43 -1.11 -17.86
CA VAL C 806 43.53 0.05 -16.97
C VAL C 806 44.95 0.61 -16.87
N GLU C 807 45.94 -0.28 -16.77
CA GLU C 807 47.35 0.12 -16.77
C GLU C 807 47.70 1.00 -17.99
N PRO C 808 47.45 0.51 -19.22
CA PRO C 808 47.55 1.35 -20.42
C PRO C 808 46.78 2.68 -20.32
N LEU C 809 45.57 2.65 -19.79
CA LEU C 809 44.73 3.85 -19.65
C LEU C 809 45.37 4.90 -18.74
N ARG C 810 45.97 4.43 -17.64
CA ARG C 810 46.67 5.29 -16.69
C ARG C 810 47.90 5.93 -17.30
N ASN C 811 48.64 5.17 -18.11
CA ASN C 811 49.76 5.74 -18.87
C ASN C 811 49.26 6.83 -19.83
N GLY C 812 48.14 6.58 -20.48
CA GLY C 812 47.52 7.55 -21.39
C GLY C 812 47.05 8.81 -20.67
N ILE C 813 46.51 8.62 -19.47
CA ILE C 813 46.08 9.73 -18.62
C ILE C 813 47.25 10.68 -18.32
N THR C 814 48.36 10.12 -17.83
CA THR C 814 49.53 10.90 -17.46
C THR C 814 50.08 11.68 -18.66
N GLN C 815 50.13 11.03 -19.82
CA GLN C 815 50.59 11.68 -21.05
C GLN C 815 49.69 12.84 -21.45
N THR C 816 48.38 12.69 -21.21
CA THR C 816 47.39 13.68 -21.56
C THR C 816 47.40 14.91 -20.63
N VAL C 817 47.40 14.67 -19.32
CA VAL C 817 47.36 15.78 -18.35
C VAL C 817 48.73 16.37 -18.01
N GLY C 818 49.79 15.60 -18.24
CA GLY C 818 51.16 16.03 -18.00
C GLY C 818 51.75 15.50 -16.71
N GLU C 819 53.02 15.07 -16.78
CA GLU C 819 53.75 14.60 -15.61
C GLU C 819 53.88 15.70 -14.55
N SER C 820 53.99 16.96 -14.99
CA SER C 820 54.10 18.10 -14.09
C SER C 820 52.90 18.24 -13.16
N LEU C 821 51.69 18.10 -13.71
CA LEU C 821 50.48 18.10 -12.89
C LEU C 821 50.47 16.92 -11.92
N VAL C 822 50.77 15.74 -12.41
CA VAL C 822 50.81 14.55 -11.56
C VAL C 822 51.74 14.78 -10.37
N TYR C 823 52.93 15.32 -10.66
CA TYR C 823 53.90 15.65 -9.60
C TYR C 823 53.31 16.60 -8.56
N SER C 824 52.66 17.68 -9.01
CA SER C 824 52.01 18.63 -8.12
C SER C 824 50.98 17.97 -7.19
N THR C 825 50.12 17.12 -7.76
CA THR C 825 49.08 16.45 -6.98
C THR C 825 49.65 15.48 -5.96
N GLU C 826 50.77 14.83 -6.30
CA GLU C 826 51.44 13.92 -5.38
C GLU C 826 52.02 14.66 -4.19
N GLN C 827 52.67 15.80 -4.46
CA GLN C 827 53.21 16.64 -3.39
C GLN C 827 52.10 17.21 -2.51
N LEU C 828 51.01 17.63 -3.14
CA LEU C 828 49.82 18.08 -2.42
C LEU C 828 49.28 16.96 -1.51
N GLN C 829 49.15 15.76 -2.06
CA GLN C 829 48.67 14.60 -1.32
C GLN C 829 49.57 14.25 -0.14
N LYS C 830 50.88 14.14 -0.40
CA LYS C 830 51.85 13.80 0.64
C LYS C 830 51.84 14.79 1.79
N ALA C 831 51.88 16.08 1.47
CA ALA C 831 51.89 17.14 2.48
C ALA C 831 50.65 17.12 3.36
N THR C 832 49.48 17.08 2.74
CA THR C 832 48.21 17.08 3.48
C THR C 832 47.99 15.78 4.28
N GLN C 833 48.45 14.66 3.73
CA GLN C 833 48.39 13.39 4.46
C GLN C 833 49.32 13.40 5.68
N ILE C 834 50.56 13.83 5.49
CA ILE C 834 51.52 13.93 6.60
C ILE C 834 50.97 14.81 7.72
N GLN C 835 50.48 15.99 7.36
CA GLN C 835 49.88 16.90 8.32
C GLN C 835 48.70 16.26 9.06
N SER C 836 47.84 15.53 8.34
CA SER C 836 46.67 14.88 8.95
C SER C 836 47.06 13.78 9.93
N VAL C 837 48.12 13.03 9.62
CA VAL C 837 48.65 11.99 10.50
C VAL C 837 49.03 12.59 11.86
N VAL C 838 49.71 13.73 11.83
CA VAL C 838 50.14 14.42 13.05
C VAL C 838 48.94 14.98 13.82
N LEU C 839 48.06 15.67 13.11
CA LEU C 839 46.84 16.21 13.72
C LEU C 839 46.06 15.14 14.46
N GLU C 840 45.82 14.01 13.78
CA GLU C 840 45.12 12.86 14.35
C GLU C 840 45.83 12.32 15.61
N ASP C 841 47.13 12.09 15.50
CA ASP C 841 47.91 11.51 16.60
C ASP C 841 47.99 12.43 17.82
N MET C 842 48.12 13.73 17.56
CA MET C 842 48.19 14.72 18.64
C MET C 842 46.85 14.86 19.35
N PHE C 843 45.76 14.88 18.58
CA PHE C 843 44.42 14.87 19.15
C PHE C 843 44.26 13.63 20.03
N LYS C 844 44.61 12.47 19.49
CA LYS C 844 44.51 11.19 20.20
C LYS C 844 45.28 11.20 21.52
N GLN C 845 46.53 11.65 21.47
CA GLN C 845 47.39 11.65 22.66
C GLN C 845 46.88 12.61 23.73
N ARG C 846 46.37 13.76 23.30
CA ARG C 846 45.82 14.74 24.24
C ARG C 846 44.50 14.27 24.86
N VAL C 847 43.70 13.55 24.08
CA VAL C 847 42.51 12.89 24.64
C VAL C 847 42.90 11.86 25.70
N GLN C 848 43.89 11.03 25.40
CA GLN C 848 44.33 10.00 26.34
C GLN C 848 44.93 10.60 27.61
N GLU C 849 45.72 11.67 27.44
CA GLU C 849 46.28 12.41 28.57
C GLU C 849 45.19 12.97 29.48
N LYS C 850 44.16 13.55 28.90
CA LYS C 850 43.04 14.08 29.67
C LYS C 850 42.24 12.98 30.37
N LEU C 851 42.02 11.87 29.67
CA LEU C 851 41.32 10.72 30.23
C LEU C 851 42.06 10.14 31.44
N ALA C 852 43.39 10.19 31.40
CA ALA C 852 44.22 9.73 32.50
C ALA C 852 44.09 10.65 33.73
N GLU C 853 43.93 11.95 33.50
CA GLU C 853 43.64 12.90 34.57
C GLU C 853 42.25 12.66 35.17
N LYS C 854 41.28 12.39 34.30
CA LYS C 854 39.91 12.11 34.73
C LYS C 854 39.79 10.86 35.60
N ALA C 855 40.65 9.88 35.34
CA ALA C 855 40.69 8.64 36.12
C ALA C 855 40.96 8.90 37.61
N LYS C 856 41.57 10.05 37.91
CA LYS C 856 41.92 10.46 39.27
C LYS C 856 40.84 11.34 39.90
N ASP C 857 39.85 11.73 39.08
CA ASP C 857 38.73 12.55 39.52
C ASP C 857 37.61 11.64 40.04
N PRO C 858 37.34 11.67 41.36
CA PRO C 858 36.35 10.77 41.97
C PRO C 858 34.91 10.91 41.44
N THR C 859 34.57 12.06 40.87
CA THR C 859 33.23 12.29 40.31
C THR C 859 33.03 11.64 38.94
N TRP C 860 34.14 11.23 38.32
CA TRP C 860 34.15 10.74 36.93
C TRP C 860 34.16 9.22 36.86
N LYS C 861 33.48 8.70 35.84
CA LYS C 861 33.38 7.27 35.56
C LYS C 861 33.76 7.03 34.09
N LYS C 862 34.53 5.97 33.83
CA LYS C 862 35.21 5.78 32.53
C LYS C 862 34.44 6.14 31.23
N GLY C 863 33.20 5.67 31.11
CA GLY C 863 32.38 5.92 29.92
C GLY C 863 31.74 7.29 29.82
N ASP C 864 32.02 8.15 30.80
CA ASP C 864 31.55 9.53 30.78
C ASP C 864 32.23 10.33 29.66
N PHE C 865 33.47 9.95 29.35
CA PHE C 865 34.30 10.65 28.36
C PHE C 865 34.53 12.12 28.73
N LEU C 866 34.83 12.97 27.74
CA LEU C 866 35.23 14.35 27.98
C LEU C 866 34.06 15.34 27.84
N THR C 867 34.23 16.54 28.40
CA THR C 867 33.26 17.64 28.26
C THR C 867 33.50 18.37 26.92
N GLN C 868 32.51 19.15 26.48
CA GLN C 868 32.69 19.92 25.24
C GLN C 868 33.82 20.95 25.38
N LYS C 869 33.91 21.58 26.55
CA LYS C 869 35.02 22.51 26.85
C LYS C 869 36.38 21.82 26.71
N GLU C 870 36.50 20.63 27.30
CA GLU C 870 37.73 19.84 27.20
C GLU C 870 38.08 19.48 25.75
N LEU C 871 37.07 19.08 24.98
CA LEU C 871 37.25 18.76 23.56
C LEU C 871 37.62 19.99 22.73
N ASN C 872 36.95 21.12 23.00
CA ASN C 872 37.29 22.39 22.38
C ASN C 872 38.73 22.80 22.63
N ASP C 873 39.19 22.62 23.87
CA ASP C 873 40.57 22.94 24.26
C ASP C 873 41.58 22.08 23.49
N ILE C 874 41.30 20.79 23.37
CA ILE C 874 42.15 19.87 22.61
C ILE C 874 42.19 20.25 21.11
N GLN C 875 41.03 20.56 20.53
CA GLN C 875 41.00 21.05 19.15
C GLN C 875 41.86 22.31 18.97
N ALA C 876 41.72 23.27 19.88
CA ALA C 876 42.46 24.53 19.83
C ALA C 876 43.97 24.33 19.97
N SER C 877 44.36 23.29 20.70
CA SER C 877 45.77 22.93 20.88
C SER C 877 46.45 22.54 19.57
N LEU C 878 45.63 22.27 18.54
CA LEU C 878 46.13 21.91 17.22
C LEU C 878 46.34 23.11 16.31
N ASN C 879 45.86 24.28 16.72
CA ASN C 879 45.88 25.46 15.87
C ASN C 879 47.29 25.88 15.42
N ASN C 880 48.30 25.60 16.24
CA ASN C 880 49.69 25.89 15.90
C ASN C 880 50.24 25.00 14.78
N LEU C 881 49.48 23.95 14.45
CA LEU C 881 49.82 23.01 13.38
C LEU C 881 49.15 23.37 12.04
N ALA C 882 48.42 24.48 12.04
CA ALA C 882 47.70 25.01 10.87
C ALA C 882 46.76 23.99 10.19
N PRO C 883 45.77 23.46 10.94
CA PRO C 883 44.86 22.46 10.38
C PRO C 883 44.01 23.01 9.22
N MET C 884 43.87 24.33 9.16
CA MET C 884 43.05 24.98 8.15
C MET C 884 43.89 25.49 6.99
N ILE C 885 43.38 25.27 5.78
CA ILE C 885 43.97 25.86 4.58
C ILE C 885 43.10 27.04 4.19
N GLU C 886 43.74 28.20 4.05
CA GLU C 886 43.04 29.45 3.76
C GLU C 886 43.42 29.94 2.37
N THR C 887 42.43 30.39 1.61
CA THR C 887 42.68 30.92 0.27
C THR C 887 42.50 32.43 0.23
N GLY C 888 41.93 32.99 1.30
CA GLY C 888 41.51 34.39 1.31
C GLY C 888 40.00 34.55 1.16
N SER C 889 39.36 33.56 0.55
CA SER C 889 37.90 33.59 0.32
C SER C 889 37.21 32.25 0.64
N GLN C 890 38.01 31.21 0.87
CA GLN C 890 37.50 29.89 1.23
C GLN C 890 38.38 29.29 2.31
N THR C 891 37.81 28.39 3.11
CA THR C 891 38.56 27.65 4.11
C THR C 891 38.35 26.15 3.95
N PHE C 892 39.45 25.40 3.96
CA PHE C 892 39.39 23.94 3.85
C PHE C 892 40.06 23.27 5.04
N TYR C 893 39.41 22.22 5.54
CA TYR C 893 39.91 21.44 6.65
C TYR C 893 39.96 19.98 6.21
N ILE C 894 41.06 19.60 5.58
CA ILE C 894 41.17 18.29 4.93
C ILE C 894 41.05 17.12 5.92
N ALA C 895 41.63 17.27 7.10
CA ALA C 895 41.62 16.20 8.11
C ALA C 895 40.30 16.03 8.85
N GLY C 896 39.44 17.05 8.80
CA GLY C 896 38.18 17.05 9.54
C GLY C 896 37.32 15.83 9.30
N SER C 897 36.96 15.15 10.39
CA SER C 897 36.12 13.96 10.34
C SER C 897 35.29 13.79 11.60
N GLU C 898 34.37 12.83 11.57
CA GLU C 898 33.74 12.33 12.78
C GLU C 898 33.97 10.83 12.79
N ASN C 899 34.51 10.32 13.89
CA ASN C 899 34.84 8.89 13.95
C ASN C 899 34.66 8.28 15.34
N ALA C 900 34.51 6.96 15.36
CA ALA C 900 34.31 6.21 16.61
C ALA C 900 35.63 5.79 17.25
N GLU C 901 36.74 6.05 16.57
CA GLU C 901 38.05 5.60 17.04
C GLU C 901 38.61 6.42 18.19
N VAL C 902 38.15 7.67 18.32
CA VAL C 902 38.65 8.56 19.37
C VAL C 902 38.24 8.09 20.77
N ALA C 903 36.93 7.87 20.95
CA ALA C 903 36.39 7.47 22.24
C ALA C 903 36.40 5.96 22.46
N ASN C 904 36.37 5.21 21.36
CA ASN C 904 36.39 3.73 21.38
C ASN C 904 35.45 3.13 22.43
N GLN C 905 34.18 3.55 22.39
CA GLN C 905 33.20 3.10 23.38
C GLN C 905 31.78 3.23 22.87
N VAL C 906 30.88 2.45 23.47
CA VAL C 906 29.45 2.58 23.23
C VAL C 906 28.96 3.89 23.87
N LEU C 907 28.11 4.62 23.14
CA LEU C 907 27.48 5.82 23.68
C LEU C 907 26.22 5.49 24.47
N ALA C 908 25.36 4.66 23.88
CA ALA C 908 24.11 4.22 24.50
C ALA C 908 23.60 2.98 23.81
N THR C 909 22.77 2.22 24.51
CA THR C 909 22.04 1.09 23.94
C THR C 909 20.56 1.33 24.22
N ASN C 910 19.68 0.53 23.61
CA ASN C 910 18.29 0.52 24.04
C ASN C 910 18.13 -0.31 25.32
N LEU C 911 16.92 -0.39 25.84
CA LEU C 911 16.68 -1.05 27.12
C LEU C 911 16.67 -2.58 27.03
N ASP C 912 16.88 -3.10 25.82
CA ASP C 912 17.03 -4.54 25.63
C ASP C 912 18.51 -4.91 25.42
N ASP C 913 19.40 -3.97 25.71
CA ASP C 913 20.85 -4.18 25.53
C ASP C 913 21.22 -4.35 24.04
N ARG C 914 20.38 -3.80 23.17
CA ARG C 914 20.65 -3.83 21.73
C ARG C 914 20.73 -2.40 21.19
N MET C 915 20.81 -2.26 19.87
CA MET C 915 20.98 -0.94 19.24
C MET C 915 22.11 -0.16 19.91
N ARG C 916 23.30 -0.76 19.91
CA ARG C 916 24.46 -0.20 20.60
C ARG C 916 25.18 0.79 19.71
N VAL C 917 24.95 2.07 19.97
CA VAL C 917 25.47 3.16 19.15
C VAL C 917 26.87 3.57 19.63
N PRO C 918 27.87 3.54 18.74
CA PRO C 918 29.21 3.98 19.13
C PRO C 918 29.24 5.48 19.46
N MET C 919 30.10 5.87 20.39
CA MET C 919 30.35 7.28 20.65
C MET C 919 31.25 7.84 19.54
N SER C 920 30.68 8.70 18.71
CA SER C 920 31.43 9.32 17.61
C SER C 920 31.72 10.76 17.98
N ILE C 921 32.96 11.20 17.75
CA ILE C 921 33.30 12.59 18.01
C ILE C 921 34.03 13.24 16.85
N TYR C 922 33.89 14.56 16.78
CA TYR C 922 34.50 15.38 15.75
C TYR C 922 35.99 15.53 16.04
N ALA C 923 36.81 15.09 15.10
CA ALA C 923 38.26 15.04 15.29
C ALA C 923 38.99 14.93 13.96
N PRO C 924 40.27 15.34 13.91
CA PRO C 924 41.07 15.11 12.71
C PRO C 924 41.35 13.61 12.52
N ALA C 925 41.28 13.16 11.28
CA ALA C 925 41.67 11.82 10.90
C ALA C 925 42.53 11.90 9.66
N GLN C 926 43.16 10.79 9.28
CA GLN C 926 44.05 10.79 8.12
C GLN C 926 43.33 11.19 6.84
N ALA C 927 44.01 11.97 6.01
CA ALA C 927 43.42 12.54 4.80
C ALA C 927 43.39 11.53 3.66
N GLY C 928 44.36 10.61 3.63
CA GLY C 928 44.53 9.72 2.49
C GLY C 928 44.85 10.57 1.27
N VAL C 929 44.05 10.43 0.22
CA VAL C 929 44.22 11.23 -1.00
C VAL C 929 43.27 12.44 -1.07
N ALA C 930 42.46 12.63 -0.02
CA ALA C 930 41.40 13.65 -0.01
C ALA C 930 41.86 15.07 -0.34
N GLY C 931 43.10 15.41 0.01
CA GLY C 931 43.68 16.72 -0.31
C GLY C 931 43.51 17.15 -1.76
N ILE C 932 43.72 16.22 -2.69
CA ILE C 932 43.62 16.52 -4.13
C ILE C 932 42.20 16.96 -4.55
N PRO C 933 41.18 16.08 -4.38
CA PRO C 933 39.84 16.53 -4.73
C PRO C 933 39.34 17.73 -3.92
N PHE C 934 39.65 17.78 -2.62
CA PHE C 934 39.27 18.94 -1.78
C PHE C 934 39.74 20.24 -2.42
N MET C 935 41.03 20.33 -2.74
CA MET C 935 41.60 21.57 -3.27
C MET C 935 41.22 21.86 -4.72
N THR C 936 41.07 20.81 -5.53
CA THR C 936 40.75 20.97 -6.96
C THR C 936 39.28 21.34 -7.17
N ILE C 937 38.38 20.59 -6.52
CA ILE C 937 36.95 20.93 -6.56
C ILE C 937 36.74 22.29 -5.88
N GLY C 938 37.38 22.48 -4.73
CA GLY C 938 37.24 23.69 -3.93
C GLY C 938 37.63 24.97 -4.66
N THR C 939 38.87 25.04 -5.11
CA THR C 939 39.39 26.26 -5.74
C THR C 939 39.07 26.32 -7.24
N GLY C 940 38.52 25.23 -7.76
CA GLY C 940 38.04 25.16 -9.14
C GLY C 940 36.56 25.52 -9.23
N ASP C 941 35.70 24.50 -9.35
CA ASP C 941 34.25 24.78 -9.52
C ASP C 941 33.63 25.50 -8.32
N GLY C 942 34.07 25.15 -7.11
CA GLY C 942 33.57 25.81 -5.89
C GLY C 942 33.82 27.31 -5.91
N MET C 943 35.06 27.70 -6.16
CA MET C 943 35.42 29.11 -6.25
C MET C 943 34.72 29.79 -7.42
N MET C 944 34.60 29.09 -8.55
CA MET C 944 33.88 29.61 -9.71
C MET C 944 32.44 29.98 -9.34
N MET C 945 31.73 29.07 -8.68
CA MET C 945 30.32 29.30 -8.36
C MET C 945 30.13 30.40 -7.31
N GLN C 946 30.99 30.37 -6.29
CA GLN C 946 31.02 31.40 -5.25
C GLN C 946 31.21 32.79 -5.86
N THR C 947 32.14 32.90 -6.81
CA THR C 947 32.42 34.14 -7.51
C THR C 947 31.20 34.56 -8.33
N LEU C 948 30.64 33.62 -9.07
CA LEU C 948 29.43 33.85 -9.87
C LEU C 948 28.27 34.41 -9.04
N SER C 949 28.13 33.93 -7.81
CA SER C 949 27.06 34.37 -6.91
C SER C 949 27.25 35.80 -6.39
N THR C 950 28.51 36.22 -6.27
CA THR C 950 28.86 37.44 -5.51
C THR C 950 29.50 38.55 -6.33
N MET C 951 29.96 38.23 -7.54
CA MET C 951 30.69 39.17 -8.38
C MET C 951 29.83 40.35 -8.83
N LYS C 952 30.50 41.41 -9.28
CA LYS C 952 29.82 42.53 -9.92
C LYS C 952 29.01 42.02 -11.12
N GLY C 953 27.73 42.35 -11.14
CA GLY C 953 26.83 41.89 -12.19
C GLY C 953 26.55 40.39 -12.14
N ALA C 954 26.57 39.83 -10.94
CA ALA C 954 26.28 38.42 -10.71
C ALA C 954 24.95 38.03 -11.36
N PRO C 955 24.96 36.98 -12.22
CA PRO C 955 23.73 36.55 -12.89
C PRO C 955 22.65 36.13 -11.90
N LYS C 956 21.43 36.63 -12.07
CA LYS C 956 20.33 36.28 -11.17
C LYS C 956 19.41 35.25 -11.82
N ASN C 957 18.51 34.67 -11.03
CA ASN C 957 17.53 33.69 -11.52
C ASN C 957 18.16 32.47 -12.22
N THR C 958 19.27 31.98 -11.65
CA THR C 958 19.95 30.78 -12.16
C THR C 958 19.78 29.59 -11.20
N LEU C 959 20.04 28.40 -11.73
CA LEU C 959 20.25 27.21 -10.90
C LEU C 959 21.68 26.75 -11.12
N LYS C 960 22.45 26.66 -10.04
CA LYS C 960 23.85 26.23 -10.13
C LYS C 960 23.96 24.76 -9.70
N ILE C 961 24.63 23.98 -10.54
CA ILE C 961 24.78 22.54 -10.34
C ILE C 961 26.29 22.23 -10.43
N PHE C 962 27.03 22.92 -9.56
CA PHE C 962 28.45 22.69 -9.30
C PHE C 962 29.41 23.17 -10.39
N ASP C 963 29.41 22.54 -11.56
CA ASP C 963 30.20 23.08 -12.67
C ASP C 963 29.30 23.49 -13.84
N GLY C 964 27.99 23.39 -13.63
CA GLY C 964 27.01 23.79 -14.64
C GLY C 964 26.02 24.79 -14.08
N MET C 965 25.56 25.71 -14.90
CA MET C 965 24.60 26.73 -14.46
C MET C 965 23.50 26.92 -15.50
N ASN C 966 22.25 26.69 -15.05
CA ASN C 966 21.07 26.89 -15.90
C ASN C 966 20.72 28.37 -15.98
N ILE C 967 20.60 28.88 -17.20
CA ILE C 967 20.40 30.32 -17.44
C ILE C 967 19.11 30.54 -18.25
N GLY C 968 18.30 31.51 -17.83
CA GLY C 968 17.10 31.90 -18.59
C GLY C 968 17.46 32.51 -19.92
N LEU C 969 16.56 32.40 -20.90
CA LEU C 969 16.91 32.68 -22.30
C LEU C 969 17.23 34.14 -22.65
N ASN C 970 16.74 35.08 -21.85
CA ASN C 970 17.12 36.48 -22.05
C ASN C 970 18.53 36.81 -21.57
N ASP C 971 19.15 35.89 -20.83
CA ASP C 971 20.39 36.18 -20.15
C ASP C 971 21.57 35.30 -20.57
N ILE C 972 21.38 34.47 -21.58
CA ILE C 972 22.38 33.46 -21.95
C ILE C 972 23.78 34.01 -22.29
N THR C 973 23.84 35.15 -22.98
CA THR C 973 25.13 35.76 -23.33
C THR C 973 25.85 36.35 -22.13
N ASP C 974 25.20 37.27 -21.42
CA ASP C 974 25.82 37.96 -20.29
C ASP C 974 26.19 37.01 -19.15
N ALA C 975 25.29 36.08 -18.82
CA ALA C 975 25.53 35.13 -17.73
C ALA C 975 26.67 34.16 -18.06
N SER C 976 26.75 33.75 -19.32
CA SER C 976 27.84 32.87 -19.79
C SER C 976 29.18 33.59 -19.76
N ARG C 977 29.17 34.86 -20.16
CA ARG C 977 30.38 35.67 -20.14
C ARG C 977 30.86 35.87 -18.69
N LYS C 978 29.91 36.12 -17.79
CA LYS C 978 30.20 36.22 -16.35
C LYS C 978 30.75 34.91 -15.79
N ALA C 979 30.18 33.79 -16.25
CA ALA C 979 30.63 32.46 -15.85
C ALA C 979 32.09 32.23 -16.24
N ASN C 980 32.41 32.61 -17.49
CA ASN C 980 33.79 32.54 -17.98
C ASN C 980 34.71 33.51 -17.25
N GLU C 981 34.19 34.68 -16.88
CA GLU C 981 34.94 35.63 -16.05
C GLU C 981 35.26 35.03 -14.69
N ALA C 982 34.28 34.32 -14.11
CA ALA C 982 34.45 33.66 -12.81
C ALA C 982 35.48 32.53 -12.88
N VAL C 983 35.48 31.82 -14.01
CA VAL C 983 36.53 30.83 -14.29
C VAL C 983 37.90 31.50 -14.26
N TYR C 984 38.04 32.63 -14.96
CA TYR C 984 39.30 33.35 -14.99
C TYR C 984 39.74 33.79 -13.59
N THR C 985 38.77 34.27 -12.79
CA THR C 985 39.04 34.67 -11.42
C THR C 985 39.56 33.48 -10.60
N SER C 986 38.88 32.34 -10.71
CA SER C 986 39.33 31.11 -10.04
C SER C 986 40.73 30.70 -10.48
N TRP C 987 41.05 30.94 -11.76
CA TRP C 987 42.36 30.60 -12.31
C TRP C 987 43.50 31.50 -11.84
N GLN C 988 43.15 32.52 -11.06
CA GLN C 988 44.13 33.36 -10.37
C GLN C 988 44.52 32.75 -9.04
N GLY C 989 43.83 31.68 -8.67
CA GLY C 989 44.10 30.96 -7.43
C GLY C 989 45.39 30.18 -7.49
N ASN C 990 45.80 29.64 -6.35
CA ASN C 990 47.03 28.88 -6.22
C ASN C 990 46.87 27.96 -5.01
N PRO C 991 46.13 26.83 -5.19
CA PRO C 991 45.91 25.88 -4.09
C PRO C 991 47.19 25.35 -3.44
N ILE C 992 48.21 25.09 -4.25
CA ILE C 992 49.48 24.57 -3.73
C ILE C 992 50.15 25.59 -2.80
N LYS C 993 50.07 26.88 -3.15
CA LYS C 993 50.54 27.96 -2.28
C LYS C 993 49.80 27.95 -0.94
N ASN C 994 48.47 27.82 -1.00
CA ASN C 994 47.65 27.74 0.22
C ASN C 994 48.06 26.55 1.09
N VAL C 995 48.28 25.40 0.44
CA VAL C 995 48.73 24.19 1.13
C VAL C 995 50.13 24.41 1.71
N TYR C 996 51.02 25.01 0.91
CA TYR C 996 52.37 25.31 1.35
C TYR C 996 52.41 26.20 2.60
N GLU C 997 51.57 27.24 2.63
CA GLU C 997 51.56 28.17 3.77
C GLU C 997 51.14 27.46 5.06
N SER C 998 50.15 26.58 4.95
CA SER C 998 49.75 25.73 6.07
C SER C 998 50.86 24.75 6.46
N TYR C 999 51.42 24.05 5.47
CA TYR C 999 52.48 23.07 5.72
C TYR C 999 53.75 23.69 6.33
N ALA C 1000 54.08 24.90 5.90
CA ALA C 1000 55.25 25.62 6.43
C ALA C 1000 55.11 25.96 7.92
N LYS C 1001 53.90 26.35 8.32
CA LYS C 1001 53.57 26.60 9.72
C LYS C 1001 53.61 25.29 10.53
N PHE C 1002 53.03 24.25 9.95
CA PHE C 1002 53.06 22.90 10.51
C PHE C 1002 54.49 22.45 10.84
N MET C 1003 55.39 22.59 9.87
CA MET C 1003 56.80 22.16 10.05
C MET C 1003 57.55 22.91 11.17
N LYS C 1004 57.07 24.10 11.53
CA LYS C 1004 57.68 24.91 12.58
C LYS C 1004 57.15 24.55 13.98
N ASN C 1005 56.09 23.75 14.02
CA ASN C 1005 55.39 23.48 15.27
C ASN C 1005 55.22 21.99 15.59
N VAL C 1006 55.45 21.15 14.57
CA VAL C 1006 55.39 19.71 14.74
C VAL C 1006 56.52 19.24 15.66
N ASP C 1007 56.20 18.28 16.51
CA ASP C 1007 57.18 17.66 17.39
C ASP C 1007 57.24 16.18 17.06
N PHE C 1008 58.18 15.82 16.18
CA PHE C 1008 58.34 14.43 15.72
C PHE C 1008 58.69 13.47 16.84
N SER C 1009 59.38 13.97 17.87
CA SER C 1009 59.76 13.17 19.03
C SER C 1009 58.55 12.76 19.89
N LYS C 1010 57.43 13.46 19.71
CA LYS C 1010 56.22 13.14 20.49
C LYS C 1010 55.31 12.12 19.82
N LEU C 1011 55.49 11.94 18.51
CA LEU C 1011 54.60 11.08 17.72
C LEU C 1011 54.71 9.62 18.11
N SER C 1012 53.59 8.91 18.03
CA SER C 1012 53.57 7.46 18.24
C SER C 1012 54.32 6.77 17.10
N PRO C 1013 54.82 5.54 17.36
CA PRO C 1013 55.49 4.79 16.30
C PRO C 1013 54.63 4.62 15.04
N GLU C 1014 53.33 4.45 15.23
CA GLU C 1014 52.38 4.27 14.13
C GLU C 1014 52.24 5.54 13.28
N ALA C 1015 52.25 6.69 13.95
CA ALA C 1015 52.22 7.99 13.26
C ALA C 1015 53.51 8.21 12.46
N LEU C 1016 54.65 7.90 13.08
CA LEU C 1016 55.94 8.00 12.38
C LEU C 1016 55.99 7.09 11.16
N GLU C 1017 55.48 5.87 11.30
CA GLU C 1017 55.44 4.93 10.19
C GLU C 1017 54.53 5.42 9.07
N ALA C 1018 53.39 6.01 9.43
CA ALA C 1018 52.47 6.58 8.45
C ALA C 1018 53.14 7.70 7.65
N ILE C 1019 53.88 8.57 8.35
CA ILE C 1019 54.61 9.67 7.70
C ILE C 1019 55.71 9.17 6.75
N GLY C 1020 56.46 8.16 7.18
CA GLY C 1020 57.48 7.53 6.34
C GLY C 1020 56.93 6.99 5.02
N LYS C 1021 55.72 6.46 5.06
CA LYS C 1021 55.04 5.94 3.86
C LYS C 1021 54.78 7.03 2.82
N SER C 1022 54.53 8.26 3.28
CA SER C 1022 54.32 9.40 2.39
C SER C 1022 55.60 10.12 2.02
N ALA C 1023 56.54 10.20 2.96
CA ALA C 1023 57.72 11.05 2.81
C ALA C 1023 58.98 10.35 2.28
N LEU C 1024 59.05 9.03 2.46
CA LEU C 1024 60.23 8.27 2.06
C LEU C 1024 59.92 7.21 1.01
N GLU C 1025 60.92 6.88 0.19
CA GLU C 1025 60.85 5.75 -0.74
C GLU C 1025 60.79 4.46 0.05
N TYR C 1026 60.14 3.45 -0.50
CA TYR C 1026 59.92 2.17 0.19
C TYR C 1026 61.19 1.58 0.81
N ASP C 1027 62.30 1.68 0.08
CA ASP C 1027 63.60 1.15 0.52
C ASP C 1027 64.16 1.79 1.79
N GLN C 1028 63.71 3.02 2.08
CA GLN C 1028 64.27 3.80 3.18
C GLN C 1028 63.42 3.79 4.45
N ARG C 1029 62.25 3.17 4.39
CA ARG C 1029 61.28 3.20 5.49
C ARG C 1029 61.66 2.29 6.65
N GLU C 1030 62.00 1.04 6.33
CA GLU C 1030 62.38 0.02 7.31
C GLU C 1030 63.36 0.53 8.38
N ASN C 1031 64.44 1.17 7.93
CA ASN C 1031 65.51 1.60 8.83
C ASN C 1031 65.52 3.09 9.16
N ALA C 1032 64.44 3.79 8.79
CA ALA C 1032 64.35 5.24 8.98
C ALA C 1032 64.34 5.65 10.45
N THR C 1033 65.22 6.60 10.80
CA THR C 1033 65.21 7.20 12.13
C THR C 1033 64.19 8.33 12.15
N VAL C 1034 63.92 8.88 13.34
CA VAL C 1034 63.03 10.04 13.48
C VAL C 1034 63.57 11.24 12.68
N ASP C 1035 64.90 11.43 12.72
CA ASP C 1035 65.54 12.50 11.95
C ASP C 1035 65.39 12.30 10.44
N ASP C 1036 65.49 11.05 9.99
CA ASP C 1036 65.29 10.71 8.58
C ASP C 1036 63.89 11.09 8.11
N ILE C 1037 62.90 10.75 8.92
CA ILE C 1037 61.50 11.04 8.60
C ILE C 1037 61.23 12.55 8.63
N ALA C 1038 61.75 13.22 9.66
CA ALA C 1038 61.63 14.67 9.78
C ALA C 1038 62.25 15.40 8.59
N ASN C 1039 63.45 14.96 8.19
CA ASN C 1039 64.15 15.55 7.03
C ASN C 1039 63.38 15.35 5.73
N ALA C 1040 62.80 14.16 5.57
CA ALA C 1040 61.98 13.84 4.40
C ALA C 1040 60.70 14.67 4.36
N ALA C 1041 60.08 14.86 5.53
CA ALA C 1041 58.91 15.73 5.65
C ALA C 1041 59.27 17.17 5.31
N SER C 1042 60.47 17.58 5.73
CA SER C 1042 60.96 18.93 5.46
C SER C 1042 61.20 19.17 3.96
N LEU C 1043 61.67 18.14 3.25
CA LEU C 1043 61.94 18.25 1.81
C LEU C 1043 60.66 18.55 1.00
N ILE C 1044 59.54 17.98 1.45
CA ILE C 1044 58.24 18.19 0.82
C ILE C 1044 57.82 19.67 0.89
N GLU C 1045 58.17 20.36 1.97
CA GLU C 1045 57.92 21.79 2.08
C GLU C 1045 58.65 22.57 0.99
N ARG C 1046 59.91 22.21 0.74
CA ARG C 1046 60.71 22.83 -0.33
C ARG C 1046 60.08 22.54 -1.70
N ASN C 1047 59.61 21.31 -1.90
CA ASN C 1047 58.91 20.91 -3.14
C ASN C 1047 57.68 21.77 -3.38
N LEU C 1048 56.81 21.85 -2.37
CA LEU C 1048 55.61 22.69 -2.40
C LEU C 1048 55.95 24.14 -2.73
N ARG C 1049 56.99 24.66 -2.08
CA ARG C 1049 57.41 26.05 -2.25
C ARG C 1049 57.70 26.38 -3.71
N ASN C 1050 58.43 25.51 -4.39
CA ASN C 1050 58.85 25.74 -5.76
C ASN C 1050 57.71 25.59 -6.77
N ILE C 1051 56.80 24.65 -6.51
CA ILE C 1051 55.57 24.52 -7.31
C ILE C 1051 54.74 25.80 -7.19
N ALA C 1052 54.54 26.26 -5.95
CA ALA C 1052 53.74 27.46 -5.66
C ALA C 1052 54.27 28.69 -6.39
N LEU C 1053 55.59 28.85 -6.39
CA LEU C 1053 56.27 29.94 -7.10
C LEU C 1053 55.98 29.84 -8.59
N GLY C 1054 56.20 28.66 -9.15
CA GLY C 1054 55.96 28.41 -10.58
C GLY C 1054 54.54 28.74 -11.00
N VAL C 1055 53.56 28.29 -10.21
CA VAL C 1055 52.15 28.57 -10.49
C VAL C 1055 51.87 30.06 -10.49
N ASP C 1056 52.40 30.75 -9.49
CA ASP C 1056 52.27 32.20 -9.34
C ASP C 1056 52.75 32.94 -10.59
N ILE C 1057 53.97 32.61 -11.02
CA ILE C 1057 54.58 33.20 -12.21
C ILE C 1057 53.78 32.89 -13.47
N ARG C 1058 53.43 31.62 -13.66
CA ARG C 1058 52.62 31.17 -14.79
C ARG C 1058 51.31 31.96 -14.92
N HIS C 1059 50.62 32.16 -13.80
CA HIS C 1059 49.37 32.92 -13.80
C HIS C 1059 49.57 34.39 -14.15
N LYS C 1060 50.64 34.99 -13.61
CA LYS C 1060 50.97 36.38 -13.87
C LYS C 1060 51.35 36.61 -15.34
N VAL C 1061 52.13 35.68 -15.89
CA VAL C 1061 52.54 35.72 -17.30
C VAL C 1061 51.34 35.58 -18.23
N LEU C 1062 50.49 34.59 -17.95
CA LEU C 1062 49.25 34.38 -18.70
C LEU C 1062 48.34 35.61 -18.68
N ASP C 1063 48.29 36.31 -17.55
CA ASP C 1063 47.45 37.51 -17.43
C ASP C 1063 47.92 38.66 -18.31
N LYS C 1064 49.20 38.63 -18.69
CA LYS C 1064 49.80 39.67 -19.54
C LYS C 1064 49.50 39.46 -21.03
N VAL C 1065 49.10 38.25 -21.40
CA VAL C 1065 48.84 37.94 -22.81
C VAL C 1065 47.35 37.94 -23.13
N ASN C 1066 47.02 38.03 -24.42
CA ASN C 1066 45.63 38.09 -24.86
C ASN C 1066 44.92 36.74 -24.80
N LEU C 1067 43.99 36.60 -23.86
CA LEU C 1067 43.26 35.36 -23.65
C LEU C 1067 41.78 35.49 -23.94
N SER C 1068 41.22 34.43 -24.52
CA SER C 1068 39.78 34.25 -24.63
C SER C 1068 39.39 32.97 -23.90
N ILE C 1069 38.47 33.09 -22.96
CA ILE C 1069 38.12 31.97 -22.06
C ILE C 1069 36.68 31.51 -22.26
N ASP C 1070 36.52 30.26 -22.67
CA ASP C 1070 35.20 29.64 -22.85
C ASP C 1070 35.16 28.22 -22.27
N GLN C 1071 35.46 28.14 -20.97
CA GLN C 1071 35.35 26.90 -20.20
C GLN C 1071 33.89 26.56 -19.88
N MET C 1072 33.10 27.58 -19.59
CA MET C 1072 31.68 27.39 -19.29
C MET C 1072 30.88 27.52 -20.58
N ALA C 1073 30.94 26.45 -21.37
CA ALA C 1073 30.56 26.48 -22.77
C ALA C 1073 29.11 26.13 -23.06
N ALA C 1074 28.66 26.61 -24.22
CA ALA C 1074 27.39 26.29 -24.86
C ALA C 1074 26.99 27.47 -25.74
N VAL C 1075 27.01 28.67 -25.15
CA VAL C 1075 26.45 29.87 -25.76
C VAL C 1075 27.39 30.54 -26.77
N GLY C 1076 28.69 30.43 -26.52
CA GLY C 1076 29.69 31.12 -27.31
C GLY C 1076 29.84 32.56 -26.86
N ALA C 1077 29.97 32.75 -25.55
CA ALA C 1077 30.17 34.06 -24.94
C ALA C 1077 31.44 34.07 -24.08
N PRO C 1078 32.61 34.08 -24.73
CA PRO C 1078 33.88 33.95 -24.01
C PRO C 1078 34.28 35.23 -23.28
N TYR C 1079 34.95 35.08 -22.15
CA TYR C 1079 35.51 36.23 -21.46
C TYR C 1079 36.89 36.57 -22.02
N GLN C 1080 37.11 37.86 -22.27
CA GLN C 1080 38.40 38.38 -22.69
C GLN C 1080 39.12 39.05 -21.53
N ASN C 1081 40.35 38.64 -21.26
CA ASN C 1081 41.14 39.26 -20.18
C ASN C 1081 41.78 40.57 -20.62
N ASN C 1082 41.78 40.82 -21.93
CA ASN C 1082 42.43 41.98 -22.55
C ASN C 1082 43.87 42.23 -22.09
N GLY C 1083 44.64 41.15 -21.94
CA GLY C 1083 46.08 41.21 -21.77
C GLY C 1083 46.65 41.79 -23.05
N LYS C 1084 47.72 42.57 -22.94
CA LYS C 1084 48.20 43.36 -24.09
C LYS C 1084 49.23 42.70 -24.98
N ILE C 1085 49.96 41.72 -24.45
CA ILE C 1085 50.91 40.97 -25.26
C ILE C 1085 50.16 40.05 -26.23
N ASP C 1086 50.28 40.36 -27.52
CA ASP C 1086 49.53 39.68 -28.57
C ASP C 1086 50.26 38.42 -29.05
N LEU C 1087 49.66 37.27 -28.79
CA LEU C 1087 50.24 35.99 -29.21
C LEU C 1087 49.50 35.34 -30.37
N SER C 1088 48.75 36.14 -31.12
CA SER C 1088 48.04 35.67 -32.31
C SER C 1088 49.03 35.37 -33.43
N ASN C 1089 48.59 34.53 -34.39
CA ASN C 1089 49.41 34.12 -35.52
C ASN C 1089 50.76 33.51 -35.11
N MET C 1090 50.70 32.69 -34.06
CA MET C 1090 51.86 31.96 -33.56
C MET C 1090 51.48 30.51 -33.33
N THR C 1091 52.43 29.60 -33.54
CA THR C 1091 52.23 28.18 -33.24
C THR C 1091 52.29 27.98 -31.73
N PRO C 1092 51.71 26.86 -31.22
CA PRO C 1092 51.90 26.53 -29.80
C PRO C 1092 53.37 26.54 -29.39
N GLU C 1093 54.24 26.10 -30.29
CA GLU C 1093 55.70 26.11 -30.06
C GLU C 1093 56.23 27.52 -29.85
N GLN C 1094 55.82 28.45 -30.72
CA GLN C 1094 56.23 29.85 -30.64
C GLN C 1094 55.62 30.56 -29.44
N GLN C 1095 54.39 30.18 -29.10
CA GLN C 1095 53.70 30.74 -27.93
C GLN C 1095 54.40 30.34 -26.65
N ALA C 1096 54.74 29.05 -26.53
CA ALA C 1096 55.48 28.51 -25.39
C ALA C 1096 56.80 29.26 -25.17
N ASP C 1097 57.54 29.48 -26.25
CA ASP C 1097 58.83 30.21 -26.19
C ASP C 1097 58.67 31.62 -25.64
N GLU C 1098 57.64 32.33 -26.12
CA GLU C 1098 57.37 33.69 -25.69
C GLU C 1098 56.90 33.73 -24.24
N LEU C 1099 56.04 32.79 -23.87
CA LEU C 1099 55.57 32.68 -22.50
C LEU C 1099 56.73 32.39 -21.53
N ASN C 1100 57.64 31.51 -21.95
CA ASN C 1100 58.82 31.18 -21.14
C ASN C 1100 59.82 32.33 -21.03
N LYS C 1101 59.90 33.14 -22.08
CA LYS C 1101 60.67 34.37 -22.06
C LYS C 1101 60.10 35.31 -21.00
N LEU C 1102 58.78 35.48 -21.02
CA LEU C 1102 58.06 36.25 -20.00
C LEU C 1102 58.20 35.65 -18.59
N PHE C 1103 58.20 34.32 -18.51
CA PHE C 1103 58.38 33.60 -17.26
C PHE C 1103 59.73 33.97 -16.63
N ARG C 1104 60.79 33.89 -17.43
CA ARG C 1104 62.14 34.21 -16.97
C ARG C 1104 62.28 35.68 -16.57
N GLU C 1105 61.62 36.57 -17.30
CA GLU C 1105 61.53 37.99 -16.96
C GLU C 1105 60.91 38.18 -15.59
N GLU C 1106 59.78 37.51 -15.39
CA GLU C 1106 59.00 37.63 -14.17
C GLU C 1106 59.79 37.16 -12.95
N LEU C 1107 60.51 36.06 -13.12
CA LEU C 1107 61.36 35.51 -12.06
C LEU C 1107 62.53 36.45 -11.77
N GLU C 1108 62.96 37.18 -12.80
CA GLU C 1108 64.07 38.13 -12.69
C GLU C 1108 63.62 39.50 -12.18
N ALA C 1109 62.30 39.73 -12.21
CA ALA C 1109 61.72 40.92 -11.59
C ALA C 1109 61.55 40.72 -10.08
N ARG C 1110 62.00 39.56 -9.59
CA ARG C 1110 61.88 39.19 -8.18
C ARG C 1110 63.15 38.50 -7.67
#